data_2VGJ
#
_entry.id   2VGJ
#
_cell.length_a   105.030
_cell.length_b   93.250
_cell.length_c   108.160
_cell.angle_alpha   90.00
_cell.angle_beta   94.21
_cell.angle_gamma   90.00
#
_symmetry.space_group_name_H-M   'P 1 21 1'
#
loop_
_entity.id
_entity.type
_entity.pdbx_description
1 polymer 'D-ALANYL-D-ALANINE CARBOXYPEPTIDASE'
2 non-polymer CEPHALOSPORIN
3 non-polymer 'SULFATE ION'
4 non-polymer 'MAGNESIUM ION'
5 water water
#
_entity_poly.entity_id   1
_entity_poly.type   'polypeptide(L)'
_entity_poly.pdbx_seq_one_letter_code
;RLTELREDIDAILEDPALEGAVSGVVVVDTATGEELYSRDGGEQLLPASNMKLFTAAAALEVLGADHSFGTEVAAESAPG
RRGEVQDLYLVGRGDPTLSAEDLDAMAAEVAASGVRTVRGDLYADDTWFDSERLVDDWWPEDEPYAYSAQISALTVAHGE
RFDTGVTEVSVTPAAEGEPADVDLGAAEGYAELDNRAVTGAAGSANTLVIDRPVGTNTIAVTGSLPADAAPVTALRTVDE
PAALAGHLFEEALESNGVTVKGDVGLGGVPADWQDAEVLADHTSAELSEILVPFMKFSNNGHAEMLVKSIGQETAGAGTW
DAGLVGVEEALSGLGVDTAGLVLNDGSGLSRGNLVTADTVVDLLGQAGSAPWAQTWSASLPVAGESDPFVGGTLANRMRG
TAAEGVVEAKTGTMSGVSALSGYVPGPEGELAFSIVNNGHSGPAPLAVQDAIAVRLAEYAGHQAPEGARMMRGPVQGSGE
LECSWVQAC
;
_entity_poly.pdbx_strand_id   A,B,C,D
#
# COMPACT_ATOMS: atom_id res chain seq x y z
N ARG A 1 81.65 -49.81 -0.71
CA ARG A 1 81.28 -48.69 0.22
C ARG A 1 79.74 -48.55 0.32
N LEU A 2 79.02 -49.38 -0.45
CA LEU A 2 77.56 -49.26 -0.58
C LEU A 2 76.70 -50.05 0.43
N THR A 3 77.23 -51.15 1.00
CA THR A 3 76.48 -51.88 2.04
C THR A 3 76.46 -51.16 3.40
N GLU A 4 77.49 -50.36 3.66
CA GLU A 4 77.56 -49.53 4.87
C GLU A 4 76.40 -48.53 4.88
N LEU A 5 76.20 -47.81 3.77
CA LEU A 5 75.07 -46.90 3.55
C LEU A 5 73.73 -47.55 3.88
N ARG A 6 73.52 -48.76 3.35
CA ARG A 6 72.28 -49.49 3.55
C ARG A 6 72.09 -49.90 5.02
N GLU A 7 73.08 -50.59 5.59
CA GLU A 7 73.09 -50.95 7.02
C GLU A 7 72.73 -49.81 7.97
N ASP A 8 73.16 -48.59 7.64
CA ASP A 8 72.95 -47.43 8.49
C ASP A 8 71.51 -46.90 8.39
N ILE A 9 70.98 -46.82 7.16
CA ILE A 9 69.58 -46.41 6.97
C ILE A 9 68.65 -47.42 7.65
N ASP A 10 68.95 -48.72 7.47
CA ASP A 10 68.29 -49.83 8.18
C ASP A 10 68.31 -49.70 9.71
N ALA A 11 69.44 -49.29 10.28
CA ALA A 11 69.51 -49.05 11.73
C ALA A 11 68.74 -47.79 12.15
N ILE A 12 68.92 -46.69 11.41
CA ILE A 12 68.20 -45.41 11.67
C ILE A 12 66.68 -45.58 11.71
N LEU A 13 66.16 -46.46 10.84
CA LEU A 13 64.72 -46.68 10.72
C LEU A 13 64.19 -47.62 11.82
N GLU A 14 65.12 -48.14 12.63
CA GLU A 14 64.79 -48.92 13.84
C GLU A 14 64.35 -48.10 15.06
N ASP A 15 64.47 -46.77 15.01
CA ASP A 15 64.09 -45.85 16.11
C ASP A 15 62.70 -46.13 16.74
N PRO A 16 62.58 -46.04 18.08
CA PRO A 16 61.24 -46.26 18.66
C PRO A 16 60.20 -45.19 18.25
N ALA A 17 60.65 -44.04 17.76
CA ALA A 17 59.72 -43.00 17.30
C ALA A 17 58.90 -43.45 16.09
N LEU A 18 59.36 -44.51 15.42
CA LEU A 18 58.70 -45.13 14.26
C LEU A 18 57.92 -46.42 14.58
N GLU A 19 57.60 -46.62 15.86
CA GLU A 19 56.75 -47.71 16.34
C GLU A 19 55.37 -47.69 15.64
N GLY A 20 55.11 -48.73 14.84
CA GLY A 20 53.84 -48.91 14.12
C GLY A 20 53.65 -48.01 12.91
N ALA A 21 54.76 -47.54 12.33
CA ALA A 21 54.74 -46.64 11.20
C ALA A 21 55.13 -47.39 9.95
N VAL A 22 54.35 -47.24 8.89
CA VAL A 22 54.84 -47.62 7.57
C VAL A 22 55.69 -46.44 7.04
N SER A 23 56.90 -46.74 6.57
CA SER A 23 57.78 -45.72 6.06
C SER A 23 58.24 -46.06 4.65
N GLY A 24 58.14 -45.10 3.75
CA GLY A 24 58.58 -45.34 2.38
C GLY A 24 59.86 -44.60 2.15
N VAL A 25 60.93 -45.33 1.84
CA VAL A 25 62.27 -44.74 1.72
C VAL A 25 63.04 -45.20 0.48
N VAL A 26 63.33 -44.26 -0.40
CA VAL A 26 63.92 -44.56 -1.71
C VAL A 26 65.08 -43.58 -2.00
N VAL A 27 66.21 -44.10 -2.44
CA VAL A 27 67.38 -43.28 -2.74
C VAL A 27 67.91 -43.72 -4.10
N VAL A 28 68.24 -42.74 -4.93
CA VAL A 28 68.57 -43.01 -6.32
C VAL A 28 69.63 -42.03 -6.82
N ASP A 29 70.65 -42.52 -7.55
CA ASP A 29 71.66 -41.64 -8.13
C ASP A 29 71.15 -41.02 -9.43
N THR A 30 70.93 -39.72 -9.43
CA THR A 30 70.35 -39.03 -10.60
C THR A 30 71.20 -39.13 -11.88
N ALA A 31 72.50 -39.31 -11.71
CA ALA A 31 73.41 -39.44 -12.85
C ALA A 31 73.28 -40.81 -13.53
N THR A 32 73.52 -41.89 -12.77
CA THR A 32 73.52 -43.24 -13.34
C THR A 32 72.12 -43.85 -13.44
N GLY A 33 71.24 -43.49 -12.50
CA GLY A 33 69.90 -44.10 -12.42
C GLY A 33 69.85 -45.20 -11.38
N GLU A 34 71.00 -45.43 -10.75
CA GLU A 34 71.22 -46.49 -9.77
C GLU A 34 70.35 -46.30 -8.51
N GLU A 35 69.74 -47.38 -8.06
CA GLU A 35 68.91 -47.36 -6.87
C GLU A 35 69.76 -47.73 -5.68
N LEU A 36 70.15 -46.74 -4.89
CA LEU A 36 71.04 -46.96 -3.75
C LEU A 36 70.32 -47.61 -2.57
N TYR A 37 69.05 -47.27 -2.36
CA TYR A 37 68.25 -47.81 -1.25
C TYR A 37 66.77 -47.77 -1.60
N SER A 38 66.02 -48.76 -1.12
CA SER A 38 64.58 -48.86 -1.38
C SER A 38 63.87 -49.78 -0.37
N ARG A 39 62.91 -49.21 0.37
CA ARG A 39 62.05 -49.93 1.34
C ARG A 39 60.60 -49.46 1.26
N ASP A 40 59.70 -50.41 0.97
CA ASP A 40 58.29 -50.12 0.77
C ASP A 40 58.12 -48.97 -0.22
N GLY A 41 58.91 -49.02 -1.28
CA GLY A 41 58.92 -47.97 -2.29
C GLY A 41 57.64 -47.83 -3.10
N GLY A 42 56.78 -48.84 -3.03
CA GLY A 42 55.56 -48.85 -3.83
C GLY A 42 54.33 -48.78 -2.96
N GLU A 43 54.54 -48.57 -1.65
CA GLU A 43 53.42 -48.42 -0.72
C GLU A 43 52.72 -47.09 -0.95
N GLN A 44 51.40 -47.12 -0.89
CA GLN A 44 50.63 -45.93 -1.07
C GLN A 44 50.46 -45.23 0.26
N LEU A 45 50.96 -44.00 0.35
CA LEU A 45 50.97 -43.28 1.62
C LEU A 45 50.45 -41.85 1.54
N LEU A 46 50.00 -41.30 2.66
CA LEU A 46 49.64 -39.87 2.69
C LEU A 46 50.92 -39.02 2.65
N PRO A 47 50.95 -38.06 1.71
CA PRO A 47 52.01 -37.12 1.39
C PRO A 47 52.17 -35.85 2.30
N ALA A 48 51.09 -35.45 2.99
CA ALA A 48 51.00 -34.08 3.53
C ALA A 48 51.61 -33.12 2.49
N SER A 49 52.29 -32.05 2.90
CA SER A 49 52.79 -31.05 1.95
C SER A 49 53.79 -31.51 0.88
N ASN A 50 54.22 -32.78 0.92
CA ASN A 50 55.05 -33.30 -0.19
C ASN A 50 54.38 -33.33 -1.57
N MET A 51 53.06 -33.21 -1.54
CA MET A 51 52.17 -33.09 -2.70
C MET A 51 52.37 -31.81 -3.52
N LYS A 52 52.85 -30.74 -2.87
CA LYS A 52 53.24 -29.54 -3.54
C LYS A 52 54.39 -29.82 -4.55
N LEU A 53 55.20 -30.85 -4.30
CA LEU A 53 56.18 -31.24 -5.32
C LEU A 53 55.44 -31.41 -6.63
N PHE A 54 54.31 -32.09 -6.58
CA PHE A 54 53.60 -32.45 -7.81
C PHE A 54 52.93 -31.22 -8.46
N THR A 55 52.25 -30.43 -7.63
CA THR A 55 51.62 -29.19 -8.04
C THR A 55 52.61 -28.21 -8.69
N ALA A 56 53.72 -27.93 -7.99
CA ALA A 56 54.72 -26.98 -8.45
C ALA A 56 55.27 -27.29 -9.82
N ALA A 57 55.53 -28.57 -10.06
CA ALA A 57 56.04 -29.04 -11.34
C ALA A 57 55.00 -28.86 -12.46
N ALA A 58 53.74 -29.07 -12.13
CA ALA A 58 52.66 -28.93 -13.11
C ALA A 58 52.35 -27.50 -13.46
N ALA A 59 52.42 -26.61 -12.48
CA ALA A 59 52.29 -25.18 -12.70
C ALA A 59 53.42 -24.66 -13.60
N LEU A 60 54.62 -25.19 -13.47
CA LEU A 60 55.69 -24.78 -14.39
C LEU A 60 55.48 -25.33 -15.82
N GLU A 61 55.10 -26.60 -15.98
CA GLU A 61 54.76 -27.13 -17.31
C GLU A 61 53.59 -26.35 -17.98
N VAL A 62 52.45 -26.26 -17.29
CA VAL A 62 51.20 -25.69 -17.86
C VAL A 62 51.24 -24.17 -18.01
N LEU A 63 51.57 -23.47 -16.91
CA LEU A 63 51.48 -21.99 -16.85
C LEU A 63 52.79 -21.33 -17.35
N GLY A 64 53.93 -21.96 -17.07
CA GLY A 64 55.24 -21.43 -17.48
C GLY A 64 55.88 -20.60 -16.39
N ALA A 65 57.21 -20.50 -16.40
CA ALA A 65 57.95 -19.75 -15.38
C ALA A 65 57.77 -18.24 -15.56
N ASP A 66 57.33 -17.89 -16.76
CA ASP A 66 57.00 -16.54 -17.24
C ASP A 66 55.60 -15.99 -16.79
N HIS A 67 54.72 -16.86 -16.29
CA HIS A 67 53.30 -16.49 -16.04
C HIS A 67 53.20 -15.44 -14.92
N SER A 68 52.45 -14.37 -15.13
CA SER A 68 52.07 -13.48 -14.03
C SER A 68 50.53 -13.48 -13.90
N PHE A 69 49.96 -12.69 -12.98
CA PHE A 69 48.51 -12.69 -12.68
C PHE A 69 47.94 -11.27 -12.53
N GLY A 70 46.71 -11.06 -12.97
CA GLY A 70 46.13 -9.73 -13.00
C GLY A 70 44.91 -9.47 -12.12
N THR A 71 44.77 -8.21 -11.69
CA THR A 71 43.58 -7.70 -11.00
C THR A 71 43.23 -6.37 -11.67
N GLU A 72 41.93 -6.01 -11.72
CA GLU A 72 41.52 -4.74 -12.33
C GLU A 72 40.23 -4.13 -11.77
N VAL A 73 39.97 -2.89 -12.15
CA VAL A 73 38.79 -2.16 -11.70
C VAL A 73 38.00 -1.73 -12.92
N ALA A 74 36.67 -1.92 -12.88
CA ALA A 74 35.86 -1.62 -14.05
C ALA A 74 34.52 -0.99 -13.73
N ALA A 75 34.13 -0.02 -14.56
CA ALA A 75 32.82 0.64 -14.53
C ALA A 75 32.28 0.58 -15.96
N GLU A 76 30.98 0.87 -16.14
CA GLU A 76 30.29 0.72 -17.46
C GLU A 76 30.82 1.67 -18.55
N SER A 77 31.25 2.86 -18.14
CA SER A 77 31.93 3.80 -19.01
C SER A 77 32.78 4.70 -18.14
N ALA A 78 33.71 5.42 -18.75
CA ALA A 78 34.62 6.35 -18.05
C ALA A 78 33.86 7.40 -17.25
N PRO A 79 34.53 8.08 -16.30
CA PRO A 79 33.82 9.13 -15.57
C PRO A 79 33.73 10.40 -16.43
N GLY A 80 32.84 11.33 -16.06
CA GLY A 80 32.63 12.53 -16.84
C GLY A 80 33.02 13.85 -16.18
N ARG A 81 32.42 14.94 -16.67
CA ARG A 81 32.72 16.29 -16.22
C ARG A 81 32.40 16.48 -14.73
N ARG A 82 31.32 15.86 -14.25
CA ARG A 82 30.97 15.84 -12.81
C ARG A 82 31.86 14.89 -11.97
N GLY A 83 32.56 13.97 -12.65
CA GLY A 83 33.45 12.98 -12.00
C GLY A 83 32.75 11.76 -11.41
N GLU A 84 31.62 11.37 -11.97
CA GLU A 84 30.79 10.30 -11.40
C GLU A 84 30.77 9.05 -12.27
N VAL A 85 30.62 7.92 -11.59
CA VAL A 85 30.35 6.63 -12.21
C VAL A 85 29.18 6.00 -11.44
N GLN A 86 28.71 4.85 -11.90
CA GLN A 86 27.64 4.13 -11.17
C GLN A 86 28.20 3.05 -10.24
N ASP A 87 27.81 1.80 -10.46
CA ASP A 87 28.52 0.68 -9.83
C ASP A 87 30.04 0.66 -10.26
N LEU A 88 30.88 0.07 -9.39
CA LEU A 88 32.31 -0.24 -9.68
C LEU A 88 32.71 -1.73 -9.41
N TYR A 89 33.66 -2.27 -10.18
CA TYR A 89 34.06 -3.67 -10.00
C TYR A 89 35.52 -3.88 -9.74
N LEU A 90 35.85 -4.44 -8.56
CA LEU A 90 37.17 -5.01 -8.34
C LEU A 90 37.13 -6.46 -8.84
N VAL A 91 38.00 -6.79 -9.82
CA VAL A 91 37.98 -8.10 -10.51
C VAL A 91 39.29 -8.88 -10.36
N GLY A 92 39.27 -10.01 -9.68
CA GLY A 92 40.52 -10.73 -9.46
C GLY A 92 40.66 -11.93 -10.33
N ARG A 93 41.86 -12.15 -10.89
CA ARG A 93 42.16 -13.34 -11.71
C ARG A 93 43.30 -14.19 -11.16
N GLY A 94 43.22 -14.53 -9.89
CA GLY A 94 44.06 -15.59 -9.33
C GLY A 94 45.41 -15.22 -8.75
N ASP A 95 45.66 -13.93 -8.58
CA ASP A 95 46.91 -13.45 -7.95
C ASP A 95 46.98 -13.90 -6.47
N PRO A 96 47.97 -14.76 -6.13
CA PRO A 96 48.10 -15.22 -4.75
C PRO A 96 48.92 -14.27 -3.85
N THR A 97 49.33 -13.10 -4.37
CA THR A 97 50.26 -12.16 -3.71
C THR A 97 49.80 -10.69 -3.79
N LEU A 98 48.49 -10.48 -3.86
CA LEU A 98 47.89 -9.13 -3.84
C LEU A 98 47.90 -8.54 -2.43
N SER A 99 48.73 -7.56 -2.18
CA SER A 99 48.79 -6.92 -0.89
C SER A 99 47.78 -5.77 -0.73
N ALA A 100 47.57 -5.29 0.50
CA ALA A 100 46.79 -4.07 0.79
C ALA A 100 47.43 -2.85 0.15
N GLU A 101 48.74 -2.90 -0.05
CA GLU A 101 49.43 -1.83 -0.71
C GLU A 101 49.08 -1.84 -2.21
N ASP A 102 49.02 -3.03 -2.82
CA ASP A 102 48.52 -3.13 -4.18
C ASP A 102 47.10 -2.55 -4.33
N LEU A 103 46.20 -2.90 -3.42
CA LEU A 103 44.88 -2.24 -3.39
C LEU A 103 44.96 -0.74 -3.31
N ASP A 104 45.91 -0.19 -2.56
CA ASP A 104 46.03 1.25 -2.44
C ASP A 104 46.58 1.92 -3.73
N ALA A 105 47.53 1.26 -4.39
CA ALA A 105 48.06 1.77 -5.65
C ALA A 105 46.99 1.81 -6.75
N MET A 106 46.02 0.89 -6.70
CA MET A 106 44.91 0.81 -7.67
C MET A 106 43.85 1.84 -7.35
N ALA A 107 43.75 2.26 -6.09
CA ALA A 107 42.79 3.29 -5.73
C ALA A 107 43.26 4.68 -6.23
N ALA A 108 44.58 4.88 -6.23
CA ALA A 108 45.18 6.12 -6.67
C ALA A 108 44.88 6.30 -8.15
N GLU A 109 45.01 5.22 -8.93
CA GLU A 109 44.71 5.17 -10.38
C GLU A 109 43.27 5.52 -10.70
N VAL A 110 42.33 4.79 -10.08
CA VAL A 110 40.92 5.12 -10.06
C VAL A 110 40.67 6.63 -9.78
N ALA A 111 41.45 7.23 -8.88
CA ALA A 111 41.37 8.69 -8.69
C ALA A 111 42.11 9.48 -9.78
N ALA A 112 43.34 9.09 -10.12
CA ALA A 112 44.08 9.72 -11.20
C ALA A 112 43.40 9.63 -12.59
N SER A 113 42.28 8.91 -12.69
CA SER A 113 41.69 8.71 -13.99
C SER A 113 40.44 9.52 -14.08
N GLY A 114 40.19 10.35 -13.07
CA GLY A 114 39.03 11.23 -13.06
C GLY A 114 37.83 10.93 -12.17
N VAL A 115 37.85 9.82 -11.41
CA VAL A 115 36.77 9.49 -10.47
C VAL A 115 36.86 10.30 -9.13
N ARG A 116 35.73 10.59 -8.52
CA ARG A 116 35.64 11.41 -7.32
C ARG A 116 34.42 10.92 -6.54
N THR A 117 33.58 10.15 -7.21
CA THR A 117 32.37 9.59 -6.60
C THR A 117 31.99 8.30 -7.30
N VAL A 118 31.97 7.20 -6.55
CA VAL A 118 31.28 6.01 -6.99
C VAL A 118 29.87 6.21 -6.47
N ARG A 119 28.91 6.41 -7.37
CA ARG A 119 27.53 6.71 -7.00
C ARG A 119 26.67 5.46 -6.73
N GLY A 120 27.05 4.33 -7.32
CA GLY A 120 26.34 3.08 -7.10
C GLY A 120 27.05 2.25 -6.06
N ASP A 121 27.14 0.95 -6.32
CA ASP A 121 27.74 0.01 -5.40
C ASP A 121 29.14 -0.47 -5.82
N LEU A 122 29.99 -0.80 -4.83
CA LEU A 122 31.26 -1.51 -5.08
C LEU A 122 31.05 -3.04 -4.99
N TYR A 123 31.43 -3.76 -6.05
CA TYR A 123 31.39 -5.22 -6.09
C TYR A 123 32.77 -5.88 -6.23
N ALA A 124 32.91 -7.02 -5.55
CA ALA A 124 34.11 -7.86 -5.62
C ALA A 124 33.80 -9.03 -6.54
N ASP A 125 34.54 -9.13 -7.65
CA ASP A 125 34.26 -10.18 -8.64
C ASP A 125 35.37 -11.19 -8.57
N ASP A 126 35.04 -12.39 -8.08
CA ASP A 126 36.00 -13.52 -8.01
C ASP A 126 35.59 -14.73 -8.85
N THR A 127 34.85 -14.46 -9.93
CA THR A 127 34.19 -15.47 -10.75
C THR A 127 35.11 -16.23 -11.76
N TRP A 128 36.40 -15.85 -11.79
CA TRP A 128 37.43 -16.51 -12.60
C TRP A 128 37.67 -17.94 -12.10
N PHE A 129 37.46 -18.16 -10.78
CA PHE A 129 37.42 -19.48 -10.16
C PHE A 129 35.97 -19.66 -9.68
N ASP A 130 35.56 -20.91 -9.44
CA ASP A 130 34.28 -21.24 -8.87
C ASP A 130 34.19 -20.81 -7.39
N SER A 131 33.10 -21.05 -6.70
CA SER A 131 33.02 -20.64 -5.31
C SER A 131 33.01 -21.80 -4.32
N GLU A 132 33.70 -22.89 -4.71
CA GLU A 132 33.97 -23.98 -3.81
C GLU A 132 35.22 -23.60 -3.01
N ARG A 133 34.99 -23.21 -1.75
CA ARG A 133 35.98 -22.62 -0.85
C ARG A 133 36.92 -23.64 -0.20
N LEU A 134 36.40 -24.80 0.14
CA LEU A 134 37.17 -25.82 0.83
C LEU A 134 37.03 -27.16 0.10
N VAL A 135 38.04 -28.02 0.21
CA VAL A 135 37.98 -29.37 -0.37
C VAL A 135 36.99 -30.17 0.46
N ASP A 136 36.36 -31.16 -0.18
CA ASP A 136 35.32 -32.01 0.46
C ASP A 136 35.76 -32.52 1.84
N ASP A 137 36.93 -33.15 1.88
CA ASP A 137 37.31 -33.84 3.08
C ASP A 137 38.26 -33.09 4.06
N TRP A 138 38.46 -31.79 3.87
CA TRP A 138 39.14 -31.00 4.92
C TRP A 138 38.28 -30.96 6.21
N TRP A 139 38.90 -30.79 7.39
CA TRP A 139 38.24 -30.93 8.67
C TRP A 139 37.68 -29.57 9.13
N PRO A 140 36.38 -29.51 9.47
CA PRO A 140 35.78 -28.26 9.93
C PRO A 140 36.52 -27.55 11.05
N GLU A 141 36.94 -28.30 12.09
CA GLU A 141 37.66 -27.73 13.26
C GLU A 141 38.96 -26.97 12.98
N ASP A 142 39.56 -27.24 11.82
CA ASP A 142 40.76 -26.59 11.26
C ASP A 142 40.56 -25.24 10.58
N GLU A 143 39.32 -24.85 10.34
CA GLU A 143 39.04 -23.70 9.47
C GLU A 143 39.46 -22.30 9.91
N PRO A 144 39.75 -22.09 11.22
CA PRO A 144 40.29 -20.79 11.74
C PRO A 144 41.74 -20.42 11.38
N TYR A 145 42.53 -21.42 10.93
CA TYR A 145 44.01 -21.37 10.81
C TYR A 145 44.48 -21.13 9.37
N ALA A 146 45.55 -20.37 9.21
CA ALA A 146 45.94 -19.85 7.91
C ALA A 146 46.13 -20.93 6.84
N TYR A 147 46.61 -22.10 7.23
CA TYR A 147 46.76 -23.20 6.25
C TYR A 147 45.45 -23.71 5.69
N SER A 148 44.33 -23.41 6.37
CA SER A 148 43.01 -23.84 5.90
C SER A 148 42.10 -22.73 5.38
N ALA A 149 42.72 -21.66 4.92
CA ALA A 149 42.02 -20.52 4.43
C ALA A 149 41.21 -20.93 3.22
N GLN A 150 40.05 -20.25 3.05
CA GLN A 150 39.16 -20.41 1.93
C GLN A 150 39.78 -19.87 0.66
N ILE A 151 39.28 -20.43 -0.47
CA ILE A 151 39.92 -20.32 -1.77
C ILE A 151 39.10 -19.47 -2.73
N SER A 152 39.70 -18.36 -3.17
CA SER A 152 39.05 -17.42 -4.08
C SER A 152 39.99 -16.86 -5.13
N ALA A 153 39.43 -16.44 -6.26
CA ALA A 153 40.17 -15.69 -7.29
C ALA A 153 40.55 -14.28 -6.87
N LEU A 154 39.81 -13.67 -5.93
CA LEU A 154 40.15 -12.36 -5.35
C LEU A 154 40.37 -12.49 -3.86
N THR A 155 41.61 -12.40 -3.41
CA THR A 155 41.92 -12.60 -2.00
C THR A 155 43.05 -11.64 -1.64
N VAL A 156 43.01 -11.07 -0.42
CA VAL A 156 44.12 -10.23 0.07
C VAL A 156 45.17 -10.98 0.90
N ALA A 157 46.42 -10.93 0.42
CA ALA A 157 47.54 -11.64 1.05
C ALA A 157 48.33 -10.78 2.02
N HIS A 158 48.54 -11.32 3.23
CA HIS A 158 49.15 -10.62 4.37
C HIS A 158 50.68 -10.88 4.54
N GLY A 159 51.44 -9.84 4.89
CA GLY A 159 52.85 -10.01 5.26
C GLY A 159 53.73 -10.40 4.07
N GLU A 160 55.04 -10.55 4.32
CA GLU A 160 56.07 -10.89 3.30
C GLU A 160 55.96 -12.31 2.76
N ARG A 161 55.27 -13.19 3.51
CA ARG A 161 55.06 -14.61 3.17
C ARG A 161 53.78 -14.84 2.38
N PHE A 162 52.91 -13.82 2.35
CA PHE A 162 51.72 -13.78 1.50
C PHE A 162 50.66 -14.78 1.92
N ASP A 163 50.41 -14.86 3.22
CA ASP A 163 49.29 -15.68 3.71
C ASP A 163 48.00 -15.04 3.25
N THR A 164 47.22 -15.81 2.47
CA THR A 164 45.97 -15.38 1.82
C THR A 164 44.72 -15.60 2.73
N GLY A 165 43.70 -14.80 2.55
CA GLY A 165 42.39 -15.03 3.16
C GLY A 165 42.34 -14.98 4.65
N VAL A 166 43.22 -14.18 5.26
CA VAL A 166 43.35 -14.06 6.72
C VAL A 166 43.43 -12.60 7.17
N THR A 167 43.28 -12.42 8.48
CA THR A 167 43.51 -11.14 9.10
C THR A 167 44.38 -11.42 10.30
N GLU A 168 45.19 -10.45 10.74
CA GLU A 168 46.00 -10.58 11.96
C GLU A 168 45.24 -10.04 13.21
N VAL A 169 45.03 -10.90 14.21
CA VAL A 169 44.42 -10.51 15.46
C VAL A 169 45.53 -10.25 16.50
N SER A 170 45.41 -9.19 17.31
CA SER A 170 46.37 -8.82 18.37
C SER A 170 45.62 -8.60 19.67
N VAL A 171 46.15 -9.11 20.78
CA VAL A 171 45.49 -9.02 22.09
C VAL A 171 46.50 -8.44 23.05
N THR A 172 46.14 -7.27 23.59
CA THR A 172 46.99 -6.43 24.43
C THR A 172 46.33 -6.38 25.81
N PRO A 173 47.12 -6.64 26.87
CA PRO A 173 46.55 -6.57 28.22
C PRO A 173 46.23 -5.13 28.68
N ALA A 174 45.19 -4.96 29.50
CA ALA A 174 44.89 -3.70 30.18
C ALA A 174 45.42 -3.71 31.66
N ALA A 175 44.66 -3.14 32.60
CA ALA A 175 44.96 -3.38 34.02
C ALA A 175 44.22 -4.60 34.54
N GLU A 176 44.80 -5.24 35.56
CA GLU A 176 44.22 -6.43 36.17
C GLU A 176 42.74 -6.25 36.34
N GLY A 177 41.95 -7.15 35.75
CA GLY A 177 40.49 -7.07 35.88
C GLY A 177 39.71 -6.34 34.80
N GLU A 178 40.37 -5.50 34.02
CA GLU A 178 39.73 -4.86 32.89
C GLU A 178 39.80 -5.80 31.69
N PRO A 179 38.82 -5.70 30.76
CA PRO A 179 38.93 -6.53 29.58
C PRO A 179 40.23 -6.30 28.80
N ALA A 180 40.63 -7.31 28.06
CA ALA A 180 41.80 -7.22 27.22
C ALA A 180 41.35 -6.43 25.98
N ASP A 181 42.30 -5.98 25.18
CA ASP A 181 41.93 -5.22 24.02
C ASP A 181 42.25 -6.03 22.79
N VAL A 182 41.24 -6.28 21.97
CA VAL A 182 41.42 -7.13 20.78
C VAL A 182 41.35 -6.28 19.49
N ASP A 183 42.36 -6.41 18.63
CA ASP A 183 42.37 -5.89 17.25
C ASP A 183 42.01 -6.95 16.29
N LEU A 184 41.18 -6.62 15.30
CA LEU A 184 40.84 -7.55 14.22
C LEU A 184 41.79 -7.43 13.02
N GLY A 185 42.62 -6.40 13.00
CA GLY A 185 43.58 -6.23 11.92
C GLY A 185 42.88 -5.66 10.71
N ALA A 186 43.08 -6.29 9.55
CA ALA A 186 42.38 -5.90 8.31
C ALA A 186 40.85 -6.14 8.39
N ALA A 187 40.43 -7.19 9.08
CA ALA A 187 39.00 -7.54 9.18
C ALA A 187 38.20 -6.62 10.08
N GLU A 188 38.85 -5.60 10.64
CA GLU A 188 38.18 -4.52 11.36
C GLU A 188 37.10 -3.93 10.46
N GLY A 189 35.86 -4.02 10.96
CA GLY A 189 34.68 -3.48 10.28
C GLY A 189 34.05 -4.53 9.37
N TYR A 190 34.76 -5.64 9.16
CA TYR A 190 34.25 -6.72 8.34
C TYR A 190 33.79 -7.87 9.25
N ALA A 191 34.75 -8.49 9.96
CA ALA A 191 34.47 -9.64 10.86
C ALA A 191 33.82 -9.16 12.16
N GLU A 192 32.87 -9.92 12.68
CA GLU A 192 32.31 -9.62 14.00
C GLU A 192 33.29 -9.90 15.12
N LEU A 193 33.16 -9.18 16.24
CA LEU A 193 33.98 -9.48 17.40
C LEU A 193 33.16 -9.91 18.62
N ASP A 194 33.45 -11.12 19.11
CA ASP A 194 32.99 -11.59 20.42
C ASP A 194 34.18 -11.65 21.40
N ASN A 195 34.44 -10.55 22.09
CA ASN A 195 35.59 -10.47 23.00
C ASN A 195 35.16 -10.71 24.44
N ARG A 196 35.57 -11.83 25.02
CA ARG A 196 35.21 -12.20 26.40
C ARG A 196 36.44 -12.34 27.29
N ALA A 197 37.61 -11.97 26.72
CA ALA A 197 38.91 -12.10 27.36
C ALA A 197 39.13 -11.00 28.38
N VAL A 198 39.79 -11.38 29.47
CA VAL A 198 40.05 -10.52 30.62
C VAL A 198 41.58 -10.40 30.92
N THR A 199 41.97 -9.43 31.76
CA THR A 199 43.37 -9.24 32.18
C THR A 199 43.49 -9.75 33.60
N GLY A 200 44.51 -10.57 33.84
CA GLY A 200 44.67 -11.19 35.14
C GLY A 200 45.78 -10.47 35.84
N ALA A 201 45.89 -10.63 37.15
CA ALA A 201 47.04 -10.09 37.87
C ALA A 201 48.33 -10.42 37.10
N ALA A 202 49.33 -9.53 37.24
CA ALA A 202 50.66 -9.68 36.68
C ALA A 202 51.32 -10.97 37.15
N GLY A 203 51.93 -11.68 36.19
CA GLY A 203 52.59 -12.94 36.48
C GLY A 203 51.71 -14.16 36.68
N SER A 204 50.39 -13.99 36.73
CA SER A 204 49.46 -15.14 36.64
C SER A 204 49.54 -15.89 35.26
N ALA A 205 48.56 -16.76 34.96
CA ALA A 205 48.71 -17.73 33.85
C ALA A 205 47.83 -17.42 32.65
N ASN A 206 48.47 -17.39 31.48
CA ASN A 206 47.84 -17.07 30.21
C ASN A 206 46.96 -18.22 29.68
N THR A 207 45.65 -18.00 29.61
CA THR A 207 44.68 -19.05 29.27
C THR A 207 43.81 -18.62 28.07
N LEU A 208 44.43 -17.85 27.19
CA LEU A 208 43.77 -17.18 26.11
C LEU A 208 43.63 -18.13 24.90
N VAL A 209 42.43 -18.12 24.33
CA VAL A 209 42.05 -18.90 23.16
C VAL A 209 41.49 -17.90 22.11
N ILE A 210 41.98 -17.96 20.86
CA ILE A 210 41.40 -17.16 19.75
C ILE A 210 40.75 -18.07 18.66
N ASP A 211 39.48 -17.83 18.38
CA ASP A 211 38.67 -18.76 17.58
C ASP A 211 37.83 -18.00 16.54
N ARG A 212 37.48 -18.68 15.44
CA ARG A 212 36.34 -18.31 14.59
C ARG A 212 35.37 -19.48 14.56
N PRO A 213 34.25 -19.41 15.31
CA PRO A 213 33.36 -20.58 15.37
C PRO A 213 32.85 -21.01 14.00
N VAL A 214 32.66 -22.33 13.82
CA VAL A 214 32.40 -22.94 12.48
C VAL A 214 31.16 -22.34 11.81
N GLY A 215 31.30 -21.88 10.57
CA GLY A 215 30.18 -21.27 9.85
C GLY A 215 29.71 -19.92 10.43
N THR A 216 30.60 -19.20 11.12
CA THR A 216 30.41 -17.75 11.39
C THR A 216 31.51 -16.86 10.77
N ASN A 217 31.30 -15.55 10.83
CA ASN A 217 32.37 -14.57 10.58
C ASN A 217 32.67 -13.77 11.86
N THR A 218 32.85 -14.51 12.94
CA THR A 218 33.05 -13.95 14.26
C THR A 218 34.38 -14.41 14.80
N ILE A 219 35.18 -13.48 15.30
CA ILE A 219 36.44 -13.82 15.97
C ILE A 219 36.09 -13.84 17.47
N ALA A 220 36.10 -15.02 18.09
CA ALA A 220 35.74 -15.13 19.50
C ALA A 220 36.97 -15.37 20.35
N VAL A 221 37.27 -14.42 21.24
CA VAL A 221 38.35 -14.52 22.21
C VAL A 221 37.80 -14.75 23.62
N THR A 222 38.26 -15.82 24.27
CA THR A 222 37.95 -16.18 25.68
C THR A 222 39.27 -16.23 26.48
N GLY A 223 39.21 -16.31 27.82
CA GLY A 223 40.40 -16.47 28.69
C GLY A 223 40.97 -15.23 29.39
N SER A 224 42.04 -15.40 30.20
CA SER A 224 42.85 -14.28 30.76
C SER A 224 44.23 -14.13 30.13
N LEU A 225 44.65 -12.88 29.96
CA LEU A 225 46.03 -12.55 29.60
C LEU A 225 46.69 -11.77 30.77
N PRO A 226 47.84 -12.23 31.30
CA PRO A 226 48.46 -11.53 32.45
C PRO A 226 48.80 -10.09 32.12
N ALA A 227 48.65 -9.18 33.10
CA ALA A 227 48.88 -7.73 32.93
C ALA A 227 50.29 -7.36 32.44
N ASP A 228 51.25 -8.24 32.69
CA ASP A 228 52.62 -7.99 32.24
C ASP A 228 53.03 -8.81 31.03
N ALA A 229 52.09 -9.38 30.31
CA ALA A 229 52.47 -10.24 29.22
C ALA A 229 52.86 -9.41 28.01
N ALA A 230 53.68 -9.99 27.14
CA ALA A 230 53.89 -9.39 25.82
C ALA A 230 52.55 -9.51 25.10
N PRO A 231 52.18 -8.52 24.27
CA PRO A 231 50.98 -8.66 23.43
C PRO A 231 51.05 -9.84 22.45
N VAL A 232 49.93 -10.55 22.31
CA VAL A 232 49.83 -11.78 21.50
C VAL A 232 49.28 -11.49 20.09
N THR A 233 49.90 -12.09 19.06
CA THR A 233 49.31 -12.03 17.71
C THR A 233 48.99 -13.41 17.13
N ALA A 234 47.98 -13.45 16.27
CA ALA A 234 47.53 -14.67 15.63
C ALA A 234 46.94 -14.36 14.24
N LEU A 235 47.26 -15.18 13.24
CA LEU A 235 46.56 -15.09 11.96
C LEU A 235 45.33 -15.95 12.03
N ARG A 236 44.18 -15.35 11.69
CA ARG A 236 42.93 -16.04 11.66
C ARG A 236 42.27 -15.83 10.29
N THR A 237 41.57 -16.83 9.80
CA THR A 237 40.91 -16.75 8.52
C THR A 237 39.59 -16.03 8.68
N VAL A 238 39.18 -15.38 7.59
CA VAL A 238 37.86 -14.82 7.44
C VAL A 238 36.96 -15.65 6.45
N ASP A 239 35.64 -15.53 6.65
CA ASP A 239 34.66 -16.02 5.68
C ASP A 239 34.57 -15.09 4.47
N GLU A 240 34.57 -15.71 3.28
CA GLU A 240 34.54 -15.02 1.98
C GLU A 240 35.73 -14.08 1.83
N PRO A 241 36.90 -14.62 1.46
CA PRO A 241 38.05 -13.73 1.24
C PRO A 241 37.76 -12.50 0.35
N ALA A 242 37.01 -12.67 -0.73
CA ALA A 242 36.80 -11.61 -1.72
C ALA A 242 35.99 -10.45 -1.19
N ALA A 243 35.09 -10.77 -0.27
CA ALA A 243 34.29 -9.75 0.39
C ALA A 243 35.16 -8.81 1.25
N LEU A 244 36.14 -9.38 1.96
CA LEU A 244 37.16 -8.57 2.65
C LEU A 244 38.02 -7.77 1.65
N ALA A 245 38.45 -8.37 0.54
CA ALA A 245 39.14 -7.57 -0.52
C ALA A 245 38.32 -6.30 -0.91
N GLY A 246 37.01 -6.47 -1.10
CA GLY A 246 36.08 -5.38 -1.37
C GLY A 246 36.03 -4.32 -0.28
N HIS A 247 35.83 -4.75 0.96
CA HIS A 247 35.90 -3.88 2.14
C HIS A 247 37.22 -3.04 2.22
N LEU A 248 38.35 -3.72 2.10
CA LEU A 248 39.64 -3.06 2.08
C LEU A 248 39.79 -2.10 0.90
N PHE A 249 39.10 -2.36 -0.20
CA PHE A 249 39.19 -1.51 -1.39
C PHE A 249 38.46 -0.19 -1.23
N GLU A 250 37.24 -0.22 -0.68
CA GLU A 250 36.50 1.05 -0.45
C GLU A 250 37.20 1.94 0.58
N GLU A 251 37.95 1.36 1.50
CA GLU A 251 38.76 2.15 2.42
C GLU A 251 39.90 2.78 1.65
N ALA A 252 40.55 2.01 0.80
CA ALA A 252 41.61 2.52 -0.05
C ALA A 252 41.09 3.70 -0.92
N LEU A 253 39.92 3.50 -1.56
CA LEU A 253 39.29 4.50 -2.43
C LEU A 253 38.99 5.78 -1.68
N GLU A 254 38.31 5.62 -0.55
CA GLU A 254 38.02 6.67 0.44
C GLU A 254 39.30 7.44 0.88
N SER A 255 40.38 6.70 1.02
CA SER A 255 41.67 7.26 1.37
C SER A 255 42.31 8.04 0.21
N ASN A 256 42.08 7.61 -1.03
CA ASN A 256 42.61 8.33 -2.20
C ASN A 256 41.67 9.42 -2.79
N GLY A 257 40.63 9.80 -2.05
CA GLY A 257 39.78 10.91 -2.44
C GLY A 257 38.45 10.55 -3.10
N VAL A 258 38.22 9.26 -3.35
CA VAL A 258 37.01 8.77 -4.03
C VAL A 258 35.99 8.33 -2.99
N THR A 259 34.74 8.72 -3.19
CA THR A 259 33.75 8.70 -2.14
C THR A 259 32.68 7.71 -2.53
N VAL A 260 32.79 6.49 -2.03
CA VAL A 260 31.89 5.41 -2.41
C VAL A 260 30.66 5.54 -1.54
N LYS A 261 29.45 5.61 -2.14
CA LYS A 261 28.22 5.71 -1.30
C LYS A 261 27.20 4.57 -1.36
N GLY A 262 27.34 3.61 -2.26
CA GLY A 262 26.51 2.41 -2.18
C GLY A 262 27.05 1.43 -1.15
N ASP A 263 26.51 0.22 -1.10
CA ASP A 263 27.04 -0.82 -0.23
C ASP A 263 28.18 -1.61 -0.90
N VAL A 264 28.66 -2.67 -0.24
CA VAL A 264 29.79 -3.49 -0.74
C VAL A 264 29.37 -4.94 -0.70
N GLY A 265 29.73 -5.71 -1.73
CA GLY A 265 29.46 -7.15 -1.78
C GLY A 265 30.05 -7.82 -3.00
N LEU A 266 29.67 -9.09 -3.21
CA LEU A 266 30.14 -9.91 -4.33
C LEU A 266 29.25 -9.72 -5.53
N GLY A 267 29.79 -10.00 -6.72
CA GLY A 267 29.01 -9.93 -7.95
C GLY A 267 29.98 -9.85 -9.10
N GLY A 268 29.59 -10.40 -10.25
CA GLY A 268 30.43 -10.35 -11.45
C GLY A 268 30.03 -9.20 -12.36
N VAL A 269 30.94 -8.79 -13.23
CA VAL A 269 30.65 -7.80 -14.26
C VAL A 269 29.44 -8.29 -15.07
N PRO A 270 28.39 -7.45 -15.19
CA PRO A 270 27.09 -7.77 -15.80
C PRO A 270 27.04 -8.45 -17.18
N ALA A 271 28.03 -8.32 -18.02
CA ALA A 271 27.90 -9.07 -19.30
C ALA A 271 26.94 -8.44 -20.32
N ASP A 272 25.90 -7.71 -19.88
CA ASP A 272 25.23 -6.75 -20.77
C ASP A 272 25.98 -5.41 -20.81
N TRP A 273 27.28 -5.48 -20.52
CA TRP A 273 28.22 -4.36 -20.66
C TRP A 273 29.05 -4.62 -21.93
N GLN A 274 29.12 -3.62 -22.83
CA GLN A 274 29.78 -3.83 -24.13
C GLN A 274 31.24 -3.40 -24.12
N ASP A 275 31.48 -2.20 -23.60
CA ASP A 275 32.85 -1.69 -23.54
C ASP A 275 33.17 -1.20 -22.15
N ALA A 276 33.24 -2.12 -21.19
CA ALA A 276 33.64 -1.79 -19.83
C ALA A 276 34.93 -0.96 -19.83
N GLU A 277 34.85 0.19 -19.17
CA GLU A 277 36.01 1.02 -18.94
C GLU A 277 36.78 0.48 -17.75
N VAL A 278 38.03 0.09 -18.02
CA VAL A 278 39.00 -0.30 -17.04
C VAL A 278 39.72 0.96 -16.52
N LEU A 279 39.54 1.23 -15.23
CA LEU A 279 40.05 2.45 -14.61
C LEU A 279 41.39 2.22 -13.88
N ALA A 280 41.73 0.96 -13.59
CA ALA A 280 42.99 0.59 -12.90
C ALA A 280 43.25 -0.89 -13.01
N ASP A 281 44.51 -1.27 -12.82
CA ASP A 281 44.93 -2.67 -12.92
C ASP A 281 46.33 -2.98 -12.29
N HIS A 282 46.56 -4.25 -11.92
CA HIS A 282 47.79 -4.70 -11.31
C HIS A 282 48.21 -6.02 -11.93
N THR A 283 49.53 -6.25 -11.91
CA THR A 283 50.17 -7.45 -12.42
C THR A 283 51.15 -7.89 -11.34
N SER A 284 51.16 -9.18 -11.05
CA SER A 284 51.98 -9.77 -9.99
C SER A 284 53.36 -10.01 -10.55
N ALA A 285 54.30 -10.45 -9.72
CA ALA A 285 55.58 -10.97 -10.22
C ALA A 285 55.37 -12.32 -10.91
N GLU A 286 56.37 -12.75 -11.65
CA GLU A 286 56.24 -13.92 -12.47
C GLU A 286 56.24 -15.15 -11.59
N LEU A 287 55.62 -16.24 -12.05
CA LEU A 287 55.55 -17.48 -11.26
C LEU A 287 56.88 -18.03 -10.70
N SER A 288 58.02 -17.68 -11.29
CA SER A 288 59.32 -18.16 -10.79
C SER A 288 59.67 -17.52 -9.44
N GLU A 289 59.40 -16.22 -9.36
CA GLU A 289 59.32 -15.47 -8.10
C GLU A 289 58.27 -16.01 -7.15
N ILE A 290 57.02 -16.13 -7.58
CA ILE A 290 55.95 -16.50 -6.65
C ILE A 290 56.22 -17.89 -6.05
N LEU A 291 57.13 -18.66 -6.67
CA LEU A 291 57.39 -20.02 -6.27
C LEU A 291 58.23 -20.05 -5.03
N VAL A 292 58.88 -18.93 -4.73
CA VAL A 292 59.73 -18.85 -3.53
C VAL A 292 58.93 -18.81 -2.21
N PRO A 293 58.08 -17.76 -1.99
CA PRO A 293 57.24 -17.77 -0.76
C PRO A 293 56.33 -19.03 -0.63
N PHE A 294 55.65 -19.37 -1.71
CA PHE A 294 54.95 -20.64 -1.85
C PHE A 294 55.70 -21.90 -1.32
N MET A 295 56.87 -22.20 -1.89
CA MET A 295 57.54 -23.48 -1.59
C MET A 295 58.41 -23.50 -0.31
N LYS A 296 59.02 -22.38 0.07
CA LYS A 296 59.87 -22.32 1.28
C LYS A 296 59.06 -22.40 2.56
N PHE A 297 57.88 -21.80 2.53
CA PHE A 297 57.02 -21.75 3.70
C PHE A 297 55.84 -22.70 3.62
N SER A 298 55.75 -23.45 2.52
CA SER A 298 54.65 -24.41 2.32
C SER A 298 53.24 -23.75 2.38
N ASN A 299 53.03 -22.70 1.58
CA ASN A 299 51.74 -22.00 1.52
C ASN A 299 50.62 -22.81 0.81
N ASN A 300 49.57 -23.22 1.57
CA ASN A 300 48.48 -24.10 1.04
C ASN A 300 47.59 -23.39 0.01
N GLY A 301 47.08 -22.21 0.37
CA GLY A 301 46.32 -21.34 -0.55
C GLY A 301 47.00 -21.13 -1.87
N HIS A 302 48.30 -20.88 -1.88
CA HIS A 302 49.01 -20.72 -3.15
C HIS A 302 48.81 -21.96 -4.01
N ALA A 303 49.05 -23.14 -3.43
CA ALA A 303 48.88 -24.44 -4.09
C ALA A 303 47.50 -24.66 -4.67
N GLU A 304 46.44 -24.47 -3.87
CA GLU A 304 45.06 -24.59 -4.38
C GLU A 304 44.81 -23.58 -5.46
N MET A 305 45.13 -22.30 -5.21
CA MET A 305 44.95 -21.24 -6.22
C MET A 305 45.69 -21.51 -7.55
N LEU A 306 46.86 -22.15 -7.46
CA LEU A 306 47.60 -22.57 -8.68
C LEU A 306 46.94 -23.74 -9.36
N VAL A 307 46.12 -24.48 -8.63
CA VAL A 307 45.44 -25.65 -9.22
C VAL A 307 44.29 -25.19 -10.14
N LYS A 308 43.43 -24.32 -9.59
CA LYS A 308 42.31 -23.66 -10.28
C LYS A 308 42.78 -22.74 -11.40
N SER A 309 43.97 -22.16 -11.26
CA SER A 309 44.65 -21.47 -12.37
C SER A 309 45.01 -22.41 -13.53
N ILE A 310 45.51 -23.60 -13.20
CA ILE A 310 45.80 -24.68 -14.18
C ILE A 310 44.53 -25.13 -14.93
N GLY A 311 43.41 -25.26 -14.20
CA GLY A 311 42.11 -25.59 -14.79
C GLY A 311 41.56 -24.55 -15.74
N GLN A 312 41.86 -23.27 -15.51
CA GLN A 312 41.54 -22.20 -16.46
C GLN A 312 42.42 -22.30 -17.71
N GLU A 313 43.70 -22.57 -17.51
CA GLU A 313 44.62 -22.69 -18.62
C GLU A 313 44.31 -23.86 -19.57
N THR A 314 44.09 -25.04 -19.01
CA THR A 314 43.89 -26.22 -19.85
C THR A 314 42.45 -26.37 -20.34
N ALA A 315 41.49 -25.79 -19.59
CA ALA A 315 40.09 -26.13 -19.80
C ALA A 315 39.04 -25.05 -19.67
N GLY A 316 39.44 -23.80 -19.42
CA GLY A 316 38.47 -22.69 -19.25
C GLY A 316 37.64 -22.80 -17.99
N ALA A 317 38.13 -23.55 -17.00
CA ALA A 317 37.37 -23.80 -15.79
C ALA A 317 38.20 -23.73 -14.53
N GLY A 318 37.98 -22.70 -13.73
CA GLY A 318 38.67 -22.57 -12.43
C GLY A 318 38.10 -23.45 -11.34
N THR A 319 38.50 -24.72 -11.35
CA THR A 319 37.87 -25.78 -10.57
C THR A 319 38.95 -26.79 -10.15
N TRP A 320 38.70 -27.49 -9.03
CA TRP A 320 39.61 -28.57 -8.57
C TRP A 320 39.47 -29.77 -9.51
N ASP A 321 38.23 -30.04 -9.93
CA ASP A 321 37.94 -31.23 -10.68
C ASP A 321 38.81 -31.19 -11.89
N ALA A 322 38.92 -30.02 -12.49
CA ALA A 322 39.54 -29.82 -13.79
C ALA A 322 41.03 -29.61 -13.69
N GLY A 323 41.47 -28.95 -12.63
CA GLY A 323 42.86 -28.56 -12.51
C GLY A 323 43.75 -29.68 -12.01
N LEU A 324 43.11 -30.58 -11.24
CA LEU A 324 43.70 -31.81 -10.80
C LEU A 324 43.95 -32.83 -11.94
N VAL A 325 43.05 -32.85 -12.95
CA VAL A 325 43.30 -33.61 -14.17
C VAL A 325 44.39 -32.89 -14.95
N GLY A 326 44.37 -31.56 -14.94
CA GLY A 326 45.49 -30.76 -15.49
C GLY A 326 46.85 -31.09 -14.90
N VAL A 327 46.91 -31.26 -13.58
CA VAL A 327 48.17 -31.63 -12.89
C VAL A 327 48.65 -33.04 -13.28
N GLU A 328 47.71 -34.00 -13.29
CA GLU A 328 47.99 -35.35 -13.68
C GLU A 328 48.45 -35.46 -15.11
N GLU A 329 47.89 -34.65 -16.01
CA GLU A 329 48.30 -34.60 -17.41
C GLU A 329 49.71 -34.00 -17.61
N ALA A 330 49.95 -32.83 -17.02
CA ALA A 330 51.27 -32.23 -17.00
C ALA A 330 52.31 -33.18 -16.45
N LEU A 331 51.97 -33.91 -15.37
CA LEU A 331 52.95 -34.87 -14.84
C LEU A 331 53.28 -35.95 -15.87
N SER A 332 52.26 -36.54 -16.49
CA SER A 332 52.45 -37.50 -17.61
C SER A 332 53.30 -36.94 -18.76
N GLY A 333 52.98 -35.73 -19.21
CA GLY A 333 53.70 -35.15 -20.33
C GLY A 333 55.19 -35.01 -20.03
N LEU A 334 55.52 -35.19 -18.75
CA LEU A 334 56.85 -34.91 -18.24
C LEU A 334 57.70 -36.18 -18.19
N GLY A 335 57.02 -37.33 -18.19
CA GLY A 335 57.65 -38.66 -18.19
C GLY A 335 57.36 -39.49 -16.94
N VAL A 336 56.65 -38.87 -16.00
CA VAL A 336 56.29 -39.48 -14.73
C VAL A 336 55.18 -40.52 -14.89
N ASP A 337 55.42 -41.75 -14.41
CA ASP A 337 54.35 -42.75 -14.28
C ASP A 337 53.40 -42.47 -13.04
N THR A 338 52.13 -42.13 -13.32
CA THR A 338 51.18 -41.67 -12.28
C THR A 338 50.18 -42.73 -11.73
N ALA A 339 50.42 -44.00 -12.04
CA ALA A 339 49.62 -45.14 -11.51
C ALA A 339 49.46 -45.10 -10.00
N GLY A 340 50.57 -44.92 -9.28
CA GLY A 340 50.54 -44.81 -7.83
C GLY A 340 49.79 -43.62 -7.25
N LEU A 341 49.57 -42.57 -8.05
CA LEU A 341 48.98 -41.31 -7.56
C LEU A 341 47.45 -41.28 -7.38
N VAL A 342 47.01 -40.71 -6.26
CA VAL A 342 45.61 -40.26 -6.15
C VAL A 342 45.71 -38.79 -5.84
N LEU A 343 45.02 -37.97 -6.62
CA LEU A 343 45.10 -36.52 -6.54
C LEU A 343 43.79 -35.91 -6.04
N ASN A 344 43.76 -35.42 -4.80
CA ASN A 344 42.54 -34.81 -4.25
C ASN A 344 42.62 -33.29 -3.91
N ASP A 345 43.82 -32.73 -4.00
CA ASP A 345 44.07 -31.29 -3.84
C ASP A 345 45.53 -30.96 -4.20
N GLY A 346 45.91 -29.68 -4.19
CA GLY A 346 47.29 -29.33 -4.56
C GLY A 346 48.27 -29.11 -3.42
N SER A 347 47.76 -28.88 -2.20
CA SER A 347 48.57 -28.47 -1.04
C SER A 347 49.03 -29.64 -0.16
N GLY A 348 48.27 -30.71 -0.14
CA GLY A 348 48.59 -31.80 0.77
C GLY A 348 47.75 -31.83 2.05
N LEU A 349 46.97 -30.78 2.32
CA LEU A 349 46.04 -30.75 3.45
C LEU A 349 45.09 -31.98 3.51
N SER A 350 44.59 -32.41 2.36
CA SER A 350 43.55 -33.45 2.30
C SER A 350 44.11 -34.83 2.53
N ARG A 351 43.41 -35.61 3.37
CA ARG A 351 43.77 -37.01 3.64
C ARG A 351 43.25 -38.00 2.56
N GLY A 352 42.85 -37.46 1.41
CA GLY A 352 42.40 -38.25 0.28
C GLY A 352 43.42 -38.22 -0.85
N ASN A 353 44.64 -37.81 -0.52
CA ASN A 353 45.75 -37.80 -1.43
C ASN A 353 46.61 -39.01 -1.15
N LEU A 354 47.12 -39.64 -2.19
CA LEU A 354 48.03 -40.79 -2.04
C LEU A 354 49.18 -40.69 -3.03
N VAL A 355 50.39 -40.91 -2.54
CA VAL A 355 51.57 -41.10 -3.39
C VAL A 355 52.24 -42.38 -2.96
N THR A 356 53.27 -42.78 -3.73
CA THR A 356 54.24 -43.82 -3.38
C THR A 356 55.60 -43.09 -3.37
N ALA A 357 56.58 -43.58 -2.60
CA ALA A 357 57.90 -42.96 -2.59
C ALA A 357 58.65 -43.07 -3.92
N ASP A 358 58.42 -44.17 -4.64
CA ASP A 358 58.92 -44.32 -5.99
C ASP A 358 58.46 -43.21 -6.93
N THR A 359 57.20 -42.79 -6.79
CA THR A 359 56.63 -41.74 -7.65
C THR A 359 57.33 -40.40 -7.42
N VAL A 360 57.47 -40.01 -6.16
CA VAL A 360 58.18 -38.77 -5.80
C VAL A 360 59.56 -38.69 -6.49
N VAL A 361 60.33 -39.78 -6.38
CA VAL A 361 61.69 -39.84 -6.94
C VAL A 361 61.68 -39.81 -8.48
N ASP A 362 60.66 -40.41 -9.09
CA ASP A 362 60.44 -40.32 -10.53
C ASP A 362 60.33 -38.85 -10.92
N LEU A 363 59.44 -38.13 -10.24
CA LEU A 363 59.28 -36.68 -10.42
C LEU A 363 60.57 -35.88 -10.20
N LEU A 364 61.37 -36.35 -9.26
CA LEU A 364 62.55 -35.64 -8.87
C LEU A 364 63.56 -35.64 -10.00
N GLY A 365 63.74 -36.81 -10.63
CA GLY A 365 64.65 -36.92 -11.73
C GLY A 365 64.09 -36.31 -13.00
N GLN A 366 62.77 -36.38 -13.15
CA GLN A 366 62.07 -35.78 -14.29
C GLN A 366 62.15 -34.26 -14.24
N ALA A 367 61.85 -33.70 -13.08
CA ALA A 367 61.96 -32.26 -12.92
C ALA A 367 63.42 -31.79 -12.90
N GLY A 368 64.35 -32.74 -12.80
CA GLY A 368 65.79 -32.47 -12.74
C GLY A 368 66.33 -31.99 -14.06
N SER A 369 65.88 -32.61 -15.15
CA SER A 369 66.34 -32.26 -16.49
C SER A 369 65.35 -31.41 -17.28
N ALA A 370 64.28 -30.94 -16.64
CA ALA A 370 63.29 -30.13 -17.33
C ALA A 370 63.88 -28.77 -17.64
N PRO A 371 63.30 -28.06 -18.64
CA PRO A 371 63.88 -26.76 -18.92
C PRO A 371 63.90 -25.83 -17.69
N TRP A 372 62.99 -26.02 -16.74
CA TRP A 372 62.89 -25.03 -15.66
C TRP A 372 63.58 -25.51 -14.36
N ALA A 373 64.42 -26.54 -14.49
CA ALA A 373 65.03 -27.17 -13.33
C ALA A 373 65.52 -26.22 -12.24
N GLN A 374 66.16 -25.11 -12.63
CA GLN A 374 66.85 -24.21 -11.67
C GLN A 374 65.90 -23.29 -10.90
N THR A 375 64.84 -22.87 -11.56
CA THR A 375 63.81 -22.13 -10.86
C THR A 375 63.00 -23.04 -9.89
N TRP A 376 62.87 -24.34 -10.25
CA TRP A 376 62.20 -25.37 -9.43
C TRP A 376 63.02 -25.70 -8.19
N SER A 377 64.30 -26.03 -8.37
CA SER A 377 65.24 -26.23 -7.25
C SER A 377 65.59 -25.02 -6.39
N ALA A 378 65.48 -23.80 -6.93
CA ALA A 378 65.79 -22.60 -6.14
C ALA A 378 64.70 -22.30 -5.13
N SER A 379 63.56 -22.96 -5.26
CA SER A 379 62.40 -22.67 -4.41
C SER A 379 62.27 -23.66 -3.25
N LEU A 380 62.92 -24.81 -3.37
CA LEU A 380 63.03 -25.79 -2.28
C LEU A 380 63.89 -25.30 -1.11
N PRO A 381 63.41 -25.51 0.12
CA PRO A 381 64.17 -25.11 1.32
C PRO A 381 65.55 -25.77 1.33
N VAL A 382 66.56 -25.04 1.82
CA VAL A 382 67.92 -25.59 2.01
C VAL A 382 68.18 -25.80 3.51
N ALA A 383 68.75 -26.95 3.84
CA ALA A 383 68.97 -27.40 5.22
C ALA A 383 69.95 -26.49 5.93
N GLY A 384 69.59 -26.07 7.13
CA GLY A 384 70.50 -25.35 8.00
C GLY A 384 70.67 -23.85 7.78
N GLU A 385 69.98 -23.32 6.77
CA GLU A 385 70.09 -21.91 6.44
C GLU A 385 69.20 -20.96 7.28
N SER A 386 69.88 -20.22 8.16
CA SER A 386 69.27 -19.18 9.01
C SER A 386 68.21 -18.23 8.39
N ASP A 387 68.51 -17.62 7.22
CA ASP A 387 67.59 -16.71 6.47
C ASP A 387 66.31 -17.42 6.08
N PRO A 388 65.14 -16.92 6.57
CA PRO A 388 63.86 -17.58 6.33
C PRO A 388 63.58 -17.83 4.87
N PHE A 389 63.96 -16.89 3.98
CA PHE A 389 63.73 -17.03 2.53
C PHE A 389 64.78 -17.91 1.72
N VAL A 390 65.76 -18.48 2.41
CA VAL A 390 66.67 -19.54 1.88
C VAL A 390 66.37 -20.86 2.61
N GLY A 391 66.39 -20.83 3.93
CA GLY A 391 66.08 -21.99 4.73
C GLY A 391 64.63 -22.49 4.80
N GLY A 392 63.65 -21.59 4.64
CA GLY A 392 62.25 -21.98 4.80
C GLY A 392 61.95 -22.88 5.99
N THR A 393 61.19 -23.96 5.79
CA THR A 393 60.77 -24.83 6.91
C THR A 393 61.90 -25.78 7.39
N LEU A 394 63.10 -25.53 6.87
CA LEU A 394 64.28 -26.34 7.21
C LEU A 394 65.41 -25.54 7.85
N ALA A 395 65.12 -24.28 8.18
CA ALA A 395 66.14 -23.32 8.66
C ALA A 395 66.74 -23.74 9.97
N ASN A 396 65.91 -24.38 10.80
CA ASN A 396 66.31 -24.84 12.12
C ASN A 396 66.54 -26.33 12.21
N ARG A 397 66.83 -26.97 11.07
CA ARG A 397 67.15 -28.40 11.06
C ARG A 397 68.50 -28.71 10.41
N MET A 398 69.22 -29.65 10.98
CA MET A 398 70.47 -30.13 10.39
C MET A 398 71.62 -29.11 10.39
N ARG A 399 71.55 -28.07 11.24
CA ARG A 399 72.64 -27.08 11.35
C ARG A 399 73.87 -27.77 11.92
N GLY A 400 75.04 -27.34 11.45
CA GLY A 400 76.30 -27.95 11.86
C GLY A 400 76.44 -29.43 11.50
N THR A 401 75.73 -29.89 10.46
CA THR A 401 75.88 -31.26 9.95
C THR A 401 76.35 -31.30 8.49
N ALA A 402 76.78 -32.46 8.01
CA ALA A 402 77.20 -32.57 6.61
C ALA A 402 76.18 -32.02 5.61
N ALA A 403 74.92 -31.94 6.06
CA ALA A 403 73.79 -31.57 5.23
C ALA A 403 73.50 -30.08 5.15
N GLU A 404 74.15 -29.29 6.00
CA GLU A 404 73.94 -27.83 6.04
C GLU A 404 74.39 -27.13 4.75
N GLY A 405 73.48 -26.34 4.18
CA GLY A 405 73.79 -25.56 2.99
C GLY A 405 73.72 -26.36 1.71
N VAL A 406 73.46 -27.66 1.82
CA VAL A 406 73.61 -28.58 0.70
C VAL A 406 72.34 -29.29 0.26
N VAL A 407 71.57 -29.78 1.22
CA VAL A 407 70.34 -30.56 0.95
C VAL A 407 69.15 -29.65 0.69
N GLU A 408 68.51 -29.84 -0.46
CA GLU A 408 67.31 -29.10 -0.88
C GLU A 408 66.13 -30.06 -0.79
N ALA A 409 65.14 -29.80 0.08
CA ALA A 409 64.05 -30.76 0.30
C ALA A 409 62.78 -30.11 0.69
N LYS A 410 61.66 -30.74 0.34
CA LYS A 410 60.33 -30.28 0.75
C LYS A 410 59.87 -31.08 1.97
N THR A 411 59.14 -30.40 2.86
CA THR A 411 58.65 -30.99 4.11
C THR A 411 57.12 -31.22 4.04
N GLY A 412 56.48 -31.42 5.19
CA GLY A 412 55.04 -31.63 5.25
C GLY A 412 54.69 -32.50 6.43
N THR A 413 53.93 -31.95 7.38
CA THR A 413 53.53 -32.66 8.58
C THR A 413 52.04 -32.41 8.99
N MET A 414 51.34 -33.48 9.39
CA MET A 414 49.98 -33.50 10.00
C MET A 414 50.03 -34.46 11.17
N SER A 415 48.91 -34.66 11.86
CA SER A 415 48.76 -35.75 12.81
C SER A 415 48.82 -37.09 12.11
N GLY A 416 49.90 -37.81 12.40
CA GLY A 416 50.14 -39.19 11.92
C GLY A 416 50.90 -39.34 10.62
N VAL A 417 51.26 -38.20 10.01
CA VAL A 417 51.84 -38.11 8.65
C VAL A 417 52.94 -37.05 8.58
N SER A 418 54.12 -37.44 8.07
CA SER A 418 55.31 -36.61 7.92
C SER A 418 56.16 -37.12 6.72
N ALA A 419 56.85 -36.22 6.03
CA ALA A 419 57.64 -36.50 4.81
C ALA A 419 58.76 -35.50 4.61
N LEU A 420 59.87 -35.98 4.03
CA LEU A 420 60.97 -35.14 3.56
C LEU A 420 61.49 -35.78 2.26
N SER A 421 61.57 -34.97 1.20
CA SER A 421 61.94 -35.45 -0.13
C SER A 421 62.61 -34.34 -0.89
N GLY A 422 63.72 -34.65 -1.54
CA GLY A 422 64.51 -33.65 -2.25
C GLY A 422 65.82 -34.15 -2.82
N TYR A 423 66.81 -33.26 -2.87
CA TYR A 423 68.09 -33.55 -3.53
C TYR A 423 69.28 -33.47 -2.58
N VAL A 424 70.33 -34.24 -2.91
CA VAL A 424 71.63 -34.16 -2.26
C VAL A 424 72.73 -34.04 -3.34
N PRO A 425 73.12 -32.80 -3.68
CA PRO A 425 74.14 -32.66 -4.69
C PRO A 425 75.52 -32.77 -4.10
N GLY A 426 76.32 -33.69 -4.65
CA GLY A 426 77.70 -33.86 -4.21
C GLY A 426 78.62 -34.27 -5.34
N PRO A 427 79.93 -34.39 -5.02
CA PRO A 427 80.99 -34.96 -5.89
C PRO A 427 80.75 -36.44 -6.21
N GLU A 428 80.42 -37.24 -5.19
CA GLU A 428 80.10 -38.66 -5.37
C GLU A 428 78.72 -38.91 -5.99
N GLY A 429 78.17 -37.88 -6.65
CA GLY A 429 76.95 -38.04 -7.47
C GLY A 429 75.80 -37.20 -6.96
N GLU A 430 74.84 -36.89 -7.83
CA GLU A 430 73.68 -36.08 -7.45
C GLU A 430 72.53 -36.98 -7.02
N LEU A 431 72.26 -37.05 -5.73
CA LEU A 431 71.28 -38.01 -5.20
C LEU A 431 69.84 -37.49 -5.14
N ALA A 432 68.89 -38.40 -5.25
CA ALA A 432 67.47 -38.05 -5.10
C ALA A 432 66.81 -38.97 -4.09
N PHE A 433 66.13 -38.40 -3.09
CA PHE A 433 65.55 -39.20 -2.00
C PHE A 433 64.11 -38.81 -1.67
N SER A 434 63.36 -39.78 -1.13
CA SER A 434 62.03 -39.51 -0.56
C SER A 434 61.76 -40.38 0.67
N ILE A 435 61.58 -39.73 1.81
CA ILE A 435 61.18 -40.39 3.08
C ILE A 435 59.72 -40.02 3.40
N VAL A 436 58.79 -40.99 3.32
CA VAL A 436 57.37 -40.76 3.70
C VAL A 436 56.91 -41.65 4.89
N ASN A 437 56.52 -40.99 5.98
CA ASN A 437 56.16 -41.68 7.22
C ASN A 437 54.65 -41.63 7.49
N ASN A 438 54.05 -42.80 7.71
CA ASN A 438 52.61 -42.91 8.05
C ASN A 438 52.32 -43.79 9.29
N GLY A 439 51.57 -43.25 10.25
CA GLY A 439 50.99 -44.10 11.31
C GLY A 439 51.57 -44.07 12.72
N HIS A 440 52.51 -43.16 12.95
CA HIS A 440 53.25 -43.04 14.20
C HIS A 440 52.41 -42.33 15.26
N SER A 441 52.74 -42.61 16.53
CA SER A 441 51.95 -42.13 17.66
C SER A 441 52.50 -40.85 18.29
N GLY A 442 53.81 -40.68 18.27
CA GLY A 442 54.35 -39.53 18.99
C GLY A 442 54.34 -38.27 18.17
N PRO A 443 55.36 -37.42 18.37
CA PRO A 443 55.65 -36.36 17.43
C PRO A 443 56.12 -36.92 16.09
N ALA A 444 56.08 -36.09 15.05
CA ALA A 444 56.60 -36.48 13.75
C ALA A 444 58.08 -36.88 13.88
N PRO A 445 58.53 -37.88 13.10
CA PRO A 445 59.90 -38.37 13.19
C PRO A 445 60.93 -37.51 12.46
N LEU A 446 60.98 -36.25 12.84
CA LEU A 446 61.83 -35.30 12.12
C LEU A 446 63.34 -35.61 12.26
N ALA A 447 63.71 -36.32 13.32
CA ALA A 447 65.10 -36.56 13.63
C ALA A 447 65.62 -37.74 12.83
N VAL A 448 64.77 -38.75 12.67
CA VAL A 448 64.98 -39.90 11.76
C VAL A 448 65.14 -39.42 10.30
N GLN A 449 64.36 -38.41 9.91
CA GLN A 449 64.44 -37.81 8.60
C GLN A 449 65.73 -37.03 8.43
N ASP A 450 66.05 -36.19 9.40
CA ASP A 450 67.30 -35.43 9.39
C ASP A 450 68.49 -36.41 9.29
N ALA A 451 68.44 -37.42 10.15
CA ALA A 451 69.46 -38.45 10.24
C ALA A 451 69.80 -39.14 8.93
N ILE A 452 68.78 -39.49 8.15
CA ILE A 452 68.99 -40.13 6.83
C ILE A 452 69.57 -39.12 5.86
N ALA A 453 68.96 -37.94 5.79
CA ALA A 453 69.44 -36.85 4.93
C ALA A 453 70.90 -36.51 5.16
N VAL A 454 71.36 -36.51 6.43
CA VAL A 454 72.79 -36.30 6.79
C VAL A 454 73.70 -37.44 6.30
N ARG A 455 73.32 -38.70 6.57
CA ARG A 455 74.02 -39.87 6.01
C ARG A 455 74.20 -39.83 4.49
N LEU A 456 73.17 -39.41 3.77
CA LEU A 456 73.22 -39.21 2.32
C LEU A 456 74.20 -38.13 1.88
N ALA A 457 74.16 -36.96 2.54
CA ALA A 457 75.16 -35.93 2.32
C ALA A 457 76.61 -36.40 2.59
N GLU A 458 76.82 -37.14 3.68
CA GLU A 458 78.12 -37.76 3.94
C GLU A 458 78.53 -38.71 2.80
N TYR A 459 77.59 -39.58 2.41
CA TYR A 459 77.74 -40.43 1.24
C TYR A 459 78.20 -39.68 -0.02
N ALA A 460 77.53 -38.59 -0.36
CA ALA A 460 77.87 -37.74 -1.51
C ALA A 460 79.21 -36.98 -1.32
N GLY A 461 79.92 -37.31 -0.24
CA GLY A 461 81.21 -36.72 0.07
C GLY A 461 81.21 -35.39 0.80
N HIS A 462 80.27 -35.17 1.73
CA HIS A 462 80.26 -33.93 2.54
C HIS A 462 80.69 -34.14 4.01
N GLN A 463 81.13 -33.03 4.62
CA GLN A 463 81.55 -32.94 6.03
C GLN A 463 80.87 -31.75 6.71
N ALA A 464 80.64 -31.83 8.02
CA ALA A 464 80.01 -30.76 8.80
C ALA A 464 80.84 -29.47 8.84
N PRO A 465 80.18 -28.31 8.64
CA PRO A 465 80.92 -27.05 8.78
C PRO A 465 81.36 -26.82 10.23
N GLU A 466 82.62 -26.48 10.45
CA GLU A 466 83.10 -25.96 11.76
C GLU A 466 84.09 -24.87 11.46
N GLY A 467 84.63 -24.86 10.35
N ARG B 1 -18.36 10.51 -16.50
CA ARG B 1 -17.94 9.19 -15.95
C ARG B 1 -16.97 8.49 -16.90
N LEU B 2 -15.82 8.07 -16.35
CA LEU B 2 -14.74 7.45 -17.11
C LEU B 2 -15.07 6.07 -17.72
N THR B 3 -16.00 5.32 -17.10
CA THR B 3 -16.50 4.04 -17.65
C THR B 3 -17.00 4.15 -19.11
N GLU B 4 -17.42 5.35 -19.51
CA GLU B 4 -17.71 5.64 -20.92
C GLU B 4 -16.47 5.69 -21.82
N LEU B 5 -15.50 6.53 -21.46
CA LEU B 5 -14.23 6.68 -22.19
C LEU B 5 -13.51 5.35 -22.36
N ARG B 6 -13.43 4.59 -21.28
CA ARG B 6 -12.75 3.31 -21.26
C ARG B 6 -13.37 2.36 -22.27
N GLU B 7 -14.69 2.28 -22.27
CA GLU B 7 -15.39 1.39 -23.21
C GLU B 7 -15.39 1.88 -24.67
N ASP B 8 -15.25 3.19 -24.88
CA ASP B 8 -15.11 3.72 -26.24
C ASP B 8 -13.73 3.35 -26.84
N ILE B 9 -12.67 3.51 -26.03
CA ILE B 9 -11.29 3.18 -26.43
C ILE B 9 -11.14 1.67 -26.75
N ASP B 10 -11.79 0.83 -25.94
CA ASP B 10 -11.81 -0.63 -26.11
C ASP B 10 -12.30 -1.04 -27.50
N ALA B 11 -13.29 -0.31 -28.00
CA ALA B 11 -13.94 -0.62 -29.27
C ALA B 11 -13.21 0.03 -30.44
N ILE B 12 -12.56 1.17 -30.22
CA ILE B 12 -11.66 1.71 -31.24
C ILE B 12 -10.51 0.71 -31.55
N LEU B 13 -10.03 0.01 -30.52
CA LEU B 13 -8.95 -0.98 -30.65
C LEU B 13 -9.43 -2.33 -31.23
N GLU B 14 -10.69 -2.41 -31.61
CA GLU B 14 -11.20 -3.63 -32.26
C GLU B 14 -11.26 -3.45 -33.78
N ASP B 15 -10.48 -2.49 -34.29
CA ASP B 15 -10.32 -2.28 -35.71
C ASP B 15 -9.76 -3.55 -36.37
N PRO B 16 -10.18 -3.83 -37.62
CA PRO B 16 -9.52 -4.81 -38.49
C PRO B 16 -8.01 -4.63 -38.69
N ALA B 17 -7.51 -3.39 -38.72
CA ALA B 17 -6.10 -3.08 -38.91
C ALA B 17 -5.23 -3.49 -37.72
N LEU B 18 -5.86 -4.04 -36.69
CA LEU B 18 -5.21 -4.34 -35.42
C LEU B 18 -5.56 -5.77 -34.98
N GLU B 19 -6.02 -6.58 -35.92
CA GLU B 19 -6.24 -8.02 -35.68
C GLU B 19 -4.90 -8.67 -35.50
N GLY B 20 -4.78 -9.49 -34.46
CA GLY B 20 -3.53 -10.18 -34.18
C GLY B 20 -2.41 -9.39 -33.50
N ALA B 21 -2.59 -8.07 -33.34
CA ALA B 21 -1.52 -7.19 -32.85
C ALA B 21 -1.52 -7.06 -31.34
N VAL B 22 -0.42 -6.58 -30.79
CA VAL B 22 -0.31 -6.12 -29.38
C VAL B 22 -0.29 -4.61 -29.39
N SER B 23 -1.09 -3.98 -28.53
CA SER B 23 -1.01 -2.54 -28.41
C SER B 23 -1.01 -2.15 -26.96
N GLY B 24 0.02 -1.40 -26.56
CA GLY B 24 0.02 -0.82 -25.23
C GLY B 24 -0.57 0.57 -25.27
N VAL B 25 -1.63 0.78 -24.51
CA VAL B 25 -2.36 2.05 -24.47
C VAL B 25 -2.57 2.50 -23.01
N VAL B 26 -2.07 3.69 -22.68
CA VAL B 26 -2.16 4.26 -21.33
C VAL B 26 -2.47 5.78 -21.39
N VAL B 27 -3.51 6.21 -20.65
CA VAL B 27 -3.89 7.64 -20.49
C VAL B 27 -3.84 7.98 -19.01
N VAL B 28 -3.20 9.10 -18.69
CA VAL B 28 -3.15 9.60 -17.31
C VAL B 28 -3.51 11.08 -17.36
N ASP B 29 -4.36 11.49 -16.43
CA ASP B 29 -4.58 12.92 -16.27
C ASP B 29 -3.37 13.48 -15.52
N THR B 30 -2.77 14.52 -16.08
CA THR B 30 -1.50 15.04 -15.57
C THR B 30 -1.61 15.87 -14.29
N ALA B 31 -2.75 16.55 -14.09
CA ALA B 31 -2.98 17.36 -12.89
C ALA B 31 -3.27 16.46 -11.65
N THR B 32 -4.24 15.58 -11.78
CA THR B 32 -4.58 14.59 -10.73
C THR B 32 -3.60 13.41 -10.65
N GLY B 33 -2.94 13.08 -11.76
CA GLY B 33 -2.11 11.87 -11.82
C GLY B 33 -2.94 10.61 -11.66
N GLU B 34 -4.13 10.60 -12.28
CA GLU B 34 -5.01 9.43 -12.23
C GLU B 34 -5.07 8.69 -13.55
N GLU B 35 -4.82 7.38 -13.45
CA GLU B 35 -4.78 6.48 -14.59
C GLU B 35 -6.15 6.33 -15.28
N LEU B 36 -6.46 7.26 -16.18
CA LEU B 36 -7.73 7.29 -16.93
C LEU B 36 -8.01 6.03 -17.75
N TYR B 37 -6.96 5.46 -18.35
CA TYR B 37 -7.04 4.23 -19.14
C TYR B 37 -5.68 3.54 -19.09
N SER B 38 -5.70 2.21 -19.08
CA SER B 38 -4.48 1.39 -19.12
C SER B 38 -4.71 -0.04 -19.64
N ARG B 39 -4.16 -0.36 -20.81
CA ARG B 39 -4.13 -1.74 -21.31
C ARG B 39 -2.73 -2.10 -21.78
N ASP B 40 -2.24 -3.25 -21.31
CA ASP B 40 -0.89 -3.77 -21.55
C ASP B 40 0.20 -2.71 -21.35
N GLY B 41 0.16 -2.01 -20.21
CA GLY B 41 1.09 -0.92 -19.93
C GLY B 41 2.48 -1.36 -19.48
N GLY B 42 2.61 -2.63 -19.13
CA GLY B 42 3.90 -3.18 -18.67
C GLY B 42 4.55 -3.94 -19.81
N GLU B 43 3.83 -4.05 -20.92
CA GLU B 43 4.31 -4.82 -22.06
C GLU B 43 5.44 -4.05 -22.81
N GLN B 44 6.62 -4.68 -22.94
CA GLN B 44 7.75 -4.14 -23.72
C GLN B 44 7.60 -4.25 -25.25
N LEU B 45 7.77 -3.12 -25.95
CA LEU B 45 7.46 -3.01 -27.38
C LEU B 45 8.45 -2.13 -28.13
N LEU B 46 8.64 -2.37 -29.43
CA LEU B 46 9.45 -1.44 -30.25
C LEU B 46 8.74 -0.06 -30.34
N PRO B 47 9.47 1.04 -30.06
CA PRO B 47 8.86 2.39 -30.13
C PRO B 47 8.83 3.06 -31.52
N ALA B 48 9.54 2.53 -32.51
CA ALA B 48 9.91 3.32 -33.71
C ALA B 48 10.37 4.73 -33.27
N SER B 49 9.99 5.79 -33.98
CA SER B 49 10.50 7.15 -33.63
C SER B 49 10.05 7.75 -32.28
N ASN B 50 9.33 7.00 -31.48
CA ASN B 50 8.98 7.50 -30.15
C ASN B 50 10.14 7.45 -29.17
N MET B 51 11.22 6.79 -29.57
CA MET B 51 12.47 6.80 -28.80
C MET B 51 12.99 8.22 -28.62
N LYS B 52 12.70 9.06 -29.62
CA LYS B 52 13.20 10.44 -29.66
C LYS B 52 12.77 11.27 -28.47
N LEU B 53 11.61 10.97 -27.89
CA LEU B 53 11.20 11.66 -26.66
C LEU B 53 12.22 11.41 -25.55
N PHE B 54 12.83 10.22 -25.52
CA PHE B 54 13.79 9.89 -24.49
C PHE B 54 15.09 10.62 -24.79
N THR B 55 15.49 10.65 -26.07
CA THR B 55 16.68 11.39 -26.45
C THR B 55 16.56 12.90 -26.17
N ALA B 56 15.45 13.48 -26.60
CA ALA B 56 15.24 14.93 -26.48
C ALA B 56 15.37 15.36 -25.02
N ALA B 57 14.69 14.64 -24.13
CA ALA B 57 14.71 14.93 -22.69
C ALA B 57 16.11 14.71 -22.05
N ALA B 58 16.72 13.55 -22.26
CA ALA B 58 18.14 13.39 -21.92
C ALA B 58 18.98 14.56 -22.44
N ALA B 59 18.81 14.91 -23.73
CA ALA B 59 19.65 15.96 -24.37
C ALA B 59 19.53 17.34 -23.76
N LEU B 60 18.32 17.69 -23.33
CA LEU B 60 18.08 18.99 -22.69
C LEU B 60 18.64 18.97 -21.27
N GLU B 61 18.44 17.85 -20.59
CA GLU B 61 18.89 17.65 -19.22
C GLU B 61 20.41 17.60 -19.08
N VAL B 62 21.09 16.92 -20.01
CA VAL B 62 22.54 16.87 -19.99
C VAL B 62 23.17 18.16 -20.50
N LEU B 63 22.83 18.57 -21.73
CA LEU B 63 23.55 19.64 -22.44
C LEU B 63 23.00 21.02 -22.16
N GLY B 64 21.70 21.13 -21.92
CA GLY B 64 21.00 22.39 -21.69
C GLY B 64 20.36 22.98 -22.93
N ALA B 65 19.26 23.72 -22.75
CA ALA B 65 18.52 24.34 -23.86
C ALA B 65 19.31 25.45 -24.56
N ASP B 66 20.39 25.88 -23.91
CA ASP B 66 21.24 26.94 -24.44
C ASP B 66 22.53 26.44 -25.12
N HIS B 67 22.69 25.10 -25.19
CA HIS B 67 23.86 24.48 -25.84
C HIS B 67 23.92 24.72 -27.33
N SER B 68 25.03 25.28 -27.78
CA SER B 68 25.28 25.55 -29.18
C SER B 68 26.43 24.64 -29.64
N PHE B 69 26.59 24.44 -30.96
CA PHE B 69 27.58 23.49 -31.51
C PHE B 69 28.59 24.20 -32.42
N GLY B 70 29.87 23.82 -32.33
CA GLY B 70 30.93 24.48 -33.07
C GLY B 70 31.60 23.74 -34.21
N THR B 71 32.15 24.54 -35.14
CA THR B 71 32.96 24.11 -36.31
C THR B 71 34.11 25.13 -36.47
N GLU B 72 35.33 24.63 -36.71
CA GLU B 72 36.55 25.45 -36.86
C GLU B 72 37.46 25.06 -38.05
N VAL B 73 38.16 26.05 -38.62
CA VAL B 73 39.21 25.80 -39.60
C VAL B 73 40.51 26.14 -38.91
N ALA B 74 41.38 25.16 -38.77
CA ALA B 74 42.63 25.39 -38.04
C ALA B 74 43.85 25.09 -38.88
N ALA B 75 44.92 25.86 -38.63
CA ALA B 75 46.27 25.63 -39.18
C ALA B 75 47.30 25.78 -38.05
N GLU B 76 48.52 25.29 -38.26
CA GLU B 76 49.55 25.32 -37.21
C GLU B 76 50.02 26.74 -36.88
N SER B 77 50.50 27.47 -37.89
CA SER B 77 50.86 28.89 -37.76
C SER B 77 49.76 29.73 -38.41
N ALA B 78 49.83 31.04 -38.24
CA ALA B 78 49.17 31.98 -39.15
C ALA B 78 49.89 31.93 -40.51
N PRO B 79 49.24 32.40 -41.60
CA PRO B 79 49.84 32.42 -42.95
C PRO B 79 51.25 33.04 -43.05
N GLY B 80 52.11 32.43 -43.87
CA GLY B 80 53.49 32.87 -44.10
C GLY B 80 53.61 34.18 -44.88
N ARG B 81 54.80 34.40 -45.46
CA ARG B 81 55.10 35.67 -46.16
C ARG B 81 54.34 35.80 -47.49
N ARG B 82 54.21 34.67 -48.21
CA ARG B 82 53.53 34.59 -49.52
C ARG B 82 52.01 34.30 -49.41
N GLY B 83 51.50 34.32 -48.17
CA GLY B 83 50.10 34.03 -47.88
C GLY B 83 49.86 32.54 -47.66
N GLU B 84 50.94 31.77 -47.53
CA GLU B 84 50.84 30.31 -47.46
C GLU B 84 50.68 29.77 -46.03
N VAL B 85 49.84 28.74 -45.88
CA VAL B 85 49.88 27.84 -44.73
C VAL B 85 50.20 26.49 -45.32
N GLN B 86 50.58 25.55 -44.46
CA GLN B 86 50.97 24.23 -44.92
C GLN B 86 49.70 23.34 -45.10
N ASP B 87 49.40 22.49 -44.12
CA ASP B 87 48.11 21.81 -44.08
C ASP B 87 47.02 22.66 -43.43
N LEU B 88 45.76 22.33 -43.74
CA LEU B 88 44.59 23.04 -43.23
C LEU B 88 43.55 22.00 -42.81
N TYR B 89 42.76 22.33 -41.77
CA TYR B 89 41.87 21.38 -41.10
C TYR B 89 40.46 21.94 -40.83
N LEU B 90 39.47 21.28 -41.40
CA LEU B 90 38.08 21.59 -41.05
C LEU B 90 37.67 20.66 -39.89
N VAL B 91 37.21 21.27 -38.78
CA VAL B 91 36.99 20.59 -37.50
C VAL B 91 35.54 20.65 -37.02
N GLY B 92 34.84 19.52 -37.11
CA GLY B 92 33.47 19.45 -36.68
C GLY B 92 33.35 18.98 -35.26
N ARG B 93 32.52 19.65 -34.49
CA ARG B 93 32.24 19.19 -33.16
C ARG B 93 30.76 18.95 -32.93
N GLY B 94 30.08 18.41 -33.95
CA GLY B 94 28.72 17.86 -33.74
C GLY B 94 27.51 18.72 -34.13
N ASP B 95 27.73 19.77 -34.89
CA ASP B 95 26.66 20.60 -35.39
C ASP B 95 25.72 19.75 -36.27
N PRO B 96 24.46 19.60 -35.85
CA PRO B 96 23.49 18.87 -36.67
C PRO B 96 22.93 19.72 -37.79
N THR B 97 23.43 20.94 -37.95
CA THR B 97 22.83 21.86 -38.88
C THR B 97 23.86 22.73 -39.66
N LEU B 98 25.00 22.16 -40.02
CA LEU B 98 26.01 22.90 -40.78
C LEU B 98 25.61 22.92 -42.27
N SER B 99 25.38 24.10 -42.84
CA SER B 99 24.98 24.25 -44.25
C SER B 99 26.17 24.54 -45.19
N ALA B 100 25.95 24.57 -46.50
CA ALA B 100 26.98 25.05 -47.45
C ALA B 100 27.20 26.57 -47.44
N GLU B 101 26.21 27.35 -47.00
CA GLU B 101 26.44 28.79 -46.83
C GLU B 101 27.50 28.97 -45.75
N ASP B 102 27.25 28.37 -44.59
CA ASP B 102 28.19 28.28 -43.48
C ASP B 102 29.62 27.94 -43.87
N LEU B 103 29.81 26.95 -44.73
CA LEU B 103 31.15 26.56 -45.21
C LEU B 103 31.76 27.63 -46.11
N ASP B 104 30.92 28.26 -46.93
CA ASP B 104 31.33 29.39 -47.78
C ASP B 104 31.73 30.62 -46.94
N ALA B 105 30.91 30.93 -45.93
CA ALA B 105 31.18 31.98 -44.94
C ALA B 105 32.49 31.84 -44.14
N MET B 106 32.92 30.61 -43.84
CA MET B 106 34.18 30.36 -43.09
C MET B 106 35.33 30.43 -44.06
N ALA B 107 35.03 30.16 -45.33
CA ALA B 107 36.00 30.15 -46.41
C ALA B 107 36.40 31.58 -46.75
N ALA B 108 35.43 32.50 -46.63
CA ALA B 108 35.64 33.92 -46.75
C ALA B 108 36.58 34.44 -45.66
N GLU B 109 36.38 33.93 -44.44
CA GLU B 109 37.23 34.22 -43.28
C GLU B 109 38.66 33.73 -43.39
N VAL B 110 38.86 32.58 -44.04
CA VAL B 110 40.21 32.02 -44.19
C VAL B 110 41.03 32.89 -45.14
N ALA B 111 40.33 33.57 -46.05
CA ALA B 111 40.92 34.46 -47.07
C ALA B 111 41.12 35.84 -46.46
N ALA B 112 40.11 36.32 -45.73
CA ALA B 112 40.23 37.49 -44.81
C ALA B 112 41.33 37.35 -43.75
N SER B 113 41.71 36.11 -43.41
CA SER B 113 42.91 35.82 -42.60
C SER B 113 44.23 36.10 -43.35
N GLY B 114 44.13 36.29 -44.67
CA GLY B 114 45.30 36.45 -45.50
C GLY B 114 45.87 35.16 -46.01
N VAL B 115 45.05 34.11 -46.18
CA VAL B 115 45.50 32.89 -46.86
C VAL B 115 45.20 33.01 -48.36
N ARG B 116 46.23 32.80 -49.19
CA ARG B 116 46.05 32.77 -50.64
C ARG B 116 46.33 31.35 -51.16
N THR B 117 47.17 30.58 -50.45
CA THR B 117 47.55 29.23 -50.88
C THR B 117 47.68 28.27 -49.70
N VAL B 118 47.10 27.09 -49.85
CA VAL B 118 47.28 25.98 -48.93
C VAL B 118 48.19 25.01 -49.67
N ARG B 119 49.48 25.01 -49.35
CA ARG B 119 50.48 24.23 -50.12
C ARG B 119 50.47 22.73 -49.83
N GLY B 120 49.90 22.34 -48.68
CA GLY B 120 49.75 20.93 -48.33
C GLY B 120 48.31 20.51 -48.53
N ASP B 121 47.85 19.58 -47.70
CA ASP B 121 46.56 18.90 -47.88
C ASP B 121 45.43 19.47 -47.01
N LEU B 122 44.19 19.37 -47.52
CA LEU B 122 42.97 19.71 -46.77
C LEU B 122 42.34 18.48 -46.11
N TYR B 123 42.33 18.48 -44.78
CA TYR B 123 41.79 17.36 -43.99
C TYR B 123 40.44 17.66 -43.37
N ALA B 124 39.56 16.65 -43.35
CA ALA B 124 38.29 16.72 -42.63
C ALA B 124 38.37 15.94 -41.28
N ASP B 125 38.28 16.71 -40.19
CA ASP B 125 38.44 16.20 -38.85
C ASP B 125 37.05 16.00 -38.25
N ASP B 126 36.67 14.74 -38.10
CA ASP B 126 35.45 14.41 -37.40
C ASP B 126 35.69 13.56 -36.14
N THR B 127 36.91 13.65 -35.59
CA THR B 127 37.33 12.90 -34.40
C THR B 127 36.62 13.25 -33.03
N TRP B 128 35.83 14.34 -33.00
CA TRP B 128 34.95 14.60 -31.84
C TRP B 128 34.06 13.39 -31.50
N PHE B 129 33.55 12.68 -32.52
CA PHE B 129 32.87 11.39 -32.34
C PHE B 129 33.78 10.31 -32.94
N ASP B 130 33.51 9.04 -32.62
CA ASP B 130 34.24 7.94 -33.27
C ASP B 130 33.76 7.80 -34.71
N SER B 131 34.26 6.78 -35.41
CA SER B 131 34.03 6.65 -36.83
C SER B 131 33.09 5.51 -37.10
N GLU B 132 32.22 5.26 -36.14
CA GLU B 132 31.21 4.22 -36.28
C GLU B 132 29.96 4.86 -36.89
N ARG B 133 29.69 4.49 -38.14
CA ARG B 133 28.82 5.26 -39.02
C ARG B 133 27.34 4.88 -38.87
N LEU B 134 27.11 3.61 -38.53
CA LEU B 134 25.78 3.03 -38.43
C LEU B 134 25.72 2.09 -37.23
N VAL B 135 24.52 1.93 -36.66
CA VAL B 135 24.28 1.03 -35.51
C VAL B 135 24.31 -0.40 -36.03
N ASP B 136 24.63 -1.37 -35.18
CA ASP B 136 24.91 -2.72 -35.70
C ASP B 136 23.69 -3.38 -36.31
N ASP B 137 22.53 -3.19 -35.70
CA ASP B 137 21.31 -3.88 -36.17
C ASP B 137 20.42 -3.09 -37.13
N TRP B 138 20.93 -1.98 -37.68
CA TRP B 138 20.26 -1.36 -38.84
C TRP B 138 20.41 -2.30 -40.08
N TRP B 139 19.45 -2.23 -41.00
CA TRP B 139 19.47 -3.08 -42.20
C TRP B 139 20.27 -2.40 -43.33
N PRO B 140 21.24 -3.10 -43.95
CA PRO B 140 22.02 -2.46 -45.02
C PRO B 140 21.12 -1.98 -46.19
N GLU B 141 19.87 -2.42 -46.22
CA GLU B 141 18.99 -2.16 -47.34
C GLU B 141 18.40 -0.78 -47.22
N ASP B 142 18.35 -0.27 -45.98
CA ASP B 142 17.86 1.07 -45.72
C ASP B 142 18.87 2.15 -46.03
N GLU B 143 20.09 1.77 -46.40
CA GLU B 143 21.21 2.71 -46.32
C GLU B 143 21.22 3.88 -47.33
N PRO B 144 20.65 3.71 -48.56
CA PRO B 144 20.65 4.81 -49.51
C PRO B 144 19.76 6.01 -49.14
N TYR B 145 18.94 5.85 -48.10
CA TYR B 145 17.88 6.82 -47.79
C TYR B 145 18.22 7.76 -46.64
N ALA B 146 17.83 9.02 -46.76
CA ALA B 146 18.14 10.02 -45.75
C ALA B 146 17.88 9.62 -44.29
N TYR B 147 16.99 8.70 -44.04
CA TYR B 147 16.70 8.34 -42.65
C TYR B 147 17.75 7.42 -42.03
N SER B 148 18.72 7.01 -42.84
CA SER B 148 19.78 6.06 -42.47
C SER B 148 21.16 6.56 -42.96
N ALA B 149 21.29 7.88 -42.92
CA ALA B 149 22.50 8.61 -43.18
C ALA B 149 23.52 8.16 -42.13
N GLN B 150 24.79 8.16 -42.53
CA GLN B 150 25.91 7.78 -41.67
C GLN B 150 26.16 8.92 -40.74
N ILE B 151 26.61 8.59 -39.52
CA ILE B 151 26.84 9.54 -38.44
C ILE B 151 28.32 9.99 -38.32
N SER B 152 28.55 11.30 -38.44
CA SER B 152 29.88 11.93 -38.33
C SER B 152 29.83 13.26 -37.53
N ALA B 153 30.93 13.64 -36.91
CA ALA B 153 30.92 14.94 -36.20
C ALA B 153 31.04 16.09 -37.23
N LEU B 154 31.59 15.78 -38.41
CA LEU B 154 31.58 16.74 -39.52
C LEU B 154 30.60 16.29 -40.63
N THR B 155 29.48 17.01 -40.75
CA THR B 155 28.44 16.63 -41.71
C THR B 155 27.74 17.87 -42.31
N VAL B 156 27.39 17.82 -43.61
CA VAL B 156 26.72 18.95 -44.29
C VAL B 156 25.21 18.66 -44.28
N ALA B 157 24.43 19.63 -43.77
CA ALA B 157 22.98 19.55 -43.66
C ALA B 157 22.29 20.18 -44.88
N HIS B 158 21.33 19.45 -45.48
CA HIS B 158 20.63 19.93 -46.66
C HIS B 158 19.28 20.50 -46.34
N GLY B 159 18.98 21.66 -46.93
CA GLY B 159 17.64 22.28 -46.90
C GLY B 159 17.30 22.82 -45.54
N GLU B 160 16.09 23.33 -45.34
CA GLU B 160 15.77 23.89 -44.03
C GLU B 160 15.15 22.94 -43.01
N ARG B 161 15.08 21.64 -43.35
CA ARG B 161 14.76 20.54 -42.42
C ARG B 161 16.02 19.98 -41.85
N PHE B 162 17.14 20.42 -42.45
CA PHE B 162 18.52 20.01 -42.11
C PHE B 162 18.76 18.52 -42.18
N ASP B 163 18.63 17.98 -43.39
CA ASP B 163 18.84 16.58 -43.61
C ASP B 163 20.34 16.41 -43.82
N THR B 164 20.99 15.68 -42.89
CA THR B 164 22.46 15.49 -42.84
C THR B 164 22.94 14.31 -43.68
N GLY B 165 24.12 14.43 -44.31
CA GLY B 165 24.81 13.27 -44.86
C GLY B 165 24.31 12.74 -46.20
N VAL B 166 23.59 13.63 -46.90
CA VAL B 166 22.86 13.33 -48.13
C VAL B 166 23.33 14.29 -49.22
N THR B 167 23.13 13.88 -50.47
CA THR B 167 23.22 14.78 -51.60
C THR B 167 21.87 14.77 -52.34
N GLU B 168 21.64 15.79 -53.16
CA GLU B 168 20.45 15.85 -54.02
C GLU B 168 20.74 15.35 -55.44
N VAL B 169 20.08 14.25 -55.82
CA VAL B 169 20.15 13.69 -57.17
C VAL B 169 18.87 14.11 -57.89
N SER B 170 19.04 14.80 -59.02
CA SER B 170 17.97 15.03 -59.98
C SER B 170 18.23 14.29 -61.30
N VAL B 171 17.17 13.77 -61.89
CA VAL B 171 17.21 13.13 -63.19
C VAL B 171 16.08 13.73 -64.03
N THR B 172 16.45 14.27 -65.19
CA THR B 172 15.49 14.84 -66.14
C THR B 172 15.46 13.94 -67.41
N PRO B 173 14.40 14.03 -68.24
CA PRO B 173 14.45 13.20 -69.46
C PRO B 173 15.25 13.84 -70.60
N ALA B 174 15.76 13.04 -71.52
CA ALA B 174 16.40 13.62 -72.70
C ALA B 174 15.79 13.10 -74.02
N ALA B 175 16.67 12.75 -74.98
CA ALA B 175 16.23 12.11 -76.22
C ALA B 175 15.74 10.69 -75.89
N GLU B 176 14.66 10.30 -76.54
CA GLU B 176 13.90 9.08 -76.29
C GLU B 176 14.74 7.91 -76.70
N GLY B 177 14.85 6.90 -75.81
CA GLY B 177 15.75 5.77 -76.05
C GLY B 177 17.21 5.99 -75.69
N GLU B 178 17.53 7.18 -75.15
CA GLU B 178 18.90 7.55 -74.86
C GLU B 178 19.01 7.84 -73.37
N PRO B 179 20.23 7.68 -72.78
CA PRO B 179 20.40 7.86 -71.34
C PRO B 179 19.75 9.13 -70.78
N ALA B 180 19.14 9.04 -69.60
CA ALA B 180 18.58 10.26 -68.98
C ALA B 180 19.73 11.13 -68.51
N ASP B 181 19.47 12.40 -68.21
CA ASP B 181 20.53 13.27 -67.71
C ASP B 181 20.48 13.23 -66.20
N VAL B 182 21.63 13.00 -65.57
CA VAL B 182 21.72 12.89 -64.10
C VAL B 182 22.70 13.91 -63.52
N ASP B 183 22.23 14.80 -62.67
CA ASP B 183 23.10 15.63 -61.88
C ASP B 183 23.10 15.14 -60.44
N LEU B 184 24.30 14.96 -59.89
CA LEU B 184 24.44 14.46 -58.51
C LEU B 184 24.37 15.53 -57.41
N GLY B 185 24.34 16.80 -57.80
CA GLY B 185 24.25 17.89 -56.82
C GLY B 185 25.57 18.09 -56.11
N ALA B 186 25.51 18.31 -54.79
CA ALA B 186 26.69 18.64 -53.95
C ALA B 186 27.79 17.63 -54.10
N ALA B 187 27.41 16.38 -54.38
CA ALA B 187 28.31 15.23 -54.48
C ALA B 187 29.02 15.10 -55.82
N GLU B 188 28.80 16.07 -56.70
CA GLU B 188 29.37 16.04 -58.05
C GLU B 188 30.87 16.14 -57.92
N GLY B 189 31.60 15.14 -58.40
CA GLY B 189 33.05 15.15 -58.26
C GLY B 189 33.52 14.35 -57.05
N TYR B 190 32.58 14.02 -56.17
CA TYR B 190 32.87 13.17 -55.02
C TYR B 190 32.35 11.72 -55.18
N ALA B 191 31.06 11.56 -55.44
CA ALA B 191 30.49 10.24 -55.69
C ALA B 191 30.63 9.83 -57.15
N GLU B 192 30.66 8.52 -57.40
CA GLU B 192 30.56 7.98 -58.75
C GLU B 192 29.16 8.11 -59.30
N LEU B 193 29.07 8.20 -60.63
CA LEU B 193 27.78 8.02 -61.31
C LEU B 193 27.83 6.72 -62.10
N ASP B 194 26.83 5.87 -61.89
CA ASP B 194 26.65 4.67 -62.71
C ASP B 194 25.28 4.72 -63.41
N ASN B 195 25.24 5.42 -64.55
CA ASN B 195 23.99 5.76 -65.20
C ASN B 195 23.61 4.75 -66.26
N ARG B 196 22.54 4.02 -65.99
CA ARG B 196 22.03 3.00 -66.88
C ARG B 196 20.53 3.22 -67.15
N ALA B 197 19.97 4.35 -66.74
CA ALA B 197 18.60 4.74 -67.10
C ALA B 197 18.43 5.15 -68.60
N VAL B 198 17.20 5.03 -69.13
CA VAL B 198 16.77 5.56 -70.46
C VAL B 198 15.72 6.64 -70.32
N THR B 199 15.51 7.39 -71.41
CA THR B 199 14.35 8.23 -71.52
C THR B 199 13.24 7.41 -72.19
N GLY B 200 12.05 7.44 -71.58
CA GLY B 200 10.93 6.64 -72.04
C GLY B 200 10.07 7.38 -73.03
N ALA B 201 9.20 6.65 -73.74
CA ALA B 201 8.27 7.30 -74.68
C ALA B 201 7.30 8.15 -73.90
N ALA B 202 6.80 9.21 -74.51
CA ALA B 202 5.78 10.00 -73.82
C ALA B 202 4.65 9.03 -73.49
N GLY B 203 4.08 9.15 -72.32
CA GLY B 203 2.97 8.27 -71.99
C GLY B 203 3.31 6.86 -71.51
N SER B 204 4.58 6.47 -71.48
CA SER B 204 4.98 5.19 -70.85
C SER B 204 5.06 5.31 -69.31
N ALA B 205 5.39 4.20 -68.64
CA ALA B 205 5.52 4.11 -67.19
C ALA B 205 6.85 4.59 -66.64
N ASN B 206 6.82 5.30 -65.50
CA ASN B 206 8.01 5.67 -64.75
C ASN B 206 8.56 4.52 -63.86
N THR B 207 9.63 3.88 -64.31
CA THR B 207 10.24 2.75 -63.60
C THR B 207 11.63 3.08 -63.02
N LEU B 208 11.87 4.38 -62.81
CA LEU B 208 13.20 4.95 -62.49
C LEU B 208 13.65 4.59 -61.08
N VAL B 209 14.89 4.15 -60.93
CA VAL B 209 15.39 3.83 -59.61
C VAL B 209 16.67 4.61 -59.40
N ILE B 210 16.75 5.37 -58.31
CA ILE B 210 18.00 5.97 -57.84
C ILE B 210 18.50 5.18 -56.60
N ASP B 211 19.72 4.67 -56.66
CA ASP B 211 20.19 3.71 -55.66
C ASP B 211 21.65 4.02 -55.29
N ARG B 212 22.14 3.44 -54.20
CA ARG B 212 23.55 3.45 -53.83
C ARG B 212 23.92 2.05 -53.35
N PRO B 213 24.54 1.23 -54.22
CA PRO B 213 24.88 -0.15 -53.86
C PRO B 213 25.64 -0.23 -52.54
N VAL B 214 25.39 -1.28 -51.77
CA VAL B 214 25.98 -1.44 -50.45
C VAL B 214 27.52 -1.45 -50.43
N GLY B 215 28.11 -0.58 -49.61
CA GLY B 215 29.54 -0.50 -49.46
C GLY B 215 30.20 0.07 -50.69
N THR B 216 29.49 0.96 -51.38
CA THR B 216 30.06 1.83 -52.43
C THR B 216 29.77 3.32 -52.09
N ASN B 217 30.42 4.23 -52.84
CA ASN B 217 30.13 5.65 -52.91
C ASN B 217 29.76 5.98 -54.36
N THR B 218 28.98 5.08 -54.93
CA THR B 218 28.52 5.12 -56.29
C THR B 218 27.02 5.30 -56.29
N ILE B 219 26.53 6.31 -57.02
CA ILE B 219 25.11 6.42 -57.31
C ILE B 219 24.73 5.69 -58.62
N ALA B 220 23.91 4.65 -58.53
CA ALA B 220 23.52 3.90 -59.72
C ALA B 220 22.06 4.17 -60.06
N VAL B 221 21.81 4.61 -61.29
CA VAL B 221 20.49 5.09 -61.68
C VAL B 221 20.03 4.15 -62.77
N THR B 222 18.90 3.48 -62.57
CA THR B 222 18.37 2.51 -63.53
C THR B 222 16.90 2.79 -63.89
N GLY B 223 16.37 2.06 -64.86
CA GLY B 223 14.96 2.17 -65.22
C GLY B 223 14.71 3.16 -66.35
N SER B 224 13.44 3.59 -66.43
CA SER B 224 12.97 4.44 -67.53
C SER B 224 12.25 5.70 -66.99
N LEU B 225 12.65 6.88 -67.50
CA LEU B 225 11.92 8.13 -67.25
C LEU B 225 11.19 8.62 -68.52
N PRO B 226 9.85 8.66 -68.50
CA PRO B 226 9.15 9.05 -69.72
C PRO B 226 9.39 10.52 -70.13
N ALA B 227 9.39 10.75 -71.43
CA ALA B 227 9.69 12.02 -72.02
C ALA B 227 8.77 13.11 -71.49
N ASP B 228 7.56 12.74 -71.09
CA ASP B 228 6.55 13.71 -70.62
C ASP B 228 6.47 13.92 -69.10
N ALA B 229 7.36 13.27 -68.34
CA ALA B 229 7.35 13.39 -66.91
C ALA B 229 8.17 14.60 -66.48
N ALA B 230 7.83 15.14 -65.32
CA ALA B 230 8.61 16.16 -64.65
C ALA B 230 9.99 15.58 -64.26
N PRO B 231 11.00 16.45 -64.03
CA PRO B 231 12.26 15.92 -63.50
C PRO B 231 12.04 15.18 -62.17
N VAL B 232 12.95 14.27 -61.82
CA VAL B 232 12.87 13.55 -60.54
C VAL B 232 13.88 14.12 -59.58
N THR B 233 13.46 14.36 -58.34
CA THR B 233 14.34 14.95 -57.32
C THR B 233 14.27 14.15 -56.02
N ALA B 234 15.42 13.65 -55.58
CA ALA B 234 15.52 12.63 -54.56
C ALA B 234 16.77 12.85 -53.74
N LEU B 235 16.65 12.68 -52.42
CA LEU B 235 17.84 12.69 -51.51
C LEU B 235 18.41 11.27 -51.31
N ARG B 236 19.72 11.16 -51.55
CA ARG B 236 20.51 9.91 -51.37
C ARG B 236 21.74 10.13 -50.50
N THR B 237 21.98 9.18 -49.60
CA THR B 237 23.15 9.23 -48.75
C THR B 237 24.50 9.04 -49.55
N VAL B 238 25.60 9.52 -48.96
CA VAL B 238 26.97 9.26 -49.43
C VAL B 238 27.75 8.55 -48.32
N ASP B 239 28.87 7.92 -48.70
CA ASP B 239 29.79 7.37 -47.72
C ASP B 239 30.68 8.49 -47.21
N GLU B 240 31.01 8.46 -45.92
CA GLU B 240 31.92 9.42 -45.31
C GLU B 240 31.42 10.86 -45.45
N PRO B 241 30.32 11.19 -44.76
CA PRO B 241 29.80 12.56 -44.75
C PRO B 241 30.87 13.63 -44.63
N ALA B 242 31.87 13.43 -43.75
CA ALA B 242 32.93 14.41 -43.52
C ALA B 242 33.85 14.61 -44.72
N ALA B 243 34.02 13.57 -45.54
CA ALA B 243 34.83 13.72 -46.73
C ALA B 243 34.06 14.53 -47.80
N LEU B 244 32.72 14.47 -47.79
CA LEU B 244 31.85 15.35 -48.59
C LEU B 244 31.95 16.77 -48.08
N ALA B 245 31.94 16.97 -46.76
CA ALA B 245 32.24 18.31 -46.18
C ALA B 245 33.62 18.85 -46.64
N GLY B 246 34.66 18.00 -46.63
CA GLY B 246 35.98 18.34 -47.16
C GLY B 246 35.89 18.75 -48.63
N HIS B 247 35.20 17.93 -49.43
CA HIS B 247 34.95 18.21 -50.86
C HIS B 247 34.30 19.56 -51.07
N LEU B 248 33.16 19.78 -50.40
CA LEU B 248 32.43 21.05 -50.42
C LEU B 248 33.19 22.23 -49.83
N PHE B 249 34.11 21.96 -48.90
CA PHE B 249 34.90 23.06 -48.34
C PHE B 249 36.06 23.50 -49.24
N GLU B 250 36.69 22.53 -49.92
CA GLU B 250 37.72 22.83 -50.90
C GLU B 250 37.18 23.74 -52.01
N GLU B 251 36.08 23.30 -52.62
CA GLU B 251 35.41 24.04 -53.66
C GLU B 251 35.15 25.46 -53.26
N ALA B 252 34.67 25.65 -52.03
CA ALA B 252 34.32 26.97 -51.47
C ALA B 252 35.53 27.89 -51.25
N LEU B 253 36.68 27.33 -50.86
CA LEU B 253 37.93 28.10 -50.79
C LEU B 253 38.31 28.52 -52.21
N GLU B 254 38.19 27.61 -53.15
CA GLU B 254 38.53 27.94 -54.53
C GLU B 254 37.71 29.14 -55.05
N SER B 255 36.41 29.18 -54.75
CA SER B 255 35.53 30.34 -55.06
C SER B 255 35.92 31.66 -54.37
N ASN B 256 36.44 31.61 -53.14
CA ASN B 256 36.86 32.81 -52.37
C ASN B 256 38.36 33.14 -52.51
N GLY B 257 38.97 32.65 -53.60
CA GLY B 257 40.35 33.00 -53.92
C GLY B 257 41.42 32.38 -53.05
N VAL B 258 41.13 31.19 -52.52
CA VAL B 258 42.16 30.37 -51.84
C VAL B 258 42.48 29.13 -52.70
N THR B 259 43.76 28.90 -52.91
CA THR B 259 44.18 27.74 -53.68
C THR B 259 44.57 26.63 -52.74
N VAL B 260 44.11 25.42 -53.04
CA VAL B 260 44.52 24.23 -52.32
C VAL B 260 45.41 23.43 -53.26
N LYS B 261 46.71 23.42 -52.97
CA LYS B 261 47.67 22.79 -53.85
C LYS B 261 47.46 21.28 -53.78
N GLY B 262 47.35 20.75 -52.55
CA GLY B 262 47.40 19.30 -52.27
C GLY B 262 46.12 18.51 -52.41
N ASP B 263 45.92 17.54 -51.51
CA ASP B 263 44.77 16.61 -51.55
C ASP B 263 43.68 16.88 -50.49
N VAL B 264 42.50 16.30 -50.69
CA VAL B 264 41.44 16.37 -49.68
C VAL B 264 41.21 14.97 -49.13
N GLY B 265 41.21 14.85 -47.80
CA GLY B 265 41.02 13.56 -47.13
C GLY B 265 40.71 13.72 -45.66
N LEU B 266 40.57 12.61 -44.96
CA LEU B 266 40.18 12.60 -43.54
C LEU B 266 41.39 12.51 -42.63
N GLY B 267 41.43 13.36 -41.59
CA GLY B 267 42.52 13.36 -40.63
C GLY B 267 42.30 14.24 -39.42
N GLY B 268 42.99 13.92 -38.32
CA GLY B 268 42.82 14.71 -37.09
C GLY B 268 43.96 15.67 -36.83
N VAL B 269 43.64 16.85 -36.31
CA VAL B 269 44.66 17.81 -35.87
C VAL B 269 45.73 17.06 -35.05
N PRO B 270 47.00 17.11 -35.49
CA PRO B 270 48.11 16.25 -35.05
C PRO B 270 48.35 15.96 -33.57
N ALA B 271 48.06 16.93 -32.69
CA ALA B 271 48.33 16.78 -31.22
C ALA B 271 49.73 17.24 -30.79
N ASP B 272 50.77 16.87 -31.53
CA ASP B 272 52.07 17.45 -31.26
C ASP B 272 52.11 18.98 -31.50
N TRP B 273 51.31 19.47 -32.46
CA TRP B 273 50.94 20.91 -32.56
C TRP B 273 50.39 21.39 -31.22
N GLN B 274 50.87 22.53 -30.71
CA GLN B 274 50.32 23.05 -29.43
C GLN B 274 49.96 24.54 -29.34
N ASP B 275 50.28 25.31 -30.38
CA ASP B 275 49.81 26.69 -30.45
C ASP B 275 49.06 26.88 -31.78
N ALA B 276 47.87 26.30 -31.84
CA ALA B 276 47.08 26.18 -33.07
C ALA B 276 46.46 27.50 -33.51
N GLU B 277 46.29 27.69 -34.81
CA GLU B 277 45.80 28.97 -35.34
C GLU B 277 44.37 28.83 -35.89
N VAL B 278 43.38 29.36 -35.17
CA VAL B 278 41.98 29.32 -35.64
C VAL B 278 41.69 30.40 -36.69
N LEU B 279 41.91 30.05 -37.96
CA LEU B 279 41.67 30.96 -39.08
C LEU B 279 40.18 31.27 -39.26
N ALA B 280 39.31 30.29 -39.01
CA ALA B 280 37.85 30.47 -39.16
C ALA B 280 37.07 29.65 -38.18
N ASP B 281 35.90 30.16 -37.78
CA ASP B 281 34.93 29.38 -36.98
C ASP B 281 33.46 29.61 -37.36
N HIS B 282 32.58 28.86 -36.68
CA HIS B 282 31.12 28.98 -36.77
C HIS B 282 30.42 28.46 -35.49
N THR B 283 29.29 29.08 -35.17
CA THR B 283 28.46 28.73 -34.00
C THR B 283 26.99 28.58 -34.38
N SER B 284 26.42 27.44 -34.00
CA SER B 284 25.07 27.10 -34.33
C SER B 284 24.02 27.89 -33.52
N ALA B 285 22.78 27.87 -34.00
CA ALA B 285 21.63 28.22 -33.18
C ALA B 285 21.65 27.27 -31.98
N GLU B 286 20.97 27.64 -30.91
CA GLU B 286 21.02 26.84 -29.68
C GLU B 286 20.10 25.62 -29.78
N LEU B 287 20.36 24.61 -28.95
CA LEU B 287 19.55 23.39 -28.90
C LEU B 287 18.04 23.64 -29.03
N SER B 288 17.52 24.63 -28.32
CA SER B 288 16.07 24.83 -28.22
C SER B 288 15.41 25.11 -29.56
N GLU B 289 16.18 25.71 -30.50
CA GLU B 289 15.74 25.94 -31.88
C GLU B 289 15.97 24.69 -32.75
N ILE B 290 17.12 24.06 -32.57
CA ILE B 290 17.45 22.83 -33.25
C ILE B 290 16.37 21.77 -32.99
N LEU B 291 15.72 21.82 -31.83
CA LEU B 291 14.68 20.83 -31.48
C LEU B 291 13.50 20.81 -32.43
N VAL B 292 13.32 21.90 -33.18
CA VAL B 292 12.14 22.08 -34.00
C VAL B 292 12.24 21.30 -35.29
N PRO B 293 13.22 21.61 -36.17
CA PRO B 293 13.32 20.70 -37.31
C PRO B 293 13.42 19.21 -36.90
N PHE B 294 13.93 18.95 -35.71
CA PHE B 294 14.31 17.62 -35.27
C PHE B 294 13.09 16.80 -34.87
N MET B 295 12.26 17.31 -33.94
CA MET B 295 11.06 16.59 -33.47
C MET B 295 9.83 16.71 -34.37
N LYS B 296 9.73 17.84 -35.07
CA LYS B 296 8.63 18.06 -35.99
C LYS B 296 8.62 17.05 -37.16
N PHE B 297 9.81 16.61 -37.58
CA PHE B 297 9.99 15.87 -38.83
C PHE B 297 10.62 14.53 -38.62
N SER B 298 11.03 14.31 -37.37
CA SER B 298 11.65 13.09 -36.89
C SER B 298 13.02 12.84 -37.51
N ASN B 299 13.95 13.77 -37.36
CA ASN B 299 15.26 13.63 -38.01
C ASN B 299 16.19 12.57 -37.36
N ASN B 300 16.29 11.40 -37.97
CA ASN B 300 17.13 10.33 -37.44
C ASN B 300 18.59 10.76 -37.19
N GLY B 301 19.25 11.31 -38.21
CA GLY B 301 20.64 11.79 -38.07
C GLY B 301 20.88 12.68 -36.85
N HIS B 302 20.03 13.71 -36.66
CA HIS B 302 20.09 14.61 -35.49
C HIS B 302 20.13 13.79 -34.19
N ALA B 303 19.22 12.83 -34.07
CA ALA B 303 19.09 12.11 -32.79
C ALA B 303 20.35 11.37 -32.40
N GLU B 304 20.97 10.67 -33.35
CA GLU B 304 22.18 9.92 -33.12
C GLU B 304 23.32 10.86 -32.80
N MET B 305 23.35 12.00 -33.47
CA MET B 305 24.37 13.02 -33.23
C MET B 305 24.32 13.49 -31.79
N LEU B 306 23.12 13.67 -31.26
CA LEU B 306 22.91 14.07 -29.86
C LEU B 306 23.27 12.99 -28.85
N VAL B 307 23.06 11.72 -29.17
CA VAL B 307 23.49 10.68 -28.27
C VAL B 307 25.02 10.66 -28.10
N LYS B 308 25.74 10.95 -29.18
CA LYS B 308 27.20 10.98 -29.11
C LYS B 308 27.65 12.29 -28.42
N SER B 309 26.87 13.36 -28.57
CA SER B 309 27.12 14.61 -27.84
C SER B 309 26.96 14.40 -26.32
N ILE B 310 26.08 13.47 -25.98
CA ILE B 310 25.84 13.08 -24.60
C ILE B 310 27.07 12.30 -24.11
N GLY B 311 27.49 11.29 -24.87
CA GLY B 311 28.75 10.60 -24.60
C GLY B 311 29.93 11.51 -24.37
N GLN B 312 30.03 12.60 -25.12
CA GLN B 312 31.18 13.50 -25.00
C GLN B 312 31.13 14.30 -23.70
N GLU B 313 29.97 14.88 -23.43
CA GLU B 313 29.76 15.68 -22.23
C GLU B 313 29.91 14.86 -20.94
N THR B 314 29.30 13.68 -20.91
CA THR B 314 29.23 12.90 -19.70
C THR B 314 30.35 11.85 -19.55
N ALA B 315 31.31 11.79 -20.49
CA ALA B 315 32.40 10.81 -20.40
C ALA B 315 33.64 11.06 -21.29
N GLY B 316 33.67 12.19 -22.02
CA GLY B 316 34.80 12.47 -22.96
C GLY B 316 35.00 11.36 -23.99
N ALA B 317 33.89 10.72 -24.37
CA ALA B 317 33.88 9.64 -25.35
C ALA B 317 32.65 9.79 -26.27
N GLY B 318 32.86 10.24 -27.51
CA GLY B 318 31.74 10.46 -28.43
C GLY B 318 31.28 9.17 -29.10
N THR B 319 30.66 8.27 -28.32
CA THR B 319 30.31 6.93 -28.77
C THR B 319 28.85 6.62 -28.47
N TRP B 320 28.35 5.54 -29.09
CA TRP B 320 27.03 4.98 -28.76
C TRP B 320 27.06 4.30 -27.39
N ASP B 321 28.04 3.41 -27.15
CA ASP B 321 28.13 2.66 -25.88
C ASP B 321 28.10 3.68 -24.72
N ALA B 322 28.89 4.75 -24.85
CA ALA B 322 28.94 5.82 -23.83
C ALA B 322 27.70 6.70 -23.73
N GLY B 323 27.22 7.21 -24.86
CA GLY B 323 26.10 8.15 -24.83
C GLY B 323 24.75 7.57 -24.45
N LEU B 324 24.58 6.27 -24.66
CA LEU B 324 23.38 5.56 -24.24
C LEU B 324 23.37 5.31 -22.72
N VAL B 325 24.55 5.12 -22.15
CA VAL B 325 24.74 5.00 -20.71
C VAL B 325 24.35 6.30 -20.08
N GLY B 326 24.68 7.40 -20.74
CA GLY B 326 24.39 8.72 -20.24
C GLY B 326 22.95 9.16 -20.45
N VAL B 327 22.28 8.61 -21.47
CA VAL B 327 20.85 8.93 -21.71
C VAL B 327 20.03 8.22 -20.65
N GLU B 328 20.35 6.95 -20.41
CA GLU B 328 19.63 6.13 -19.43
C GLU B 328 19.87 6.65 -18.03
N GLU B 329 21.05 7.24 -17.82
CA GLU B 329 21.38 7.85 -16.54
C GLU B 329 20.72 9.23 -16.36
N ALA B 330 20.58 10.01 -17.43
CA ALA B 330 19.89 11.32 -17.35
C ALA B 330 18.38 11.16 -17.13
N LEU B 331 17.78 10.13 -17.73
CA LEU B 331 16.39 9.80 -17.48
C LEU B 331 16.11 9.49 -15.98
N SER B 332 16.96 8.63 -15.39
CA SER B 332 16.99 8.38 -13.95
C SER B 332 17.03 9.70 -13.17
N GLY B 333 18.01 10.54 -13.51
CA GLY B 333 18.18 11.86 -12.91
C GLY B 333 16.91 12.66 -12.89
N LEU B 334 16.11 12.57 -13.96
CA LEU B 334 14.87 13.34 -14.12
C LEU B 334 13.58 12.78 -13.43
N GLY B 335 13.60 11.51 -13.00
CA GLY B 335 12.48 10.93 -12.26
C GLY B 335 11.92 9.62 -12.79
N VAL B 336 12.23 9.32 -14.05
CA VAL B 336 11.72 8.16 -14.77
C VAL B 336 12.26 6.83 -14.24
N ASP B 337 11.38 5.85 -14.05
CA ASP B 337 11.78 4.46 -13.78
C ASP B 337 12.20 3.85 -15.12
N THR B 338 13.50 3.66 -15.32
CA THR B 338 14.06 3.18 -16.61
C THR B 338 14.21 1.65 -16.70
N ALA B 339 13.47 0.93 -15.87
CA ALA B 339 13.67 -0.51 -15.67
C ALA B 339 13.17 -1.33 -16.87
N GLY B 340 12.07 -0.88 -17.46
CA GLY B 340 11.54 -1.52 -18.68
C GLY B 340 12.14 -1.05 -20.01
N LEU B 341 13.15 -0.18 -19.92
CA LEU B 341 13.82 0.38 -21.12
C LEU B 341 15.01 -0.42 -21.68
N VAL B 342 15.06 -0.58 -23.01
CA VAL B 342 16.27 -1.08 -23.67
C VAL B 342 16.58 -0.05 -24.75
N LEU B 343 17.79 0.51 -24.68
CA LEU B 343 18.20 1.64 -25.51
C LEU B 343 19.34 1.18 -26.41
N ASN B 344 19.07 1.09 -27.71
CA ASN B 344 20.05 0.73 -28.70
C ASN B 344 20.42 1.88 -29.66
N ASP B 345 19.61 2.97 -29.65
CA ASP B 345 19.91 4.19 -30.41
C ASP B 345 19.09 5.44 -30.05
N GLY B 346 19.41 6.56 -30.70
CA GLY B 346 18.76 7.83 -30.39
C GLY B 346 17.45 7.99 -31.14
N SER B 347 17.47 7.53 -32.40
CA SER B 347 16.38 7.84 -33.34
C SER B 347 15.17 6.94 -33.32
N GLY B 348 15.32 5.66 -32.91
CA GLY B 348 14.22 4.68 -33.00
C GLY B 348 14.28 3.79 -34.25
N LEU B 349 15.22 4.05 -35.14
CA LEU B 349 15.48 3.17 -36.30
C LEU B 349 15.71 1.69 -35.92
N SER B 350 16.43 1.45 -34.83
CA SER B 350 16.88 0.10 -34.45
C SER B 350 15.78 -0.84 -33.96
N ARG B 351 15.81 -2.08 -34.42
CA ARG B 351 14.81 -3.06 -34.00
C ARG B 351 15.15 -3.74 -32.67
N GLY B 352 16.13 -3.16 -31.95
CA GLY B 352 16.63 -3.66 -30.69
C GLY B 352 16.31 -2.74 -29.52
N ASN B 353 15.50 -1.70 -29.79
CA ASN B 353 14.96 -0.80 -28.78
C ASN B 353 13.61 -1.33 -28.28
N LEU B 354 13.31 -1.07 -26.99
CA LEU B 354 12.03 -1.43 -26.36
C LEU B 354 11.71 -0.40 -25.32
N VAL B 355 10.44 -0.01 -25.26
CA VAL B 355 9.89 0.86 -24.21
C VAL B 355 8.66 0.12 -23.65
N THR B 356 8.06 0.67 -22.59
CA THR B 356 6.67 0.30 -22.19
C THR B 356 5.83 1.57 -22.20
N ALA B 357 4.54 1.41 -22.48
CA ALA B 357 3.60 2.52 -22.56
C ALA B 357 3.55 3.34 -21.26
N ASP B 358 3.65 2.66 -20.10
CA ASP B 358 3.76 3.31 -18.80
C ASP B 358 4.99 4.21 -18.73
N THR B 359 6.12 3.69 -19.20
CA THR B 359 7.38 4.40 -19.19
C THR B 359 7.28 5.69 -19.98
N VAL B 360 6.56 5.65 -21.11
CA VAL B 360 6.46 6.80 -22.02
C VAL B 360 5.65 7.91 -21.33
N VAL B 361 4.63 7.50 -20.58
CA VAL B 361 3.78 8.43 -19.85
C VAL B 361 4.49 8.97 -18.57
N ASP B 362 5.31 8.14 -17.93
CA ASP B 362 6.19 8.57 -16.84
C ASP B 362 7.07 9.66 -17.42
N LEU B 363 7.78 9.36 -18.51
CA LEU B 363 8.63 10.34 -19.18
C LEU B 363 7.90 11.65 -19.46
N LEU B 364 6.70 11.56 -20.00
CA LEU B 364 5.90 12.73 -20.36
C LEU B 364 5.39 13.53 -19.16
N GLY B 365 5.16 12.83 -18.05
CA GLY B 365 4.93 13.48 -16.75
C GLY B 365 6.12 14.33 -16.28
N GLN B 366 7.23 13.66 -15.96
CA GLN B 366 8.42 14.32 -15.44
C GLN B 366 8.86 15.53 -16.26
N ALA B 367 8.79 15.39 -17.59
CA ALA B 367 9.12 16.46 -18.54
C ALA B 367 8.07 17.60 -18.58
N GLY B 368 6.90 17.33 -18.02
CA GLY B 368 5.87 18.35 -17.84
C GLY B 368 6.35 19.43 -16.90
N SER B 369 6.88 19.02 -15.75
CA SER B 369 7.29 19.94 -14.68
C SER B 369 8.81 20.30 -14.59
N ALA B 370 9.58 19.95 -15.62
CA ALA B 370 11.01 20.29 -15.72
C ALA B 370 11.09 21.73 -16.23
N PRO B 371 12.13 22.51 -15.84
CA PRO B 371 12.13 23.93 -16.26
C PRO B 371 11.90 24.12 -17.74
N TRP B 372 12.63 23.36 -18.56
CA TRP B 372 12.62 23.49 -20.01
C TRP B 372 11.34 22.99 -20.70
N ALA B 373 10.22 22.93 -19.97
CA ALA B 373 9.01 22.31 -20.48
C ALA B 373 8.34 23.10 -21.61
N GLN B 374 8.66 24.39 -21.74
CA GLN B 374 8.05 25.21 -22.79
C GLN B 374 8.66 24.84 -24.14
N THR B 375 9.99 24.71 -24.18
CA THR B 375 10.73 24.34 -25.40
C THR B 375 10.49 22.89 -25.84
N TRP B 376 10.35 21.99 -24.88
CA TRP B 376 10.12 20.57 -25.16
C TRP B 376 8.73 20.37 -25.77
N SER B 377 7.74 21.09 -25.27
CA SER B 377 6.37 20.87 -25.74
C SER B 377 6.02 21.78 -26.93
N ALA B 378 6.89 22.73 -27.23
CA ALA B 378 6.82 23.47 -28.49
C ALA B 378 7.39 22.69 -29.68
N SER B 379 8.33 21.79 -29.44
CA SER B 379 8.98 20.99 -30.51
C SER B 379 8.10 19.88 -31.08
N LEU B 380 7.11 19.44 -30.31
CA LEU B 380 6.26 18.31 -30.70
C LEU B 380 5.28 18.70 -31.81
N PRO B 381 5.10 17.83 -32.82
CA PRO B 381 4.05 18.08 -33.83
C PRO B 381 2.66 18.34 -33.19
N VAL B 382 1.92 19.30 -33.75
CA VAL B 382 0.56 19.63 -33.29
C VAL B 382 -0.38 19.12 -34.38
N ALA B 383 -1.40 18.36 -33.99
CA ALA B 383 -2.32 17.73 -34.96
C ALA B 383 -2.99 18.71 -35.94
N GLY B 384 -3.08 18.30 -37.21
CA GLY B 384 -3.88 18.99 -38.21
C GLY B 384 -3.53 20.42 -38.53
N GLU B 385 -2.27 20.79 -38.28
CA GLU B 385 -1.80 22.16 -38.54
C GLU B 385 -1.09 22.24 -39.88
N SER B 386 -1.74 22.87 -40.85
CA SER B 386 -1.23 22.95 -42.21
C SER B 386 0.22 23.43 -42.37
N ASP B 387 0.71 24.27 -41.45
CA ASP B 387 2.08 24.78 -41.50
C ASP B 387 3.07 23.64 -41.16
N PRO B 388 3.99 23.31 -42.09
CA PRO B 388 4.90 22.17 -41.89
C PRO B 388 5.73 22.29 -40.62
N PHE B 389 6.04 23.52 -40.21
CA PHE B 389 6.85 23.76 -39.00
C PHE B 389 6.02 23.81 -37.72
N VAL B 390 4.69 23.71 -37.87
CA VAL B 390 3.79 23.58 -36.74
C VAL B 390 3.23 22.15 -36.67
N GLY B 391 2.72 21.68 -37.79
CA GLY B 391 2.06 20.39 -37.82
C GLY B 391 3.02 19.24 -38.01
N GLY B 392 4.16 19.49 -38.64
CA GLY B 392 5.11 18.41 -38.95
C GLY B 392 4.46 17.12 -39.43
N THR B 393 4.79 16.01 -38.78
CA THR B 393 4.29 14.70 -39.15
C THR B 393 2.82 14.47 -38.83
N LEU B 394 2.16 15.49 -38.27
CA LEU B 394 0.72 15.43 -37.95
C LEU B 394 -0.13 16.37 -38.80
N ALA B 395 0.49 16.95 -39.83
CA ALA B 395 -0.09 18.04 -40.64
C ALA B 395 -1.40 17.68 -41.38
N ASN B 396 -1.43 16.47 -41.93
CA ASN B 396 -2.60 15.91 -42.59
C ASN B 396 -3.30 14.88 -41.73
N ARG B 397 -3.00 14.82 -40.43
CA ARG B 397 -3.80 13.95 -39.55
C ARG B 397 -4.75 14.75 -38.64
N MET B 398 -6.00 14.29 -38.50
CA MET B 398 -6.92 14.88 -37.50
C MET B 398 -7.50 16.27 -37.84
N ARG B 399 -7.37 16.66 -39.11
CA ARG B 399 -7.99 17.86 -39.65
C ARG B 399 -9.51 17.79 -39.55
N GLY B 400 -10.13 18.84 -39.01
CA GLY B 400 -11.59 18.90 -38.92
C GLY B 400 -12.17 18.01 -37.82
N THR B 401 -11.35 17.75 -36.81
CA THR B 401 -11.73 16.99 -35.61
C THR B 401 -11.47 17.81 -34.32
N ALA B 402 -12.07 17.36 -33.21
CA ALA B 402 -11.82 17.92 -31.87
C ALA B 402 -10.36 18.10 -31.51
N ALA B 403 -9.50 17.22 -32.06
CA ALA B 403 -8.04 17.22 -31.79
C ALA B 403 -7.23 18.24 -32.60
N GLU B 404 -7.83 18.82 -33.64
CA GLU B 404 -7.13 19.75 -34.54
C GLU B 404 -6.52 20.95 -33.78
N GLY B 405 -5.22 21.14 -33.95
CA GLY B 405 -4.53 22.24 -33.29
C GLY B 405 -4.57 22.22 -31.77
N VAL B 406 -4.94 21.09 -31.20
CA VAL B 406 -4.96 20.89 -29.75
C VAL B 406 -3.92 19.83 -29.34
N VAL B 407 -4.03 18.64 -29.93
CA VAL B 407 -3.06 17.56 -29.66
C VAL B 407 -1.63 17.92 -30.09
N GLU B 408 -0.71 17.85 -29.14
CA GLU B 408 0.75 17.88 -29.37
C GLU B 408 1.29 16.45 -29.16
N ALA B 409 1.82 15.81 -30.20
CA ALA B 409 2.25 14.42 -30.07
C ALA B 409 3.35 13.99 -31.04
N LYS B 410 4.09 12.95 -30.66
CA LYS B 410 5.22 12.42 -31.41
C LYS B 410 4.85 11.07 -32.03
N THR B 411 4.98 11.00 -33.35
CA THR B 411 4.72 9.84 -34.20
C THR B 411 5.95 8.90 -34.36
N GLY B 412 5.84 7.92 -35.24
CA GLY B 412 6.90 6.96 -35.48
C GLY B 412 6.34 5.67 -36.04
N THR B 413 6.66 5.43 -37.32
CA THR B 413 6.19 4.25 -38.08
C THR B 413 7.32 3.52 -38.79
N MET B 414 7.32 2.19 -38.68
CA MET B 414 8.00 1.31 -39.64
C MET B 414 7.24 -0.01 -39.77
N SER B 415 7.77 -0.99 -40.52
CA SER B 415 7.11 -2.30 -40.73
C SER B 415 6.60 -3.00 -39.49
N GLY B 416 5.30 -3.17 -39.36
CA GLY B 416 4.73 -3.75 -38.14
C GLY B 416 5.02 -3.04 -36.83
N VAL B 417 5.37 -1.74 -36.89
CA VAL B 417 5.65 -0.88 -35.71
C VAL B 417 5.07 0.52 -35.96
N SER B 418 4.30 1.03 -35.00
CA SER B 418 3.66 2.37 -35.10
C SER B 418 3.29 2.87 -33.69
N ALA B 419 3.48 4.16 -33.46
CA ALA B 419 3.29 4.78 -32.13
C ALA B 419 2.83 6.25 -32.21
N LEU B 420 1.97 6.64 -31.25
CA LEU B 420 1.53 8.03 -31.06
C LEU B 420 1.46 8.34 -29.58
N SER B 421 2.28 9.31 -29.15
CA SER B 421 2.43 9.63 -27.74
C SER B 421 2.57 11.15 -27.55
N GLY B 422 1.91 11.71 -26.54
CA GLY B 422 2.00 13.15 -26.35
C GLY B 422 0.99 13.78 -25.41
N TYR B 423 0.61 15.02 -25.71
CA TYR B 423 -0.27 15.80 -24.82
C TYR B 423 -1.64 16.19 -25.40
N VAL B 424 -2.64 16.17 -24.52
CA VAL B 424 -3.96 16.78 -24.76
C VAL B 424 -4.18 17.95 -23.76
N PRO B 425 -3.78 19.21 -24.14
CA PRO B 425 -4.04 20.42 -23.33
C PRO B 425 -5.52 20.60 -23.01
N GLY B 426 -5.83 21.18 -21.86
CA GLY B 426 -7.24 21.29 -21.48
C GLY B 426 -7.67 22.64 -20.95
N PRO B 427 -8.94 23.05 -21.26
CA PRO B 427 -9.66 24.01 -20.39
C PRO B 427 -9.55 23.61 -18.90
N GLU B 428 -9.27 22.32 -18.66
CA GLU B 428 -9.48 21.66 -17.37
C GLU B 428 -8.15 21.16 -16.73
N GLY B 429 -7.29 20.57 -17.56
CA GLY B 429 -6.01 20.05 -17.07
C GLY B 429 -5.44 18.99 -18.00
N GLU B 430 -4.23 19.29 -18.49
CA GLU B 430 -3.35 18.42 -19.29
C GLU B 430 -3.54 16.88 -19.13
N LEU B 431 -3.76 16.19 -20.25
CA LEU B 431 -3.68 14.72 -20.31
C LEU B 431 -2.40 14.26 -21.02
N ALA B 432 -1.88 13.10 -20.63
CA ALA B 432 -0.79 12.45 -21.37
C ALA B 432 -1.20 11.03 -21.77
N PHE B 433 -0.79 10.64 -22.97
CA PHE B 433 -1.13 9.34 -23.52
C PHE B 433 0.04 8.69 -24.29
N SER B 434 0.00 7.36 -24.38
CA SER B 434 0.92 6.56 -25.22
C SER B 434 0.18 5.42 -25.94
N ILE B 435 0.31 5.35 -27.27
CA ILE B 435 -0.16 4.22 -28.08
C ILE B 435 1.02 3.59 -28.85
N VAL B 436 1.37 2.36 -28.46
CA VAL B 436 2.42 1.61 -29.15
C VAL B 436 1.82 0.36 -29.74
N ASN B 437 1.73 0.31 -31.07
CA ASN B 437 1.18 -0.82 -31.82
C ASN B 437 2.32 -1.71 -32.38
N ASN B 438 2.30 -3.01 -32.07
CA ASN B 438 3.25 -3.99 -32.64
C ASN B 438 2.53 -5.24 -33.19
N GLY B 439 2.99 -5.81 -34.30
CA GLY B 439 2.50 -7.12 -34.71
C GLY B 439 1.37 -7.14 -35.73
N HIS B 440 0.83 -5.96 -36.07
CA HIS B 440 -0.18 -5.84 -37.12
C HIS B 440 0.40 -6.26 -38.46
N SER B 441 -0.45 -6.81 -39.33
CA SER B 441 -0.07 -7.40 -40.62
C SER B 441 -0.24 -6.44 -41.80
N GLY B 442 -1.04 -5.39 -41.63
CA GLY B 442 -1.32 -4.45 -42.73
C GLY B 442 -0.45 -3.20 -42.72
N PRO B 443 -0.96 -2.09 -43.29
CA PRO B 443 -0.34 -0.77 -43.07
C PRO B 443 -0.48 -0.30 -41.61
N ALA B 444 0.26 0.73 -41.25
CA ALA B 444 0.19 1.33 -39.91
C ALA B 444 -1.26 1.73 -39.54
N PRO B 445 -1.71 1.43 -38.29
CA PRO B 445 -3.08 1.75 -37.93
C PRO B 445 -3.17 3.20 -37.47
N LEU B 446 -2.84 4.12 -38.37
CA LEU B 446 -2.84 5.55 -38.13
C LEU B 446 -4.25 6.13 -37.86
N ALA B 447 -5.28 5.57 -38.47
CA ALA B 447 -6.64 6.07 -38.23
C ALA B 447 -7.18 5.64 -36.86
N VAL B 448 -6.63 4.55 -36.32
CA VAL B 448 -6.94 4.05 -34.97
C VAL B 448 -6.34 4.97 -33.89
N GLN B 449 -5.06 5.29 -34.03
CA GLN B 449 -4.37 6.20 -33.11
C GLN B 449 -5.00 7.60 -33.15
N ASP B 450 -5.32 8.06 -34.37
CA ASP B 450 -6.09 9.27 -34.57
C ASP B 450 -7.42 9.17 -33.83
N ALA B 451 -8.17 8.09 -34.01
CA ALA B 451 -9.51 7.96 -33.39
C ALA B 451 -9.48 7.85 -31.87
N ILE B 452 -8.36 7.41 -31.31
CA ILE B 452 -8.18 7.35 -29.86
C ILE B 452 -7.78 8.73 -29.38
N ALA B 453 -6.96 9.41 -30.18
CA ALA B 453 -6.47 10.75 -29.85
C ALA B 453 -7.61 11.73 -29.86
N VAL B 454 -8.47 11.62 -30.87
CA VAL B 454 -9.64 12.48 -31.00
C VAL B 454 -10.61 12.26 -29.82
N ARG B 455 -10.85 10.99 -29.47
CA ARG B 455 -11.71 10.66 -28.32
C ARG B 455 -11.15 11.20 -27.01
N LEU B 456 -9.82 11.32 -26.90
CA LEU B 456 -9.23 11.92 -25.70
C LEU B 456 -9.37 13.43 -25.64
N ALA B 457 -9.43 14.10 -26.80
CA ALA B 457 -9.68 15.55 -26.88
C ALA B 457 -11.12 15.90 -26.46
N GLU B 458 -12.09 15.07 -26.87
CA GLU B 458 -13.48 15.23 -26.41
C GLU B 458 -13.58 15.14 -24.88
N TYR B 459 -12.95 14.13 -24.27
CA TYR B 459 -12.97 14.00 -22.81
C TYR B 459 -12.45 15.27 -22.10
N ALA B 460 -11.50 15.94 -22.75
CA ALA B 460 -10.90 17.19 -22.25
C ALA B 460 -11.69 18.44 -22.66
N GLY B 461 -12.87 18.22 -23.27
CA GLY B 461 -13.84 19.28 -23.52
C GLY B 461 -13.55 20.16 -24.71
N HIS B 462 -13.18 19.53 -25.82
CA HIS B 462 -12.98 20.26 -27.06
C HIS B 462 -14.06 19.90 -28.08
N GLN B 463 -14.24 20.77 -29.07
CA GLN B 463 -15.29 20.65 -30.06
C GLN B 463 -14.67 20.62 -31.44
N ALA B 464 -15.37 20.00 -32.39
CA ALA B 464 -14.96 20.08 -33.79
C ALA B 464 -15.04 21.53 -34.30
N PRO B 465 -13.87 22.14 -34.61
CA PRO B 465 -13.80 23.61 -34.83
C PRO B 465 -14.12 24.06 -36.27
N GLU B 466 -13.98 25.24 -36.59
N ARG C 1 -66.28 -9.38 43.96
CA ARG C 1 -65.00 -9.14 44.70
C ARG C 1 -63.80 -9.87 44.05
N LEU C 2 -62.91 -10.37 44.91
CA LEU C 2 -61.80 -11.23 44.51
C LEU C 2 -62.26 -12.63 44.08
N THR C 3 -63.41 -13.07 44.58
CA THR C 3 -63.86 -14.46 44.37
C THR C 3 -64.30 -14.70 42.93
N GLU C 4 -64.51 -13.61 42.20
CA GLU C 4 -64.98 -13.67 40.82
C GLU C 4 -63.80 -13.80 39.85
N LEU C 5 -62.73 -13.05 40.11
CA LEU C 5 -61.47 -13.18 39.37
C LEU C 5 -60.93 -14.62 39.39
N ARG C 6 -61.10 -15.29 40.53
CA ARG C 6 -60.58 -16.64 40.73
C ARG C 6 -61.35 -17.71 39.95
N GLU C 7 -62.68 -17.56 39.89
CA GLU C 7 -63.52 -18.44 39.06
C GLU C 7 -63.19 -18.24 37.57
N ASP C 8 -63.06 -16.98 37.16
CA ASP C 8 -62.67 -16.61 35.78
C ASP C 8 -61.33 -17.18 35.29
N ILE C 9 -60.36 -17.37 36.19
CA ILE C 9 -59.07 -17.99 35.83
C ILE C 9 -59.25 -19.50 35.75
N ASP C 10 -59.96 -20.06 36.74
CA ASP C 10 -60.31 -21.49 36.76
C ASP C 10 -60.92 -22.00 35.46
N ALA C 11 -61.79 -21.16 34.90
CA ALA C 11 -62.57 -21.45 33.70
C ALA C 11 -61.76 -21.30 32.39
N ILE C 12 -60.81 -20.36 32.39
CA ILE C 12 -59.89 -20.13 31.29
C ILE C 12 -58.94 -21.31 31.19
N LEU C 13 -58.47 -21.79 32.34
CA LEU C 13 -57.62 -22.98 32.37
C LEU C 13 -58.31 -24.30 31.97
N GLU C 14 -59.64 -24.30 31.91
CA GLU C 14 -60.40 -25.43 31.36
C GLU C 14 -60.43 -25.40 29.83
N ASP C 15 -59.65 -24.51 29.22
CA ASP C 15 -59.46 -24.50 27.76
C ASP C 15 -58.89 -25.83 27.26
N PRO C 16 -59.43 -26.36 26.13
CA PRO C 16 -58.98 -27.59 25.47
C PRO C 16 -57.51 -27.68 25.11
N ALA C 17 -56.84 -26.56 24.85
CA ALA C 17 -55.39 -26.57 24.50
C ALA C 17 -54.51 -27.11 25.65
N LEU C 18 -55.07 -27.10 26.87
CA LEU C 18 -54.37 -27.52 28.08
C LEU C 18 -54.90 -28.86 28.61
N GLU C 19 -55.31 -29.70 27.69
CA GLU C 19 -55.78 -31.04 27.95
C GLU C 19 -54.59 -31.91 28.35
N GLY C 20 -54.62 -32.41 29.59
CA GLY C 20 -53.63 -33.37 30.07
C GLY C 20 -52.33 -32.74 30.52
N ALA C 21 -52.35 -31.41 30.62
CA ALA C 21 -51.19 -30.58 30.92
C ALA C 21 -51.15 -30.19 32.39
N VAL C 22 -50.01 -29.66 32.84
CA VAL C 22 -49.79 -29.08 34.17
C VAL C 22 -49.53 -27.58 34.02
N SER C 23 -50.29 -26.77 34.73
CA SER C 23 -50.04 -25.33 34.72
C SER C 23 -49.86 -24.71 36.11
N GLY C 24 -48.65 -24.21 36.37
CA GLY C 24 -48.37 -23.36 37.51
C GLY C 24 -48.78 -21.93 37.15
N VAL C 25 -49.63 -21.35 38.00
CA VAL C 25 -50.19 -20.02 37.81
C VAL C 25 -50.24 -19.37 39.19
N VAL C 26 -49.49 -18.29 39.36
CA VAL C 26 -49.49 -17.52 40.62
C VAL C 26 -49.64 -16.01 40.33
N VAL C 27 -50.63 -15.36 40.95
CA VAL C 27 -50.84 -13.91 40.87
C VAL C 27 -50.84 -13.27 42.27
N VAL C 28 -49.98 -12.27 42.45
CA VAL C 28 -49.77 -11.62 43.74
C VAL C 28 -49.88 -10.11 43.54
N ASP C 29 -50.39 -9.38 44.53
CA ASP C 29 -50.35 -7.91 44.54
C ASP C 29 -49.01 -7.48 45.13
N THR C 30 -48.24 -6.69 44.40
CA THR C 30 -46.86 -6.39 44.87
C THR C 30 -46.86 -5.22 45.85
N ALA C 31 -47.92 -4.42 45.80
CA ALA C 31 -48.15 -3.35 46.75
C ALA C 31 -48.44 -3.84 48.19
N THR C 32 -49.06 -5.01 48.31
CA THR C 32 -49.54 -5.50 49.62
C THR C 32 -49.12 -6.93 49.98
N GLY C 33 -48.56 -7.67 49.01
CA GLY C 33 -48.12 -9.05 49.25
C GLY C 33 -49.24 -10.07 49.20
N GLU C 34 -50.47 -9.61 48.97
CA GLU C 34 -51.65 -10.46 48.83
C GLU C 34 -51.67 -11.34 47.57
N GLU C 35 -51.80 -12.66 47.78
CA GLU C 35 -51.95 -13.67 46.73
C GLU C 35 -53.34 -13.67 46.17
N LEU C 36 -53.47 -13.30 44.90
CA LEU C 36 -54.77 -13.27 44.27
C LEU C 36 -55.15 -14.61 43.66
N TYR C 37 -54.12 -15.42 43.31
CA TYR C 37 -54.38 -16.73 42.70
C TYR C 37 -53.19 -17.64 42.76
N SER C 38 -53.43 -18.90 43.14
CA SER C 38 -52.39 -19.91 43.23
C SER C 38 -52.95 -21.26 42.80
N ARG C 39 -52.15 -21.98 41.99
CA ARG C 39 -52.46 -23.32 41.50
C ARG C 39 -51.15 -23.95 41.08
N ASP C 40 -50.74 -25.02 41.76
CA ASP C 40 -49.52 -25.77 41.43
C ASP C 40 -48.32 -24.87 41.33
N GLY C 41 -48.29 -23.83 42.19
CA GLY C 41 -47.19 -22.86 42.20
C GLY C 41 -45.88 -23.33 42.84
N GLY C 42 -45.93 -24.50 43.50
CA GLY C 42 -44.76 -25.11 44.13
C GLY C 42 -44.16 -26.18 43.24
N GLU C 43 -44.87 -26.46 42.15
CA GLU C 43 -44.51 -27.50 41.22
C GLU C 43 -43.32 -27.13 40.34
N GLN C 44 -42.35 -28.05 40.31
CA GLN C 44 -41.15 -27.87 39.51
C GLN C 44 -41.42 -28.11 38.04
N LEU C 45 -41.33 -27.03 37.27
CA LEU C 45 -41.68 -27.01 35.85
C LEU C 45 -40.49 -26.48 35.03
N LEU C 46 -40.41 -26.89 33.76
CA LEU C 46 -39.45 -26.30 32.80
C LEU C 46 -39.93 -24.91 32.40
N PRO C 47 -39.04 -23.90 32.54
CA PRO C 47 -39.31 -22.48 32.24
C PRO C 47 -39.19 -22.02 30.78
N ALA C 48 -38.42 -22.72 29.92
CA ALA C 48 -38.06 -22.19 28.59
C ALA C 48 -37.37 -20.83 28.79
N SER C 49 -37.54 -19.91 27.85
CA SER C 49 -36.88 -18.58 27.91
C SER C 49 -37.27 -17.70 29.11
N ASN C 50 -38.24 -18.14 29.91
CA ASN C 50 -38.49 -17.53 31.24
C ASN C 50 -37.35 -17.61 32.24
N MET C 51 -36.39 -18.50 31.98
CA MET C 51 -35.15 -18.55 32.72
C MET C 51 -34.32 -17.30 32.53
N LYS C 52 -34.66 -16.46 31.56
CA LYS C 52 -33.89 -15.24 31.34
C LYS C 52 -34.20 -14.17 32.41
N LEU C 53 -35.39 -14.24 33.00
CA LEU C 53 -35.71 -13.47 34.20
C LEU C 53 -34.63 -13.67 35.27
N PHE C 54 -34.34 -14.92 35.59
CA PHE C 54 -33.30 -15.22 36.58
C PHE C 54 -31.92 -14.72 36.14
N THR C 55 -31.53 -15.00 34.90
CA THR C 55 -30.20 -14.63 34.38
C THR C 55 -29.90 -13.13 34.34
N ALA C 56 -30.94 -12.32 34.15
CA ALA C 56 -30.81 -10.89 33.92
C ALA C 56 -30.75 -10.10 35.21
N ALA C 57 -31.41 -10.61 36.24
CA ALA C 57 -31.35 -10.03 37.58
C ALA C 57 -30.01 -10.37 38.22
N ALA C 58 -29.59 -11.63 38.12
CA ALA C 58 -28.24 -12.00 38.54
C ALA C 58 -27.18 -11.11 37.85
N ALA C 59 -27.29 -10.91 36.53
CA ALA C 59 -26.28 -10.11 35.82
C ALA C 59 -26.29 -8.63 36.25
N LEU C 60 -27.46 -8.11 36.61
CA LEU C 60 -27.58 -6.73 37.09
C LEU C 60 -26.91 -6.55 38.44
N GLU C 61 -27.17 -7.49 39.37
CA GLU C 61 -26.59 -7.52 40.72
C GLU C 61 -25.08 -7.58 40.70
N VAL C 62 -24.56 -8.63 40.06
CA VAL C 62 -23.14 -8.94 39.96
C VAL C 62 -22.37 -7.97 39.08
N LEU C 63 -22.91 -7.62 37.91
CA LEU C 63 -22.13 -6.86 36.92
C LEU C 63 -22.41 -5.36 36.95
N GLY C 64 -23.66 -4.98 37.22
CA GLY C 64 -24.01 -3.58 37.35
C GLY C 64 -24.64 -2.99 36.10
N ALA C 65 -25.68 -2.18 36.31
CA ALA C 65 -26.41 -1.52 35.21
C ALA C 65 -25.50 -0.74 34.25
N ASP C 66 -24.32 -0.37 34.73
CA ASP C 66 -23.37 0.34 33.89
C ASP C 66 -22.08 -0.45 33.58
N HIS C 67 -22.16 -1.79 33.53
CA HIS C 67 -21.02 -2.61 33.09
C HIS C 67 -20.83 -2.58 31.55
N SER C 68 -19.61 -2.42 31.09
CA SER C 68 -19.35 -2.53 29.65
C SER C 68 -18.33 -3.62 29.30
N PHE C 69 -18.21 -3.98 28.01
CA PHE C 69 -17.39 -5.14 27.60
C PHE C 69 -16.31 -4.77 26.58
N GLY C 70 -15.06 -5.19 26.77
CA GLY C 70 -13.98 -4.73 25.89
C GLY C 70 -13.40 -5.74 24.92
N THR C 71 -12.90 -5.24 23.79
CA THR C 71 -12.22 -6.05 22.74
C THR C 71 -10.92 -5.32 22.48
N GLU C 72 -9.85 -6.07 22.23
CA GLU C 72 -8.51 -5.51 21.96
C GLU C 72 -7.78 -6.20 20.85
N VAL C 73 -6.85 -5.47 20.22
CA VAL C 73 -5.86 -5.98 19.27
C VAL C 73 -4.44 -5.68 19.83
N ALA C 74 -3.52 -6.64 19.73
CA ALA C 74 -2.26 -6.53 20.45
C ALA C 74 -1.05 -7.11 19.72
N ALA C 75 0.09 -6.46 19.92
CA ALA C 75 1.37 -6.98 19.41
C ALA C 75 2.38 -7.04 20.56
N GLU C 76 3.59 -7.54 20.30
CA GLU C 76 4.55 -7.69 21.38
C GLU C 76 5.16 -6.35 21.72
N SER C 77 5.33 -5.53 20.68
CA SER C 77 5.82 -4.16 20.81
C SER C 77 5.37 -3.37 19.59
N ALA C 78 5.20 -2.06 19.78
CA ALA C 78 4.84 -1.11 18.70
C ALA C 78 5.72 -1.32 17.47
N PRO C 79 5.15 -1.14 16.26
CA PRO C 79 5.84 -1.54 15.00
C PRO C 79 7.22 -0.90 14.78
N GLY C 80 8.07 -1.55 13.97
CA GLY C 80 9.44 -1.08 13.70
C GLY C 80 9.58 0.19 12.87
N ARG C 81 10.80 0.54 12.49
CA ARG C 81 11.04 1.66 11.55
C ARG C 81 10.15 1.47 10.33
N ARG C 82 10.09 0.22 9.88
CA ARG C 82 9.52 -0.18 8.58
C ARG C 82 8.03 -0.59 8.64
N GLY C 83 7.33 -0.13 9.69
CA GLY C 83 5.89 -0.39 9.89
C GLY C 83 5.51 -1.85 9.99
N GLU C 84 6.31 -2.64 10.71
CA GLU C 84 6.11 -4.09 10.75
C GLU C 84 5.83 -4.65 12.15
N VAL C 85 5.12 -5.77 12.17
CA VAL C 85 4.91 -6.57 13.37
C VAL C 85 5.09 -8.06 13.01
N GLN C 86 5.34 -8.89 14.03
CA GLN C 86 5.45 -10.34 13.86
C GLN C 86 4.02 -10.94 13.87
N ASP C 87 3.47 -11.13 15.07
CA ASP C 87 2.14 -11.71 15.24
C ASP C 87 1.17 -10.69 15.81
N LEU C 88 -0.10 -10.85 15.44
CA LEU C 88 -1.16 -9.99 15.93
C LEU C 88 -2.33 -10.80 16.53
N TYR C 89 -2.88 -10.33 17.64
CA TYR C 89 -3.96 -10.99 18.37
C TYR C 89 -5.24 -10.15 18.51
N LEU C 90 -6.37 -10.69 18.04
CA LEU C 90 -7.69 -10.10 18.35
C LEU C 90 -8.26 -10.71 19.65
N VAL C 91 -8.44 -9.87 20.67
CA VAL C 91 -8.74 -10.33 22.04
C VAL C 91 -10.16 -9.95 22.49
N GLY C 92 -11.00 -10.97 22.65
CA GLY C 92 -12.37 -10.73 23.07
C GLY C 92 -12.55 -11.02 24.54
N ARG C 93 -13.42 -10.25 25.20
CA ARG C 93 -13.72 -10.43 26.64
C ARG C 93 -15.22 -10.46 26.99
N GLY C 94 -16.05 -10.94 26.06
CA GLY C 94 -17.44 -11.23 26.38
C GLY C 94 -18.45 -10.19 25.93
N ASP C 95 -18.07 -9.37 24.96
CA ASP C 95 -18.96 -8.41 24.33
C ASP C 95 -20.06 -9.14 23.52
N PRO C 96 -21.35 -8.96 23.91
CA PRO C 96 -22.48 -9.60 23.25
C PRO C 96 -22.93 -8.90 21.99
N THR C 97 -22.27 -7.80 21.65
CA THR C 97 -22.76 -6.88 20.62
C THR C 97 -21.69 -6.37 19.65
N LEU C 98 -20.60 -7.11 19.50
CA LEU C 98 -19.46 -6.68 18.66
C LEU C 98 -19.82 -6.89 17.19
N SER C 99 -19.61 -5.90 16.32
CA SER C 99 -20.00 -6.06 14.89
C SER C 99 -18.84 -5.97 13.92
N ALA C 100 -19.12 -6.36 12.68
CA ALA C 100 -18.17 -6.25 11.58
C ALA C 100 -17.71 -4.80 11.34
N GLU C 101 -18.55 -3.81 11.67
CA GLU C 101 -18.18 -2.41 11.60
C GLU C 101 -17.25 -2.01 12.75
N ASP C 102 -17.46 -2.61 13.91
CA ASP C 102 -16.53 -2.50 15.02
C ASP C 102 -15.17 -3.05 14.66
N LEU C 103 -15.17 -4.22 14.03
CA LEU C 103 -13.94 -4.87 13.58
C LEU C 103 -13.19 -4.01 12.54
N ASP C 104 -13.95 -3.18 11.81
CA ASP C 104 -13.38 -2.38 10.76
C ASP C 104 -12.76 -1.09 11.31
N ALA C 105 -13.39 -0.49 12.31
CA ALA C 105 -12.80 0.62 13.06
C ALA C 105 -11.47 0.22 13.73
N MET C 106 -11.45 -0.96 14.34
CA MET C 106 -10.23 -1.47 14.96
C MET C 106 -9.13 -1.76 13.95
N ALA C 107 -9.48 -2.10 12.72
CA ALA C 107 -8.46 -2.24 11.68
C ALA C 107 -7.99 -0.87 11.17
N ALA C 108 -8.79 0.17 11.40
CA ALA C 108 -8.43 1.53 11.00
C ALA C 108 -7.50 2.16 12.03
N GLU C 109 -7.75 1.87 13.31
CA GLU C 109 -6.85 2.25 14.40
C GLU C 109 -5.49 1.58 14.23
N VAL C 110 -5.49 0.27 13.94
CA VAL C 110 -4.24 -0.49 13.73
C VAL C 110 -3.33 0.17 12.67
N ALA C 111 -3.88 0.43 11.49
CA ALA C 111 -3.17 1.16 10.42
C ALA C 111 -2.82 2.60 10.84
N ALA C 112 -3.80 3.34 11.35
CA ALA C 112 -3.55 4.71 11.82
C ALA C 112 -2.34 4.79 12.74
N SER C 113 -1.91 3.64 13.28
CA SER C 113 -0.76 3.59 14.19
C SER C 113 0.53 3.16 13.45
N GLY C 114 0.49 3.21 12.12
CA GLY C 114 1.67 2.92 11.30
C GLY C 114 1.99 1.46 11.04
N VAL C 115 1.08 0.56 11.37
CA VAL C 115 1.27 -0.88 11.04
C VAL C 115 0.96 -1.08 9.57
N ARG C 116 1.94 -1.58 8.82
CA ARG C 116 1.85 -1.72 7.37
C ARG C 116 1.82 -3.19 6.97
N THR C 117 2.39 -4.02 7.84
CA THR C 117 2.58 -5.45 7.56
C THR C 117 2.57 -6.30 8.83
N VAL C 118 1.61 -7.23 8.91
CA VAL C 118 1.65 -8.28 9.91
C VAL C 118 2.45 -9.41 9.26
N ARG C 119 3.70 -9.58 9.70
CA ARG C 119 4.66 -10.53 9.07
C ARG C 119 4.48 -12.02 9.48
N GLY C 120 3.94 -12.24 10.66
CA GLY C 120 3.65 -13.59 11.11
C GLY C 120 2.20 -14.01 10.91
N ASP C 121 1.57 -14.44 11.99
CA ASP C 121 0.22 -14.96 11.91
C ASP C 121 -0.75 -14.02 12.61
N LEU C 122 -2.02 -14.13 12.26
CA LEU C 122 -3.07 -13.46 13.04
C LEU C 122 -3.81 -14.52 13.86
N TYR C 123 -3.89 -14.31 15.16
CA TYR C 123 -4.59 -15.25 16.04
C TYR C 123 -5.83 -14.58 16.64
N ALA C 124 -6.90 -15.35 16.76
CA ALA C 124 -8.10 -14.90 17.43
C ALA C 124 -8.11 -15.50 18.82
N ASP C 125 -8.19 -14.65 19.83
CA ASP C 125 -8.03 -15.08 21.23
C ASP C 125 -9.35 -14.98 22.00
N ASP C 126 -9.94 -16.14 22.29
CA ASP C 126 -11.18 -16.23 23.09
C ASP C 126 -11.01 -17.01 24.39
N THR C 127 -9.80 -16.95 24.94
CA THR C 127 -9.48 -17.64 26.20
C THR C 127 -10.05 -16.94 27.45
N TRP C 128 -10.72 -15.80 27.26
CA TRP C 128 -11.36 -15.12 28.38
C TRP C 128 -12.52 -15.98 28.87
N PHE C 129 -13.03 -16.87 28.00
CA PHE C 129 -14.05 -17.88 28.35
C PHE C 129 -13.51 -19.30 28.05
N ASP C 130 -14.03 -20.30 28.76
CA ASP C 130 -14.13 -21.69 28.27
C ASP C 130 -14.20 -21.84 26.74
N SER C 131 -13.78 -23.01 26.25
CA SER C 131 -14.05 -23.35 24.86
C SER C 131 -15.14 -24.42 24.80
N GLU C 132 -15.96 -24.49 25.85
CA GLU C 132 -17.13 -25.35 25.87
C GLU C 132 -18.27 -24.54 25.27
N ARG C 133 -18.66 -24.96 24.07
CA ARG C 133 -19.40 -24.18 23.08
C ARG C 133 -20.92 -24.35 23.19
N LEU C 134 -21.32 -25.55 23.62
CA LEU C 134 -22.73 -25.91 23.86
C LEU C 134 -22.92 -26.56 25.23
N VAL C 135 -24.07 -26.32 25.84
CA VAL C 135 -24.45 -27.05 27.05
C VAL C 135 -24.62 -28.53 26.66
N ASP C 136 -24.43 -29.45 27.62
CA ASP C 136 -24.52 -30.90 27.36
C ASP C 136 -25.84 -31.41 26.82
N ASP C 137 -26.97 -30.94 27.37
CA ASP C 137 -28.28 -31.50 27.01
C ASP C 137 -29.02 -30.75 25.89
N TRP C 138 -28.32 -29.81 25.24
CA TRP C 138 -28.84 -29.13 24.06
C TRP C 138 -28.80 -30.19 22.98
N TRP C 139 -29.75 -30.16 22.04
CA TRP C 139 -29.88 -31.18 21.02
C TRP C 139 -29.02 -30.87 19.79
N PRO C 140 -28.33 -31.86 19.23
CA PRO C 140 -27.61 -31.64 17.95
C PRO C 140 -28.44 -31.16 16.72
N GLU C 141 -29.74 -31.44 16.69
CA GLU C 141 -30.61 -31.06 15.56
C GLU C 141 -30.93 -29.59 15.53
N ASP C 142 -30.75 -28.93 16.69
CA ASP C 142 -30.93 -27.48 16.83
C ASP C 142 -29.72 -26.62 16.32
N GLU C 143 -28.55 -27.27 16.25
CA GLU C 143 -27.27 -26.61 16.07
C GLU C 143 -27.05 -25.71 14.84
N PRO C 144 -27.81 -25.90 13.73
CA PRO C 144 -27.67 -24.95 12.61
C PRO C 144 -28.38 -23.60 12.77
N TYR C 145 -29.33 -23.51 13.71
CA TYR C 145 -30.22 -22.33 13.86
C TYR C 145 -29.66 -21.30 14.85
N ALA C 146 -30.06 -20.06 14.64
CA ALA C 146 -29.38 -18.97 15.31
C ALA C 146 -29.47 -19.09 16.81
N TYR C 147 -30.60 -19.60 17.30
CA TYR C 147 -30.85 -19.70 18.76
C TYR C 147 -29.95 -20.75 19.48
N SER C 148 -29.09 -21.44 18.71
CA SER C 148 -28.28 -22.53 19.25
C SER C 148 -26.80 -22.31 18.89
N ALA C 149 -26.46 -21.06 18.60
CA ALA C 149 -25.10 -20.66 18.29
C ALA C 149 -24.20 -20.99 19.46
N GLN C 150 -23.07 -21.60 19.10
CA GLN C 150 -21.91 -21.84 19.93
C GLN C 150 -21.47 -20.61 20.71
N ILE C 151 -21.08 -20.84 21.97
CA ILE C 151 -20.69 -19.79 22.91
C ILE C 151 -19.17 -19.55 22.93
N SER C 152 -18.79 -18.27 22.84
CA SER C 152 -17.39 -17.77 22.75
C SER C 152 -17.24 -16.34 23.32
N ALA C 153 -16.05 -15.98 23.82
CA ALA C 153 -15.79 -14.60 24.30
C ALA C 153 -15.43 -13.68 23.15
N LEU C 154 -15.01 -14.27 22.05
CA LEU C 154 -14.87 -13.50 20.83
C LEU C 154 -15.95 -13.93 19.81
N THR C 155 -17.05 -13.18 19.76
CA THR C 155 -18.07 -13.41 18.75
C THR C 155 -18.58 -12.12 18.01
N VAL C 156 -18.72 -12.21 16.68
CA VAL C 156 -19.34 -11.16 15.84
C VAL C 156 -20.86 -11.25 15.82
N ALA C 157 -21.53 -10.20 16.30
CA ALA C 157 -22.98 -10.16 16.31
C ALA C 157 -23.49 -9.51 15.01
N HIS C 158 -24.59 -10.07 14.51
CA HIS C 158 -25.22 -9.64 13.27
C HIS C 158 -26.46 -8.76 13.53
N GLY C 159 -26.59 -7.64 12.79
CA GLY C 159 -27.78 -6.76 12.81
C GLY C 159 -28.00 -5.96 14.09
N GLU C 160 -29.12 -5.26 14.16
CA GLU C 160 -29.43 -4.42 15.32
C GLU C 160 -30.14 -5.15 16.46
N ARG C 161 -30.47 -6.43 16.25
CA ARG C 161 -30.92 -7.32 17.32
C ARG C 161 -29.75 -8.07 17.96
N PHE C 162 -28.57 -8.00 17.29
CA PHE C 162 -27.29 -8.54 17.76
C PHE C 162 -27.22 -10.10 17.89
N ASP C 163 -27.54 -10.79 16.79
CA ASP C 163 -27.52 -12.24 16.73
C ASP C 163 -26.08 -12.73 16.59
N THR C 164 -25.60 -13.52 17.57
CA THR C 164 -24.17 -13.91 17.65
C THR C 164 -23.83 -15.23 16.96
N GLY C 165 -22.64 -15.31 16.34
CA GLY C 165 -22.10 -16.60 15.85
C GLY C 165 -22.82 -17.19 14.65
N VAL C 166 -23.30 -16.31 13.77
CA VAL C 166 -24.12 -16.67 12.62
C VAL C 166 -23.64 -15.91 11.39
N THR C 167 -23.90 -16.50 10.22
CA THR C 167 -23.65 -15.89 8.93
C THR C 167 -25.01 -15.70 8.25
N GLU C 168 -25.11 -14.71 7.36
CA GLU C 168 -26.33 -14.50 6.62
C GLU C 168 -26.18 -15.17 5.26
N VAL C 169 -26.98 -16.21 5.03
CA VAL C 169 -26.99 -16.93 3.75
C VAL C 169 -28.10 -16.42 2.82
N SER C 170 -27.77 -16.19 1.54
CA SER C 170 -28.71 -15.70 0.54
C SER C 170 -28.79 -16.61 -0.64
N VAL C 171 -30.00 -16.96 -1.03
CA VAL C 171 -30.23 -17.77 -2.21
C VAL C 171 -31.10 -17.03 -3.22
N THR C 172 -30.60 -16.87 -4.44
CA THR C 172 -31.31 -16.10 -5.45
C THR C 172 -31.60 -16.98 -6.65
N PRO C 173 -32.78 -16.81 -7.30
CA PRO C 173 -32.95 -17.64 -8.49
C PRO C 173 -32.01 -17.22 -9.66
N ALA C 174 -31.57 -18.21 -10.43
CA ALA C 174 -30.78 -18.01 -11.63
C ALA C 174 -31.65 -18.45 -12.83
N ALA C 175 -31.04 -19.10 -13.83
CA ALA C 175 -31.82 -19.61 -14.94
C ALA C 175 -32.47 -20.90 -14.50
N GLU C 176 -33.68 -21.15 -14.97
CA GLU C 176 -34.45 -22.28 -14.49
C GLU C 176 -33.80 -23.60 -14.89
N GLY C 177 -33.81 -24.56 -13.97
CA GLY C 177 -33.13 -25.83 -14.18
C GLY C 177 -31.65 -25.83 -13.86
N GLU C 178 -31.06 -24.64 -13.68
CA GLU C 178 -29.66 -24.54 -13.31
C GLU C 178 -29.54 -24.26 -11.79
N PRO C 179 -28.42 -24.68 -11.15
CA PRO C 179 -28.10 -24.34 -9.75
C PRO C 179 -28.57 -22.95 -9.34
N ALA C 180 -28.86 -22.75 -8.06
CA ALA C 180 -29.29 -21.44 -7.57
C ALA C 180 -28.01 -20.70 -7.18
N ASP C 181 -28.08 -19.35 -7.11
CA ASP C 181 -27.01 -18.52 -6.56
C ASP C 181 -26.91 -18.60 -5.05
N VAL C 182 -25.87 -19.17 -4.46
CA VAL C 182 -25.73 -19.06 -3.00
C VAL C 182 -24.63 -18.11 -2.55
N ASP C 183 -24.90 -17.29 -1.54
CA ASP C 183 -23.91 -16.36 -1.00
C ASP C 183 -23.96 -16.58 0.51
N LEU C 184 -22.81 -16.86 1.12
CA LEU C 184 -22.76 -17.25 2.54
C LEU C 184 -22.58 -16.08 3.52
N GLY C 185 -22.61 -14.86 2.99
CA GLY C 185 -22.47 -13.63 3.80
C GLY C 185 -21.09 -13.48 4.39
N ALA C 186 -21.01 -13.19 5.69
CA ALA C 186 -19.72 -13.07 6.42
C ALA C 186 -18.78 -14.28 6.22
N ALA C 187 -19.37 -15.47 6.11
CA ALA C 187 -18.65 -16.72 6.12
C ALA C 187 -18.08 -17.20 4.76
N GLU C 188 -18.23 -16.41 3.70
CA GLU C 188 -17.54 -16.68 2.43
C GLU C 188 -16.03 -16.89 2.68
N GLY C 189 -15.47 -17.98 2.16
CA GLY C 189 -14.04 -18.32 2.33
C GLY C 189 -13.64 -18.84 3.71
N TYR C 190 -14.64 -19.08 4.55
CA TYR C 190 -14.47 -19.70 5.86
C TYR C 190 -15.27 -21.04 5.87
N ALA C 191 -16.60 -20.97 5.76
CA ALA C 191 -17.45 -22.16 5.68
C ALA C 191 -17.35 -22.79 4.29
N GLU C 192 -17.62 -24.08 4.19
CA GLU C 192 -17.60 -24.74 2.88
C GLU C 192 -18.99 -24.79 2.29
N LEU C 193 -19.09 -24.54 0.99
CA LEU C 193 -20.40 -24.62 0.32
C LEU C 193 -20.61 -25.95 -0.38
N ASP C 194 -21.78 -26.53 -0.15
CA ASP C 194 -22.20 -27.70 -0.88
C ASP C 194 -23.56 -27.37 -1.53
N ASN C 195 -23.51 -26.83 -2.75
CA ASN C 195 -24.71 -26.30 -3.42
C ASN C 195 -25.34 -27.33 -4.34
N ARG C 196 -26.48 -27.86 -3.94
CA ARG C 196 -27.19 -28.84 -4.77
C ARG C 196 -28.64 -28.44 -4.99
N ALA C 197 -28.91 -27.16 -4.81
CA ALA C 197 -30.21 -26.58 -5.11
C ALA C 197 -30.30 -26.18 -6.58
N VAL C 198 -31.53 -26.05 -7.05
CA VAL C 198 -31.87 -25.81 -8.44
C VAL C 198 -32.82 -24.65 -8.46
N THR C 199 -32.87 -23.91 -9.57
CA THR C 199 -33.89 -22.85 -9.80
C THR C 199 -35.17 -23.48 -10.38
N GLY C 200 -36.30 -23.37 -9.69
CA GLY C 200 -37.52 -24.03 -10.17
C GLY C 200 -38.28 -23.19 -11.20
N ALA C 201 -39.22 -23.81 -11.90
CA ALA C 201 -40.10 -23.10 -12.81
C ALA C 201 -40.99 -22.08 -12.06
N ALA C 202 -41.27 -20.94 -12.69
CA ALA C 202 -42.22 -19.97 -12.10
C ALA C 202 -43.54 -20.62 -11.72
N GLY C 203 -44.06 -20.24 -10.56
CA GLY C 203 -45.30 -20.83 -10.06
C GLY C 203 -45.20 -22.22 -9.43
N SER C 204 -43.99 -22.69 -9.12
CA SER C 204 -43.85 -24.01 -8.50
C SER C 204 -43.67 -23.92 -6.98
N ALA C 205 -43.66 -25.07 -6.31
CA ALA C 205 -43.41 -25.13 -4.88
C ALA C 205 -41.99 -24.66 -4.52
N ASN C 206 -41.87 -23.97 -3.39
CA ASN C 206 -40.56 -23.60 -2.84
C ASN C 206 -40.13 -24.65 -1.82
N THR C 207 -39.18 -25.48 -2.22
CA THR C 207 -38.73 -26.60 -1.37
C THR C 207 -37.29 -26.36 -0.91
N LEU C 208 -36.90 -25.09 -0.84
CA LEU C 208 -35.52 -24.71 -0.55
C LEU C 208 -35.15 -24.98 0.90
N VAL C 209 -33.94 -25.50 1.12
CA VAL C 209 -33.50 -25.97 2.47
C VAL C 209 -32.04 -25.62 2.69
N ILE C 210 -31.76 -24.88 3.75
CA ILE C 210 -30.40 -24.49 4.12
C ILE C 210 -29.96 -25.14 5.45
N ASP C 211 -28.78 -25.79 5.45
CA ASP C 211 -28.40 -26.66 6.57
C ASP C 211 -26.92 -26.55 6.94
N ARG C 212 -26.55 -27.16 8.06
CA ARG C 212 -25.16 -27.36 8.43
C ARG C 212 -25.08 -28.75 9.08
N PRO C 213 -24.84 -29.80 8.27
CA PRO C 213 -24.69 -31.16 8.84
C PRO C 213 -23.93 -31.19 10.18
N VAL C 214 -24.50 -31.87 11.18
CA VAL C 214 -23.94 -31.91 12.53
C VAL C 214 -22.42 -32.16 12.48
N GLY C 215 -21.65 -31.29 13.15
CA GLY C 215 -20.20 -31.46 13.30
C GLY C 215 -19.32 -30.96 12.15
N THR C 216 -19.90 -30.26 11.17
CA THR C 216 -19.16 -29.76 10.02
C THR C 216 -19.16 -28.24 10.07
N ASN C 217 -18.44 -27.66 9.13
CA ASN C 217 -18.48 -26.24 8.92
C ASN C 217 -18.94 -25.97 7.50
N THR C 218 -19.82 -26.85 7.02
CA THR C 218 -20.32 -26.82 5.66
C THR C 218 -21.76 -26.34 5.69
N ILE C 219 -22.05 -25.39 4.82
CA ILE C 219 -23.42 -24.95 4.58
C ILE C 219 -23.91 -25.64 3.32
N ALA C 220 -24.91 -26.48 3.50
CA ALA C 220 -25.49 -27.33 2.47
C ALA C 220 -26.88 -26.84 2.00
N VAL C 221 -26.95 -26.41 0.72
CA VAL C 221 -28.21 -25.97 0.15
C VAL C 221 -28.83 -27.08 -0.69
N THR C 222 -30.14 -27.33 -0.50
CA THR C 222 -30.88 -28.34 -1.28
C THR C 222 -32.29 -27.85 -1.62
N GLY C 223 -32.96 -28.55 -2.53
CA GLY C 223 -34.31 -28.22 -2.91
C GLY C 223 -34.40 -27.32 -4.11
N SER C 224 -35.53 -26.64 -4.27
CA SER C 224 -35.86 -25.85 -5.46
C SER C 224 -36.49 -24.48 -5.09
N LEU C 225 -35.90 -23.39 -5.60
CA LEU C 225 -36.39 -22.01 -5.42
C LEU C 225 -37.05 -21.51 -6.71
N PRO C 226 -38.37 -21.20 -6.69
CA PRO C 226 -39.00 -20.80 -7.97
C PRO C 226 -38.44 -19.52 -8.61
N ALA C 227 -38.47 -19.50 -9.93
CA ALA C 227 -38.04 -18.37 -10.72
C ALA C 227 -38.68 -17.04 -10.31
N ASP C 228 -39.97 -17.06 -9.94
CA ASP C 228 -40.77 -15.88 -9.62
C ASP C 228 -40.75 -15.61 -8.13
N ALA C 229 -39.75 -16.16 -7.48
CA ALA C 229 -39.68 -16.15 -6.04
C ALA C 229 -38.74 -15.06 -5.57
N ALA C 230 -39.16 -14.38 -4.51
CA ALA C 230 -38.29 -13.45 -3.81
C ALA C 230 -37.07 -14.25 -3.34
N PRO C 231 -35.88 -13.62 -3.30
CA PRO C 231 -34.73 -14.30 -2.70
C PRO C 231 -34.99 -14.90 -1.30
N VAL C 232 -34.21 -15.91 -0.93
CA VAL C 232 -34.27 -16.48 0.43
C VAL C 232 -33.04 -16.08 1.26
N THR C 233 -33.29 -15.70 2.51
CA THR C 233 -32.27 -15.16 3.38
C THR C 233 -32.47 -15.76 4.76
N ALA C 234 -31.45 -16.45 5.26
CA ALA C 234 -31.57 -17.19 6.51
C ALA C 234 -30.27 -16.98 7.25
N LEU C 235 -30.36 -16.84 8.59
CA LEU C 235 -29.18 -16.87 9.48
C LEU C 235 -28.77 -18.31 9.86
N ARG C 236 -27.51 -18.66 9.61
CA ARG C 236 -27.02 -19.98 10.02
C ARG C 236 -25.77 -19.86 10.86
N THR C 237 -25.61 -20.76 11.82
CA THR C 237 -24.47 -20.69 12.74
C THR C 237 -23.19 -21.18 12.04
N VAL C 238 -22.02 -20.87 12.59
CA VAL C 238 -20.72 -21.45 12.16
C VAL C 238 -20.00 -22.17 13.30
N ASP C 239 -19.16 -23.13 12.94
CA ASP C 239 -18.21 -23.76 13.87
C ASP C 239 -17.10 -22.77 14.23
N GLU C 240 -16.76 -22.72 15.52
CA GLU C 240 -15.77 -21.77 16.02
C GLU C 240 -16.05 -20.29 15.62
N PRO C 241 -16.96 -19.62 16.36
CA PRO C 241 -17.23 -18.21 16.08
C PRO C 241 -15.99 -17.27 16.10
N ALA C 242 -15.03 -17.55 16.98
CA ALA C 242 -13.82 -16.74 17.11
C ALA C 242 -12.95 -16.86 15.85
N ALA C 243 -12.96 -18.04 15.24
CA ALA C 243 -12.30 -18.22 13.95
C ALA C 243 -12.99 -17.42 12.83
N LEU C 244 -14.27 -17.10 12.99
CA LEU C 244 -14.95 -16.20 12.05
C LEU C 244 -14.65 -14.72 12.35
N ALA C 245 -14.68 -14.33 13.63
CA ALA C 245 -14.23 -13.01 14.03
C ALA C 245 -12.85 -12.76 13.43
N GLY C 246 -12.01 -13.81 13.48
CA GLY C 246 -10.64 -13.77 12.96
C GLY C 246 -10.60 -13.61 11.46
N HIS C 247 -11.31 -14.49 10.75
CA HIS C 247 -11.49 -14.37 9.30
C HIS C 247 -11.93 -12.95 8.91
N LEU C 248 -13.01 -12.44 9.53
CA LEU C 248 -13.52 -11.08 9.25
C LEU C 248 -12.50 -10.01 9.49
N PHE C 249 -11.80 -10.09 10.62
CA PHE C 249 -10.75 -9.12 10.96
C PHE C 249 -9.62 -9.02 9.95
N GLU C 250 -9.09 -10.16 9.50
CA GLU C 250 -8.03 -10.14 8.51
C GLU C 250 -8.43 -9.30 7.31
N GLU C 251 -9.67 -9.49 6.87
CA GLU C 251 -10.19 -8.89 5.67
C GLU C 251 -10.32 -7.40 5.90
N ALA C 252 -10.77 -7.04 7.10
CA ALA C 252 -10.81 -5.64 7.52
C ALA C 252 -9.39 -5.04 7.50
N LEU C 253 -8.40 -5.78 8.00
CA LEU C 253 -7.01 -5.27 7.98
C LEU C 253 -6.59 -4.95 6.55
N GLU C 254 -6.63 -5.97 5.69
CA GLU C 254 -6.26 -5.87 4.27
C GLU C 254 -6.99 -4.70 3.61
N SER C 255 -8.22 -4.46 4.06
CA SER C 255 -9.14 -3.46 3.51
C SER C 255 -8.70 -2.05 3.88
N ASN C 256 -8.05 -1.89 5.04
CA ASN C 256 -7.45 -0.62 5.47
C ASN C 256 -5.92 -0.59 5.22
N GLY C 257 -5.47 -1.37 4.24
CA GLY C 257 -4.07 -1.33 3.79
C GLY C 257 -2.98 -2.02 4.60
N VAL C 258 -3.37 -2.90 5.53
CA VAL C 258 -2.45 -3.67 6.36
C VAL C 258 -2.39 -5.09 5.83
N THR C 259 -1.25 -5.49 5.27
CA THR C 259 -1.09 -6.82 4.69
C THR C 259 -0.79 -7.85 5.78
N VAL C 260 -1.52 -8.96 5.77
CA VAL C 260 -1.27 -10.12 6.63
C VAL C 260 -0.57 -11.15 5.76
N LYS C 261 0.64 -11.56 6.17
CA LYS C 261 1.53 -12.40 5.35
C LYS C 261 1.39 -13.88 5.68
N GLY C 262 1.01 -14.20 6.93
CA GLY C 262 0.90 -15.57 7.44
C GLY C 262 -0.48 -16.20 7.37
N ASP C 263 -0.88 -16.87 8.46
CA ASP C 263 -2.15 -17.62 8.49
C ASP C 263 -3.07 -17.09 9.60
N VAL C 264 -4.32 -17.54 9.61
CA VAL C 264 -5.29 -17.24 10.67
C VAL C 264 -5.74 -18.52 11.41
N GLY C 265 -5.79 -18.43 12.74
CA GLY C 265 -6.21 -19.56 13.57
C GLY C 265 -6.52 -19.10 14.98
N LEU C 266 -6.90 -20.03 15.85
CA LEU C 266 -7.16 -19.72 17.23
C LEU C 266 -5.85 -19.76 17.99
N GLY C 267 -5.81 -18.99 19.08
CA GLY C 267 -4.62 -18.83 19.93
C GLY C 267 -4.79 -17.70 20.93
N GLY C 268 -4.27 -17.88 22.15
CA GLY C 268 -4.29 -16.82 23.18
C GLY C 268 -2.94 -16.14 23.40
N VAL C 269 -2.96 -14.85 23.78
CA VAL C 269 -1.72 -14.06 23.95
C VAL C 269 -0.73 -14.82 24.86
N PRO C 270 0.52 -15.06 24.38
CA PRO C 270 1.59 -15.87 24.99
C PRO C 270 1.91 -15.66 26.47
N ALA C 271 1.77 -14.46 27.00
CA ALA C 271 2.02 -14.25 28.45
C ALA C 271 3.50 -14.34 28.79
N ASP C 272 4.21 -15.14 28.00
CA ASP C 272 5.64 -14.99 27.73
C ASP C 272 6.01 -13.53 27.36
N TRP C 273 5.05 -12.79 26.80
CA TRP C 273 5.18 -11.36 26.44
C TRP C 273 5.18 -10.47 27.67
N GLN C 274 6.13 -9.54 27.74
CA GLN C 274 6.34 -8.74 28.96
C GLN C 274 5.46 -7.49 29.01
N ASP C 275 5.56 -6.68 27.96
CA ASP C 275 4.81 -5.45 27.86
C ASP C 275 4.20 -5.35 26.45
N ALA C 276 3.00 -5.92 26.29
CA ALA C 276 2.27 -5.92 25.01
C ALA C 276 1.78 -4.53 24.61
N GLU C 277 1.85 -4.23 23.32
CA GLU C 277 1.39 -2.95 22.78
C GLU C 277 -0.05 -3.07 22.26
N VAL C 278 -0.97 -2.34 22.90
CA VAL C 278 -2.37 -2.29 22.43
C VAL C 278 -2.51 -1.32 21.25
N LEU C 279 -2.71 -1.88 20.06
CA LEU C 279 -2.80 -1.11 18.84
C LEU C 279 -4.21 -0.56 18.58
N ALA C 280 -5.23 -1.28 19.07
CA ALA C 280 -6.65 -0.88 18.95
C ALA C 280 -7.55 -1.48 20.05
N ASP C 281 -8.52 -0.70 20.53
CA ASP C 281 -9.62 -1.24 21.35
C ASP C 281 -11.02 -0.72 20.96
N HIS C 282 -12.05 -1.28 21.60
CA HIS C 282 -13.43 -0.88 21.42
C HIS C 282 -14.17 -1.22 22.70
N THR C 283 -15.09 -0.35 23.11
CA THR C 283 -15.84 -0.55 24.35
C THR C 283 -17.35 -0.61 24.02
N SER C 284 -18.04 -1.67 24.47
CA SER C 284 -19.48 -1.84 24.17
C SER C 284 -20.37 -0.78 24.80
N ALA C 285 -21.63 -0.71 24.40
CA ALA C 285 -22.62 0.04 25.17
C ALA C 285 -22.75 -0.65 26.54
N GLU C 286 -23.56 -0.09 27.43
CA GLU C 286 -23.61 -0.55 28.83
C GLU C 286 -24.66 -1.61 29.00
N LEU C 287 -24.48 -2.47 29.99
CA LEU C 287 -25.32 -3.66 30.17
C LEU C 287 -26.81 -3.31 30.18
N SER C 288 -27.12 -2.05 30.47
CA SER C 288 -28.50 -1.60 30.57
C SER C 288 -29.11 -1.25 29.23
N GLU C 289 -28.27 -0.99 28.22
CA GLU C 289 -28.71 -0.75 26.85
C GLU C 289 -28.82 -2.11 26.18
N ILE C 290 -27.85 -2.98 26.48
CA ILE C 290 -27.79 -4.35 26.01
C ILE C 290 -29.01 -5.20 26.42
N LEU C 291 -29.55 -4.96 27.61
CA LEU C 291 -30.70 -5.71 28.12
C LEU C 291 -31.96 -5.63 27.26
N VAL C 292 -31.98 -4.70 26.31
CA VAL C 292 -33.12 -4.46 25.43
C VAL C 292 -33.12 -5.39 24.20
N PRO C 293 -32.08 -5.33 23.32
CA PRO C 293 -32.07 -6.39 22.31
C PRO C 293 -32.13 -7.80 22.92
N PHE C 294 -31.51 -7.99 24.09
CA PHE C 294 -31.47 -9.27 24.84
C PHE C 294 -32.83 -9.76 25.30
N MET C 295 -33.59 -8.92 26.01
CA MET C 295 -34.85 -9.40 26.65
C MET C 295 -36.10 -9.21 25.80
N LYS C 296 -36.05 -8.30 24.82
CA LYS C 296 -37.21 -8.04 23.96
C LYS C 296 -37.37 -9.17 22.94
N PHE C 297 -36.24 -9.67 22.46
CA PHE C 297 -36.19 -10.58 21.32
C PHE C 297 -35.76 -12.00 21.74
N SER C 298 -35.29 -12.10 23.00
CA SER C 298 -34.96 -13.34 23.71
C SER C 298 -33.67 -13.98 23.16
N ASN C 299 -32.56 -13.27 23.27
CA ASN C 299 -31.29 -13.78 22.74
C ASN C 299 -30.62 -14.89 23.59
N ASN C 300 -30.76 -16.15 23.17
CA ASN C 300 -30.12 -17.28 23.90
C ASN C 300 -28.62 -17.03 24.14
N GLY C 301 -27.91 -16.75 23.04
CA GLY C 301 -26.49 -16.45 23.05
C GLY C 301 -26.07 -15.40 24.06
N HIS C 302 -26.75 -14.24 24.07
CA HIS C 302 -26.45 -13.18 25.05
C HIS C 302 -26.41 -13.76 26.45
N ALA C 303 -27.41 -14.56 26.79
CA ALA C 303 -27.61 -15.05 28.14
C ALA C 303 -26.52 -16.01 28.59
N GLU C 304 -26.06 -16.87 27.70
CA GLU C 304 -24.97 -17.77 28.02
C GLU C 304 -23.68 -17.01 28.24
N MET C 305 -23.40 -16.03 27.37
CA MET C 305 -22.23 -15.16 27.51
C MET C 305 -22.29 -14.36 28.81
N LEU C 306 -23.48 -13.84 29.18
CA LEU C 306 -23.64 -13.17 30.51
C LEU C 306 -23.43 -14.12 31.71
N VAL C 307 -23.76 -15.41 31.55
CA VAL C 307 -23.52 -16.39 32.62
C VAL C 307 -22.04 -16.59 32.84
N LYS C 308 -21.25 -16.50 31.79
CA LYS C 308 -19.83 -16.75 31.93
C LYS C 308 -19.11 -15.49 32.39
N SER C 309 -19.67 -14.34 32.03
CA SER C 309 -19.21 -13.04 32.49
C SER C 309 -19.35 -12.96 34.01
N ILE C 310 -20.43 -13.56 34.52
CA ILE C 310 -20.73 -13.63 35.95
C ILE C 310 -19.73 -14.57 36.61
N GLY C 311 -19.36 -15.66 35.92
CA GLY C 311 -18.31 -16.55 36.38
C GLY C 311 -17.00 -15.82 36.60
N GLN C 312 -16.54 -15.08 35.59
CA GLN C 312 -15.30 -14.28 35.64
C GLN C 312 -15.29 -13.21 36.74
N GLU C 313 -16.41 -12.53 36.93
CA GLU C 313 -16.52 -11.49 37.95
C GLU C 313 -16.53 -12.07 39.35
N THR C 314 -17.00 -13.32 39.44
CA THR C 314 -17.19 -14.03 40.70
C THR C 314 -15.99 -14.95 41.05
N ALA C 315 -15.74 -16.00 40.28
CA ALA C 315 -14.69 -16.94 40.65
C ALA C 315 -13.56 -17.02 39.63
N GLY C 316 -13.30 -15.91 38.91
CA GLY C 316 -12.22 -15.84 37.93
C GLY C 316 -12.17 -16.96 36.92
N ALA C 317 -13.32 -17.54 36.60
CA ALA C 317 -13.39 -18.59 35.59
C ALA C 317 -14.59 -18.36 34.69
N GLY C 318 -14.34 -18.29 33.38
CA GLY C 318 -15.41 -18.05 32.43
C GLY C 318 -16.02 -19.36 31.99
N THR C 319 -16.76 -19.98 32.92
CA THR C 319 -17.36 -21.29 32.74
C THR C 319 -18.88 -21.28 33.04
N TRP C 320 -19.58 -22.29 32.51
CA TRP C 320 -20.94 -22.60 32.90
C TRP C 320 -21.09 -22.97 34.38
N ASP C 321 -20.19 -23.83 34.88
CA ASP C 321 -20.24 -24.29 36.28
C ASP C 321 -20.14 -23.13 37.30
N ALA C 322 -19.05 -22.36 37.23
CA ALA C 322 -18.86 -21.11 37.99
C ALA C 322 -20.00 -20.05 37.85
N GLY C 323 -20.33 -19.70 36.59
CA GLY C 323 -21.39 -18.73 36.27
C GLY C 323 -22.74 -19.07 36.89
N LEU C 324 -23.14 -20.33 36.75
CA LEU C 324 -24.41 -20.81 37.26
C LEU C 324 -24.51 -20.75 38.80
N VAL C 325 -23.42 -21.09 39.49
CA VAL C 325 -23.30 -20.91 40.95
C VAL C 325 -23.43 -19.42 41.29
N GLY C 326 -22.64 -18.59 40.61
CA GLY C 326 -22.80 -17.13 40.61
C GLY C 326 -24.23 -16.57 40.54
N VAL C 327 -25.03 -17.08 39.59
CA VAL C 327 -26.44 -16.70 39.43
C VAL C 327 -27.25 -16.97 40.71
N GLU C 328 -27.13 -18.20 41.24
CA GLU C 328 -27.83 -18.64 42.45
C GLU C 328 -27.39 -17.82 43.69
N GLU C 329 -26.08 -17.62 43.87
CA GLU C 329 -25.54 -16.75 44.94
C GLU C 329 -26.18 -15.37 44.87
N ALA C 330 -26.26 -14.82 43.66
CA ALA C 330 -26.85 -13.48 43.41
C ALA C 330 -28.34 -13.39 43.71
N LEU C 331 -29.08 -14.46 43.40
CA LEU C 331 -30.52 -14.52 43.66
C LEU C 331 -30.81 -14.55 45.18
N SER C 332 -30.11 -15.40 45.94
CA SER C 332 -30.15 -15.32 47.40
C SER C 332 -29.91 -13.90 47.96
N GLY C 333 -28.83 -13.25 47.52
CA GLY C 333 -28.53 -11.88 47.89
C GLY C 333 -29.71 -10.94 47.66
N LEU C 334 -30.47 -11.20 46.60
CA LEU C 334 -31.60 -10.36 46.25
C LEU C 334 -32.82 -10.61 47.17
N GLY C 335 -32.80 -11.70 47.92
CA GLY C 335 -33.87 -12.01 48.84
C GLY C 335 -34.80 -13.10 48.36
N VAL C 336 -34.40 -13.78 47.28
CA VAL C 336 -35.21 -14.85 46.63
C VAL C 336 -34.90 -16.20 47.29
N ASP C 337 -35.93 -17.01 47.57
CA ASP C 337 -35.71 -18.43 48.00
C ASP C 337 -35.53 -19.35 46.79
N THR C 338 -34.33 -19.90 46.67
CA THR C 338 -33.90 -20.56 45.45
C THR C 338 -33.93 -22.07 45.58
N ALA C 339 -34.72 -22.57 46.52
CA ALA C 339 -34.77 -24.02 46.83
C ALA C 339 -35.38 -24.92 45.74
N GLY C 340 -36.36 -24.42 44.99
CA GLY C 340 -36.97 -25.17 43.89
C GLY C 340 -36.35 -25.01 42.50
N LEU C 341 -35.29 -24.22 42.41
CA LEU C 341 -34.54 -23.98 41.18
C LEU C 341 -33.50 -25.06 40.82
N VAL C 342 -33.60 -25.64 39.63
CA VAL C 342 -32.47 -26.37 39.07
C VAL C 342 -31.91 -25.56 37.89
N LEU C 343 -30.69 -25.05 38.08
CA LEU C 343 -30.07 -24.17 37.10
C LEU C 343 -29.17 -24.98 36.20
N ASN C 344 -29.50 -25.00 34.91
CA ASN C 344 -28.68 -25.70 33.92
C ASN C 344 -28.11 -24.81 32.81
N ASP C 345 -28.78 -23.69 32.52
CA ASP C 345 -28.21 -22.71 31.59
C ASP C 345 -28.79 -21.31 31.85
N GLY C 346 -28.28 -20.33 31.12
CA GLY C 346 -28.75 -18.97 31.25
C GLY C 346 -29.85 -18.63 30.27
N SER C 347 -29.88 -19.29 29.11
CA SER C 347 -30.81 -18.91 28.05
C SER C 347 -32.25 -19.41 28.19
N GLY C 348 -32.39 -20.67 28.64
CA GLY C 348 -33.66 -21.37 28.67
C GLY C 348 -33.74 -22.50 27.62
N LEU C 349 -32.79 -22.58 26.70
CA LEU C 349 -32.77 -23.68 25.73
C LEU C 349 -32.81 -25.06 26.41
N SER C 350 -32.17 -25.19 27.57
CA SER C 350 -31.89 -26.50 28.15
C SER C 350 -33.09 -27.13 28.85
N ARG C 351 -33.38 -28.36 28.48
CA ARG C 351 -34.46 -29.11 29.12
C ARG C 351 -34.15 -29.64 30.51
N GLY C 352 -32.94 -29.36 31.01
CA GLY C 352 -32.57 -29.65 32.40
C GLY C 352 -32.76 -28.52 33.39
N ASN C 353 -33.46 -27.46 33.01
CA ASN C 353 -33.76 -26.40 33.96
C ASN C 353 -35.08 -26.73 34.60
N LEU C 354 -35.26 -26.32 35.85
CA LEU C 354 -36.56 -26.31 36.52
C LEU C 354 -36.76 -25.02 37.29
N VAL C 355 -38.02 -24.60 37.43
CA VAL C 355 -38.40 -23.45 38.25
C VAL C 355 -39.77 -23.77 38.81
N THR C 356 -40.26 -22.94 39.70
CA THR C 356 -41.64 -23.05 40.16
C THR C 356 -42.25 -21.69 39.92
N ALA C 357 -43.57 -21.66 39.83
CA ALA C 357 -44.31 -20.41 39.67
C ALA C 357 -44.16 -19.41 40.85
N ASP C 358 -44.21 -19.90 42.11
CA ASP C 358 -43.91 -19.05 43.29
C ASP C 358 -42.52 -18.42 43.17
N THR C 359 -41.50 -19.23 42.82
CA THR C 359 -40.13 -18.71 42.60
C THR C 359 -40.00 -17.53 41.59
N VAL C 360 -40.71 -17.61 40.46
CA VAL C 360 -40.72 -16.53 39.48
C VAL C 360 -41.45 -15.30 40.02
N VAL C 361 -42.55 -15.52 40.76
CA VAL C 361 -43.31 -14.43 41.36
C VAL C 361 -42.53 -13.75 42.50
N ASP C 362 -41.78 -14.53 43.27
CA ASP C 362 -40.84 -13.97 44.24
C ASP C 362 -39.78 -13.13 43.52
N LEU C 363 -39.11 -13.68 42.48
CA LEU C 363 -38.10 -12.89 41.78
C LEU C 363 -38.68 -11.56 41.30
N LEU C 364 -39.93 -11.59 40.84
CA LEU C 364 -40.57 -10.41 40.25
C LEU C 364 -40.89 -9.31 41.25
N GLY C 365 -41.25 -9.71 42.47
CA GLY C 365 -41.52 -8.76 43.56
C GLY C 365 -40.23 -8.15 44.12
N GLN C 366 -39.23 -8.99 44.36
CA GLN C 366 -37.90 -8.56 44.77
C GLN C 366 -37.26 -7.62 43.76
N ALA C 367 -37.33 -8.00 42.49
CA ALA C 367 -36.70 -7.22 41.42
C ALA C 367 -37.30 -5.83 41.38
N GLY C 368 -38.59 -5.73 41.76
CA GLY C 368 -39.36 -4.47 41.72
C GLY C 368 -38.86 -3.34 42.60
N SER C 369 -38.03 -3.71 43.59
CA SER C 369 -37.49 -2.76 44.56
C SER C 369 -35.94 -2.69 44.62
N ALA C 370 -35.28 -3.37 43.69
CA ALA C 370 -33.84 -3.24 43.52
C ALA C 370 -33.52 -1.86 42.90
N PRO C 371 -32.28 -1.32 43.12
CA PRO C 371 -31.97 -0.01 42.53
C PRO C 371 -32.19 0.00 41.02
N TRP C 372 -32.09 -1.17 40.39
CA TRP C 372 -32.15 -1.31 38.93
C TRP C 372 -33.55 -1.61 38.35
N ALA C 373 -34.60 -1.41 39.16
CA ALA C 373 -35.94 -1.85 38.81
C ALA C 373 -36.50 -1.16 37.56
N GLN C 374 -36.13 0.10 37.39
CA GLN C 374 -36.45 0.91 36.22
C GLN C 374 -35.79 0.38 34.92
N THR C 375 -34.52 -0.02 34.98
CA THR C 375 -33.78 -0.48 33.80
C THR C 375 -34.25 -1.88 33.37
N TRP C 376 -34.69 -2.67 34.36
CA TRP C 376 -35.19 -4.04 34.20
C TRP C 376 -36.54 -4.03 33.47
N SER C 377 -37.52 -3.33 34.04
CA SER C 377 -38.87 -3.19 33.45
C SER C 377 -38.89 -2.75 31.97
N ALA C 378 -38.05 -1.77 31.64
CA ALA C 378 -37.98 -1.19 30.29
C ALA C 378 -37.54 -2.20 29.21
N SER C 379 -36.89 -3.29 29.62
CA SER C 379 -36.45 -4.33 28.67
C SER C 379 -37.47 -5.44 28.46
N LEU C 380 -38.42 -5.57 29.38
CA LEU C 380 -39.46 -6.58 29.24
C LEU C 380 -40.35 -6.21 28.06
N PRO C 381 -40.74 -7.20 27.24
CA PRO C 381 -41.69 -6.96 26.14
C PRO C 381 -43.04 -6.38 26.59
N VAL C 382 -43.54 -5.34 25.89
CA VAL C 382 -44.85 -4.72 26.22
C VAL C 382 -45.96 -5.22 25.28
N ALA C 383 -47.05 -5.72 25.86
CA ALA C 383 -48.18 -6.30 25.13
C ALA C 383 -48.77 -5.39 24.04
N GLY C 384 -48.97 -5.96 22.86
CA GLY C 384 -49.73 -5.31 21.79
C GLY C 384 -49.05 -4.17 21.07
N GLU C 385 -47.74 -4.04 21.26
CA GLU C 385 -46.99 -2.89 20.76
C GLU C 385 -46.18 -3.28 19.51
N SER C 386 -46.52 -2.67 18.38
CA SER C 386 -45.96 -3.13 17.11
C SER C 386 -44.65 -2.45 16.70
N ASP C 387 -44.06 -1.68 17.61
CA ASP C 387 -42.68 -1.27 17.42
C ASP C 387 -41.90 -2.47 17.91
N PRO C 388 -41.13 -3.15 17.03
CA PRO C 388 -40.43 -4.36 17.51
C PRO C 388 -39.54 -4.16 18.75
N PHE C 389 -38.88 -3.01 18.84
CA PHE C 389 -37.99 -2.75 19.98
C PHE C 389 -38.76 -2.29 21.20
N VAL C 390 -40.10 -2.17 21.06
CA VAL C 390 -40.97 -1.88 22.22
C VAL C 390 -41.79 -3.12 22.62
N GLY C 391 -42.47 -3.75 21.66
CA GLY C 391 -43.22 -4.98 21.94
C GLY C 391 -42.47 -6.29 21.88
N GLY C 392 -41.32 -6.33 21.19
CA GLY C 392 -40.55 -7.56 21.08
C GLY C 392 -41.38 -8.78 20.75
N THR C 393 -41.22 -9.86 21.53
CA THR C 393 -42.00 -11.09 21.28
C THR C 393 -43.50 -10.98 21.61
N LEU C 394 -43.92 -9.86 22.19
CA LEU C 394 -45.35 -9.61 22.49
C LEU C 394 -46.07 -8.71 21.46
N ALA C 395 -45.36 -8.35 20.40
CA ALA C 395 -45.83 -7.37 19.43
C ALA C 395 -47.11 -7.71 18.71
N ASN C 396 -47.51 -8.98 18.72
CA ASN C 396 -48.66 -9.43 17.92
C ASN C 396 -49.77 -10.03 18.74
N ARG C 397 -49.67 -9.89 20.06
CA ARG C 397 -50.59 -10.53 20.99
C ARG C 397 -51.33 -9.49 21.80
N MET C 398 -52.56 -9.80 22.20
CA MET C 398 -53.28 -8.98 23.14
C MET C 398 -53.45 -7.56 22.57
N ARG C 399 -53.44 -7.44 21.24
CA ARG C 399 -53.79 -6.19 20.59
C ARG C 399 -55.29 -5.91 20.75
N GLY C 400 -55.60 -4.66 21.07
CA GLY C 400 -57.00 -4.22 21.19
C GLY C 400 -57.73 -4.80 22.39
N THR C 401 -56.96 -5.24 23.39
CA THR C 401 -57.49 -5.69 24.66
C THR C 401 -57.11 -4.71 25.77
N ALA C 402 -57.48 -5.03 27.01
CA ALA C 402 -57.23 -4.16 28.16
C ALA C 402 -55.74 -4.15 28.48
N ALA C 403 -55.01 -5.16 27.98
CA ALA C 403 -53.55 -5.32 28.20
C ALA C 403 -52.66 -4.55 27.22
N GLU C 404 -53.22 -4.03 26.13
CA GLU C 404 -52.44 -3.32 25.11
C GLU C 404 -51.72 -2.09 25.71
N GLY C 405 -50.39 -2.13 25.68
CA GLY C 405 -49.56 -1.02 26.12
C GLY C 405 -49.29 -1.04 27.61
N VAL C 406 -49.71 -2.11 28.28
CA VAL C 406 -49.76 -2.14 29.75
C VAL C 406 -49.02 -3.34 30.39
N VAL C 407 -49.42 -4.56 30.04
CA VAL C 407 -48.76 -5.77 30.55
C VAL C 407 -47.29 -5.72 30.08
N GLU C 408 -46.36 -5.94 31.01
CA GLU C 408 -44.92 -6.11 30.71
C GLU C 408 -44.56 -7.55 31.11
N ALA C 409 -44.08 -8.36 30.15
CA ALA C 409 -43.95 -9.80 30.41
C ALA C 409 -42.91 -10.49 29.51
N LYS C 410 -42.38 -11.62 29.99
CA LYS C 410 -41.33 -12.40 29.33
C LYS C 410 -41.89 -13.74 28.83
N THR C 411 -41.54 -14.09 27.60
CA THR C 411 -42.15 -15.19 26.84
C THR C 411 -41.21 -16.40 26.84
N GLY C 412 -41.57 -17.45 26.10
CA GLY C 412 -40.73 -18.64 25.95
C GLY C 412 -41.50 -19.88 25.54
N THR C 413 -41.14 -20.44 24.38
CA THR C 413 -41.81 -21.61 23.81
C THR C 413 -40.82 -22.65 23.22
N MET C 414 -40.99 -23.90 23.67
CA MET C 414 -40.48 -25.05 22.92
C MET C 414 -41.47 -26.17 22.98
N SER C 415 -41.22 -27.22 22.21
CA SER C 415 -42.04 -28.44 22.26
C SER C 415 -42.47 -28.81 23.67
N GLY C 416 -43.75 -28.63 23.93
CA GLY C 416 -44.37 -29.11 25.14
C GLY C 416 -44.19 -28.20 26.33
N VAL C 417 -43.64 -27.02 26.08
CA VAL C 417 -43.30 -26.04 27.12
C VAL C 417 -43.62 -24.63 26.62
N SER C 418 -44.21 -23.81 27.49
CA SER C 418 -44.60 -22.46 27.16
C SER C 418 -44.89 -21.73 28.45
N ALA C 419 -44.45 -20.46 28.52
CA ALA C 419 -44.53 -19.63 29.74
C ALA C 419 -44.69 -18.17 29.42
N LEU C 420 -45.40 -17.45 30.31
CA LEU C 420 -45.53 -16.00 30.28
C LEU C 420 -45.57 -15.48 31.72
N SER C 421 -44.57 -14.65 32.07
CA SER C 421 -44.43 -14.12 33.42
C SER C 421 -44.07 -12.65 33.36
N GLY C 422 -44.64 -11.83 34.24
CA GLY C 422 -44.39 -10.39 34.25
C GLY C 422 -45.20 -9.58 35.25
N TYR C 423 -45.48 -8.32 34.89
CA TYR C 423 -46.21 -7.34 35.74
C TYR C 423 -47.40 -6.73 35.04
N VAL C 424 -48.32 -6.21 35.85
CA VAL C 424 -49.50 -5.47 35.40
C VAL C 424 -49.70 -4.19 36.26
N PRO C 425 -49.18 -3.01 35.80
CA PRO C 425 -49.38 -1.74 36.54
C PRO C 425 -50.79 -1.11 36.47
N GLY C 426 -51.07 -0.18 37.39
CA GLY C 426 -52.35 0.54 37.41
C GLY C 426 -52.46 1.61 38.49
N PRO C 427 -53.55 2.41 38.44
CA PRO C 427 -53.75 3.42 39.49
C PRO C 427 -53.70 2.83 40.90
N GLU C 428 -53.89 1.51 40.98
CA GLU C 428 -54.24 0.84 42.23
C GLU C 428 -53.03 0.16 42.90
N GLY C 429 -52.00 -0.19 42.12
CA GLY C 429 -50.81 -0.94 42.60
C GLY C 429 -50.42 -2.18 41.76
N GLU C 430 -49.13 -2.26 41.41
CA GLU C 430 -48.56 -3.28 40.51
C GLU C 430 -48.82 -4.79 40.84
N LEU C 431 -49.36 -5.53 39.87
CA LEU C 431 -49.54 -6.99 40.00
C LEU C 431 -48.34 -7.70 39.38
N ALA C 432 -47.89 -8.78 40.02
CA ALA C 432 -46.84 -9.64 39.45
C ALA C 432 -47.45 -10.99 39.20
N PHE C 433 -47.13 -11.56 38.05
CA PHE C 433 -47.76 -12.81 37.68
C PHE C 433 -46.80 -13.78 36.99
N SER C 434 -47.06 -15.08 37.15
CA SER C 434 -46.34 -16.09 36.40
C SER C 434 -47.34 -17.14 35.95
N ILE C 435 -47.16 -17.64 34.72
CA ILE C 435 -47.92 -18.79 34.15
C ILE C 435 -46.88 -19.67 33.47
N VAL C 436 -46.79 -20.95 33.87
CA VAL C 436 -45.84 -21.90 33.27
C VAL C 436 -46.58 -23.17 32.81
N ASN C 437 -46.57 -23.44 31.50
CA ASN C 437 -47.32 -24.55 30.95
C ASN C 437 -46.39 -25.70 30.53
N ASN C 438 -46.58 -26.88 31.11
CA ASN C 438 -45.89 -28.10 30.63
C ASN C 438 -46.86 -29.20 30.26
N GLY C 439 -46.47 -29.99 29.27
CA GLY C 439 -47.07 -31.30 29.01
C GLY C 439 -48.28 -31.34 28.11
N HIS C 440 -48.63 -30.20 27.50
CA HIS C 440 -49.81 -30.08 26.64
C HIS C 440 -49.55 -30.79 25.32
N SER C 441 -50.61 -31.27 24.66
CA SER C 441 -50.42 -32.06 23.45
C SER C 441 -50.14 -31.28 22.18
N GLY C 442 -50.69 -30.08 22.07
CA GLY C 442 -50.67 -29.36 20.78
C GLY C 442 -49.68 -28.21 20.69
N PRO C 443 -49.99 -27.20 19.86
CA PRO C 443 -49.25 -25.93 19.81
C PRO C 443 -49.26 -25.23 21.18
N ALA C 444 -48.25 -24.41 21.44
CA ALA C 444 -48.17 -23.57 22.63
C ALA C 444 -49.51 -22.88 22.91
N PRO C 445 -49.98 -22.98 24.19
CA PRO C 445 -51.26 -22.39 24.54
C PRO C 445 -51.10 -20.87 24.68
N LEU C 446 -50.70 -20.19 23.60
CA LEU C 446 -50.45 -18.75 23.67
C LEU C 446 -51.72 -18.00 24.00
N ALA C 447 -52.81 -18.39 23.34
CA ALA C 447 -54.07 -17.65 23.46
C ALA C 447 -54.76 -17.79 24.85
N VAL C 448 -54.46 -18.88 25.58
CA VAL C 448 -54.89 -19.09 26.97
C VAL C 448 -54.13 -18.16 27.93
N GLN C 449 -52.81 -18.04 27.74
CA GLN C 449 -51.93 -17.16 28.50
C GLN C 449 -52.29 -15.69 28.31
N ASP C 450 -52.86 -15.38 27.15
CA ASP C 450 -53.24 -14.02 26.79
C ASP C 450 -54.53 -13.67 27.51
N ALA C 451 -55.36 -14.69 27.73
CA ALA C 451 -56.67 -14.51 28.36
C ALA C 451 -56.56 -14.22 29.85
N ILE C 452 -55.60 -14.86 30.54
CA ILE C 452 -55.29 -14.61 31.97
C ILE C 452 -54.64 -13.24 32.14
N ALA C 453 -53.63 -12.96 31.33
CA ALA C 453 -53.05 -11.63 31.30
C ALA C 453 -54.10 -10.54 31.05
N VAL C 454 -55.03 -10.77 30.12
CA VAL C 454 -56.01 -9.73 29.74
C VAL C 454 -57.00 -9.49 30.89
N ARG C 455 -57.41 -10.58 31.52
CA ARG C 455 -58.21 -10.58 32.73
C ARG C 455 -57.51 -9.91 33.94
N LEU C 456 -56.21 -10.15 34.13
CA LEU C 456 -55.45 -9.45 35.18
C LEU C 456 -55.39 -7.92 34.99
N ALA C 457 -55.36 -7.48 33.74
CA ALA C 457 -55.36 -6.05 33.39
C ALA C 457 -56.72 -5.41 33.55
N GLU C 458 -57.78 -6.20 33.33
CA GLU C 458 -59.14 -5.74 33.62
C GLU C 458 -59.31 -5.54 35.12
N TYR C 459 -58.86 -6.53 35.88
CA TYR C 459 -58.96 -6.49 37.34
C TYR C 459 -58.26 -5.25 37.86
N ALA C 460 -57.05 -4.99 37.35
CA ALA C 460 -56.25 -3.84 37.76
C ALA C 460 -56.85 -2.48 37.37
N GLY C 461 -57.97 -2.49 36.65
CA GLY C 461 -58.66 -1.25 36.30
C GLY C 461 -58.21 -0.62 34.99
N HIS C 462 -58.05 -1.44 33.95
CA HIS C 462 -57.77 -0.93 32.60
C HIS C 462 -58.90 -1.37 31.64
N GLN C 463 -59.09 -0.61 30.56
CA GLN C 463 -60.04 -0.97 29.49
C GLN C 463 -59.38 -0.83 28.11
N ALA C 464 -59.91 -1.57 27.13
CA ALA C 464 -59.36 -1.54 25.77
C ALA C 464 -59.32 -0.12 25.21
N PRO C 465 -58.19 0.30 24.60
CA PRO C 465 -58.02 1.65 23.99
C PRO C 465 -58.91 1.93 22.77
N GLU C 466 -58.55 2.70 21.85
N ARG D 1 -21.41 13.43 -22.00
CA ARG D 1 -22.55 14.34 -21.74
C ARG D 1 -22.13 15.52 -20.83
N LEU D 2 -20.87 15.50 -20.39
CA LEU D 2 -20.37 16.44 -19.37
C LEU D 2 -20.30 17.93 -19.77
N THR D 3 -19.74 18.28 -20.93
CA THR D 3 -19.76 19.70 -21.36
C THR D 3 -21.14 20.15 -21.88
N GLU D 4 -21.99 19.18 -22.22
CA GLU D 4 -23.41 19.44 -22.43
C GLU D 4 -24.09 19.80 -21.10
N LEU D 5 -24.15 18.85 -20.16
CA LEU D 5 -24.62 19.11 -18.78
C LEU D 5 -24.15 20.47 -18.24
N ARG D 6 -22.92 20.86 -18.58
CA ARG D 6 -22.34 22.10 -18.09
C ARG D 6 -22.99 23.31 -18.74
N GLU D 7 -22.92 23.36 -20.07
CA GLU D 7 -23.60 24.38 -20.86
C GLU D 7 -25.06 24.56 -20.44
N ASP D 8 -25.66 23.46 -19.97
CA ASP D 8 -27.06 23.43 -19.61
C ASP D 8 -27.33 24.15 -18.29
N ILE D 9 -26.53 23.85 -17.26
CA ILE D 9 -26.61 24.55 -15.96
C ILE D 9 -26.27 26.02 -16.18
N ASP D 10 -25.21 26.27 -16.94
CA ASP D 10 -24.84 27.64 -17.34
C ASP D 10 -26.02 28.41 -17.93
N ALA D 11 -26.78 27.75 -18.81
CA ALA D 11 -28.02 28.32 -19.39
C ALA D 11 -29.07 28.55 -18.30
N ILE D 12 -29.27 27.57 -17.44
CA ILE D 12 -30.21 27.69 -16.33
C ILE D 12 -29.91 28.94 -15.48
N LEU D 13 -28.64 29.24 -15.24
CA LEU D 13 -28.26 30.38 -14.41
C LEU D 13 -28.35 31.75 -15.12
N GLU D 14 -28.90 31.79 -16.33
CA GLU D 14 -29.07 33.07 -17.05
C GLU D 14 -30.46 33.68 -16.84
N ASP D 15 -31.30 32.97 -16.09
CA ASP D 15 -32.69 33.36 -15.83
C ASP D 15 -32.91 34.80 -15.37
N PRO D 16 -34.07 35.41 -15.74
CA PRO D 16 -34.47 36.69 -15.13
C PRO D 16 -34.48 36.69 -13.59
N ALA D 17 -35.02 35.63 -12.97
CA ALA D 17 -35.09 35.50 -11.51
C ALA D 17 -33.77 35.77 -10.78
N LEU D 18 -32.65 35.30 -11.34
CA LEU D 18 -31.32 35.51 -10.72
C LEU D 18 -30.66 36.86 -11.00
N GLU D 19 -31.44 37.86 -11.43
CA GLU D 19 -30.91 39.22 -11.70
C GLU D 19 -30.49 39.87 -10.40
N GLY D 20 -29.23 40.28 -10.32
CA GLY D 20 -28.70 40.88 -9.11
C GLY D 20 -28.24 39.91 -8.03
N ALA D 21 -28.46 38.62 -8.24
CA ALA D 21 -28.11 37.63 -7.24
C ALA D 21 -26.71 37.10 -7.47
N VAL D 22 -26.03 36.73 -6.39
CA VAL D 22 -24.83 35.89 -6.43
C VAL D 22 -25.22 34.45 -6.08
N SER D 23 -24.74 33.49 -6.86
CA SER D 23 -25.14 32.10 -6.68
C SER D 23 -23.94 31.18 -6.60
N GLY D 24 -23.81 30.47 -5.49
CA GLY D 24 -22.77 29.45 -5.35
C GLY D 24 -23.39 28.11 -5.70
N VAL D 25 -22.84 27.47 -6.74
CA VAL D 25 -23.29 26.19 -7.30
C VAL D 25 -22.10 25.24 -7.55
N VAL D 26 -22.19 24.02 -6.98
CA VAL D 26 -21.09 23.03 -7.00
C VAL D 26 -21.67 21.60 -7.11
N VAL D 27 -21.08 20.77 -7.96
CA VAL D 27 -21.51 19.35 -8.12
C VAL D 27 -20.29 18.43 -8.18
N VAL D 28 -20.31 17.39 -7.34
CA VAL D 28 -19.21 16.46 -7.23
C VAL D 28 -19.73 15.04 -7.41
N ASP D 29 -18.84 14.15 -7.85
CA ASP D 29 -19.07 12.72 -7.83
C ASP D 29 -18.56 12.20 -6.49
N THR D 30 -19.47 11.80 -5.59
CA THR D 30 -19.07 11.35 -4.25
C THR D 30 -18.04 10.20 -4.26
N ALA D 31 -18.28 9.21 -5.13
CA ALA D 31 -17.36 8.08 -5.32
C ALA D 31 -15.93 8.53 -5.69
N THR D 32 -15.80 9.28 -6.79
CA THR D 32 -14.49 9.60 -7.35
C THR D 32 -13.81 10.90 -6.88
N GLY D 33 -14.60 11.85 -6.38
CA GLY D 33 -14.09 13.16 -5.95
C GLY D 33 -14.08 14.18 -7.08
N GLU D 34 -14.44 13.73 -8.27
CA GLU D 34 -14.44 14.61 -9.45
C GLU D 34 -15.42 15.75 -9.27
N GLU D 35 -14.97 16.95 -9.59
CA GLU D 35 -15.80 18.13 -9.52
C GLU D 35 -16.46 18.41 -10.88
N LEU D 36 -17.73 18.04 -11.00
CA LEU D 36 -18.49 18.11 -12.25
C LEU D 36 -18.94 19.51 -12.70
N TYR D 37 -19.32 20.37 -11.76
CA TYR D 37 -19.66 21.76 -12.05
C TYR D 37 -19.14 22.59 -10.91
N SER D 38 -18.83 23.87 -11.15
CA SER D 38 -18.39 24.75 -10.08
C SER D 38 -18.39 26.26 -10.44
N ARG D 39 -19.22 27.02 -9.75
CA ARG D 39 -19.25 28.48 -9.90
C ARG D 39 -19.38 29.15 -8.54
N ASP D 40 -18.61 30.21 -8.30
CA ASP D 40 -18.68 30.98 -7.05
C ASP D 40 -18.77 30.10 -5.78
N GLY D 41 -18.27 28.88 -5.85
CA GLY D 41 -18.34 27.92 -4.74
C GLY D 41 -17.41 28.25 -3.58
N GLY D 42 -16.57 29.26 -3.78
CA GLY D 42 -15.66 29.72 -2.74
C GLY D 42 -16.21 30.90 -1.97
N GLU D 43 -17.41 31.33 -2.37
CA GLU D 43 -18.09 32.56 -1.93
C GLU D 43 -18.94 32.43 -0.65
N GLN D 44 -18.74 33.34 0.30
CA GLN D 44 -19.49 33.30 1.57
C GLN D 44 -20.87 33.93 1.43
N LEU D 45 -21.90 33.08 1.60
CA LEU D 45 -23.30 33.48 1.38
C LEU D 45 -24.18 33.08 2.57
N LEU D 46 -25.41 33.60 2.68
CA LEU D 46 -26.27 33.15 3.79
C LEU D 46 -26.97 31.84 3.46
N PRO D 47 -26.95 30.88 4.40
CA PRO D 47 -27.50 29.50 4.23
C PRO D 47 -29.02 29.32 4.24
N ALA D 48 -29.74 30.19 4.96
CA ALA D 48 -31.08 29.88 5.48
C ALA D 48 -31.07 28.46 6.08
N SER D 49 -32.12 27.66 5.94
CA SER D 49 -32.15 26.38 6.67
C SER D 49 -31.14 25.28 6.24
N ASN D 50 -30.28 25.55 5.26
CA ASN D 50 -29.25 24.60 4.84
C ASN D 50 -28.20 24.39 5.92
N MET D 51 -28.19 25.33 6.87
CA MET D 51 -27.37 25.32 8.06
C MET D 51 -27.75 24.16 8.99
N LYS D 52 -28.96 23.67 8.89
CA LYS D 52 -29.35 22.50 9.70
C LYS D 52 -28.54 21.27 9.31
N LEU D 53 -28.11 21.21 8.05
CA LEU D 53 -27.22 20.16 7.58
C LEU D 53 -26.01 20.00 8.53
N PHE D 54 -25.40 21.12 8.86
CA PHE D 54 -24.25 21.17 9.78
C PHE D 54 -24.62 20.77 11.20
N THR D 55 -25.71 21.34 11.72
CA THR D 55 -26.17 21.07 13.07
C THR D 55 -26.48 19.61 13.27
N ALA D 56 -27.15 19.02 12.29
CA ALA D 56 -27.53 17.60 12.31
C ALA D 56 -26.32 16.70 12.41
N ALA D 57 -25.35 16.94 11.53
CA ALA D 57 -24.11 16.18 11.47
C ALA D 57 -23.40 16.19 12.82
N ALA D 58 -23.31 17.37 13.43
CA ALA D 58 -22.69 17.54 14.73
C ALA D 58 -23.52 16.90 15.86
N ALA D 59 -24.85 16.99 15.82
CA ALA D 59 -25.65 16.33 16.87
C ALA D 59 -25.36 14.82 16.85
N LEU D 60 -24.97 14.32 15.68
CA LEU D 60 -24.81 12.88 15.50
C LEU D 60 -23.46 12.36 15.99
N GLU D 61 -22.41 13.12 15.71
CA GLU D 61 -21.09 12.88 16.27
C GLU D 61 -21.11 13.00 17.80
N VAL D 62 -21.76 14.04 18.31
CA VAL D 62 -21.62 14.41 19.71
C VAL D 62 -22.58 13.61 20.58
N LEU D 63 -23.87 13.75 20.31
CA LEU D 63 -24.92 13.01 21.02
C LEU D 63 -25.01 11.53 20.64
N GLY D 64 -24.83 11.19 19.35
CA GLY D 64 -25.01 9.82 18.87
C GLY D 64 -26.42 9.47 18.38
N ALA D 65 -26.50 8.54 17.41
CA ALA D 65 -27.79 8.10 16.84
C ALA D 65 -28.74 7.44 17.85
N ASP D 66 -28.18 6.98 18.96
CA ASP D 66 -28.86 6.21 19.99
C ASP D 66 -29.42 7.13 21.10
N HIS D 67 -28.89 8.35 21.18
CA HIS D 67 -29.24 9.33 22.25
C HIS D 67 -30.75 9.57 22.42
N SER D 68 -31.21 9.57 23.68
CA SER D 68 -32.58 9.97 23.98
C SER D 68 -32.65 11.07 25.09
N PHE D 69 -33.83 11.63 25.29
CA PHE D 69 -33.98 12.78 26.17
C PHE D 69 -34.96 12.47 27.31
N GLY D 70 -34.68 13.00 28.50
CA GLY D 70 -35.47 12.73 29.68
C GLY D 70 -36.27 13.90 30.20
N THR D 71 -37.34 13.59 30.94
CA THR D 71 -38.22 14.54 31.61
C THR D 71 -38.68 13.85 32.90
N GLU D 72 -38.71 14.56 34.02
CA GLU D 72 -39.01 13.94 35.30
C GLU D 72 -39.99 14.76 36.08
N VAL D 73 -40.56 14.13 37.12
CA VAL D 73 -41.28 14.84 38.15
C VAL D 73 -40.60 14.46 39.46
N ALA D 74 -40.43 15.46 40.34
CA ALA D 74 -39.68 15.33 41.61
C ALA D 74 -40.38 15.97 42.84
N ALA D 75 -40.18 15.34 44.00
CA ALA D 75 -40.48 15.93 45.33
C ALA D 75 -39.38 15.58 46.35
N GLU D 76 -39.40 16.24 47.52
CA GLU D 76 -38.32 16.07 48.51
C GLU D 76 -38.10 14.64 48.96
N SER D 77 -39.19 13.88 49.04
CA SER D 77 -39.19 12.42 49.34
C SER D 77 -40.59 11.85 49.08
N ALA D 78 -40.73 10.52 49.24
CA ALA D 78 -42.00 9.78 49.06
C ALA D 78 -43.24 10.48 49.69
N PRO D 79 -44.47 10.12 49.26
CA PRO D 79 -45.68 10.78 49.80
C PRO D 79 -46.21 10.32 51.22
N GLY D 80 -47.43 10.76 51.59
CA GLY D 80 -48.02 10.49 52.92
C GLY D 80 -49.31 9.66 53.02
N ARG D 81 -49.70 9.31 54.27
CA ARG D 81 -50.92 8.54 54.58
C ARG D 81 -52.15 9.14 53.93
N ARG D 82 -52.17 10.46 53.82
CA ARG D 82 -53.28 11.14 53.16
C ARG D 82 -52.95 11.57 51.71
N GLY D 83 -51.85 11.01 51.18
CA GLY D 83 -51.43 11.20 49.78
C GLY D 83 -50.90 12.59 49.44
N GLU D 84 -50.06 13.13 50.32
CA GLU D 84 -49.64 14.53 50.27
C GLU D 84 -48.13 14.72 50.11
N VAL D 85 -47.80 15.76 49.36
CA VAL D 85 -46.43 16.26 49.16
C VAL D 85 -46.51 17.79 49.19
N GLN D 86 -45.41 18.45 49.54
CA GLN D 86 -45.42 19.92 49.61
C GLN D 86 -45.32 20.52 48.23
N ASP D 87 -44.10 20.71 47.75
CA ASP D 87 -43.83 21.26 46.41
C ASP D 87 -43.54 20.17 45.35
N LEU D 88 -43.87 20.48 44.10
CA LEU D 88 -43.72 19.54 42.99
C LEU D 88 -43.00 20.18 41.81
N TYR D 89 -42.06 19.44 41.23
CA TYR D 89 -41.27 19.92 40.08
C TYR D 89 -41.44 19.06 38.84
N LEU D 90 -41.81 19.70 37.73
CA LEU D 90 -41.74 19.10 36.40
C LEU D 90 -40.43 19.57 35.79
N VAL D 91 -39.56 18.62 35.47
CA VAL D 91 -38.17 18.90 35.13
C VAL D 91 -37.86 18.41 33.72
N GLY D 92 -37.63 19.38 32.81
CA GLY D 92 -37.33 19.10 31.40
C GLY D 92 -35.85 19.11 31.06
N ARG D 93 -35.40 18.12 30.29
CA ARG D 93 -33.99 18.06 29.89
C ARG D 93 -33.79 18.01 28.39
N GLY D 94 -34.44 18.92 27.68
CA GLY D 94 -34.22 19.11 26.25
C GLY D 94 -34.99 18.22 25.32
N ASP D 95 -36.10 17.62 25.79
CA ASP D 95 -36.89 16.71 24.94
C ASP D 95 -37.64 17.57 23.94
N PRO D 96 -37.30 17.43 22.65
CA PRO D 96 -37.94 18.24 21.64
C PRO D 96 -39.32 17.71 21.27
N THR D 97 -39.64 16.48 21.65
CA THR D 97 -40.89 15.85 21.22
C THR D 97 -41.84 15.49 22.39
N LEU D 98 -41.84 16.31 23.43
CA LEU D 98 -42.73 16.15 24.58
C LEU D 98 -44.17 16.61 24.30
N SER D 99 -45.15 15.70 24.42
CA SER D 99 -46.54 15.99 24.05
C SER D 99 -47.45 16.16 25.24
N ALA D 100 -48.65 16.70 25.04
CA ALA D 100 -49.65 16.89 26.11
C ALA D 100 -50.12 15.55 26.66
N GLU D 101 -50.05 14.52 25.82
CA GLU D 101 -50.33 13.15 26.24
C GLU D 101 -49.19 12.54 27.05
N ASP D 102 -47.95 12.79 26.64
CA ASP D 102 -46.79 12.44 27.44
C ASP D 102 -46.91 12.98 28.83
N LEU D 103 -47.31 14.25 28.95
CA LEU D 103 -47.53 14.88 30.23
C LEU D 103 -48.55 14.07 30.98
N ASP D 104 -49.69 13.83 30.32
CA ASP D 104 -50.78 13.04 30.88
C ASP D 104 -50.34 11.66 31.38
N ALA D 105 -49.58 10.93 30.58
CA ALA D 105 -48.98 9.66 31.00
C ALA D 105 -48.15 9.78 32.28
N MET D 106 -47.53 10.96 32.48
CA MET D 106 -46.73 11.26 33.69
C MET D 106 -47.59 11.64 34.88
N ALA D 107 -48.70 12.34 34.62
CA ALA D 107 -49.54 12.81 35.70
C ALA D 107 -50.17 11.60 36.37
N ALA D 108 -50.51 10.60 35.54
CA ALA D 108 -51.12 9.35 35.98
C ALA D 108 -50.19 8.58 36.90
N GLU D 109 -48.89 8.64 36.60
CA GLU D 109 -47.84 7.99 37.38
C GLU D 109 -47.64 8.61 38.76
N VAL D 110 -47.81 9.92 38.84
CA VAL D 110 -47.67 10.64 40.09
C VAL D 110 -48.74 10.14 41.06
N ALA D 111 -49.96 10.03 40.54
CA ALA D 111 -51.13 9.52 41.26
C ALA D 111 -51.09 7.99 41.39
N ALA D 112 -50.25 7.34 40.58
CA ALA D 112 -50.04 5.89 40.66
C ALA D 112 -49.23 5.48 41.89
N SER D 113 -48.10 6.15 42.15
CA SER D 113 -47.42 6.02 43.45
C SER D 113 -48.08 6.88 44.56
N GLY D 114 -49.37 7.19 44.38
CA GLY D 114 -50.24 7.63 45.48
C GLY D 114 -50.18 9.07 45.96
N VAL D 115 -50.32 10.03 45.05
CA VAL D 115 -50.37 11.42 45.45
C VAL D 115 -51.81 11.90 45.21
N ARG D 116 -52.50 12.27 46.30
CA ARG D 116 -53.89 12.69 46.23
C ARG D 116 -53.94 14.22 46.20
N THR D 117 -52.98 14.83 46.88
CA THR D 117 -52.85 16.29 46.93
C THR D 117 -51.40 16.78 46.78
N VAL D 118 -51.23 17.88 46.08
CA VAL D 118 -50.01 18.66 46.13
C VAL D 118 -50.33 19.90 46.96
N ARG D 119 -49.66 20.00 48.11
CA ARG D 119 -50.02 20.94 49.16
C ARG D 119 -49.48 22.36 48.93
N GLY D 120 -48.30 22.43 48.31
CA GLY D 120 -47.65 23.72 48.05
C GLY D 120 -47.83 24.13 46.60
N ASP D 121 -46.72 24.45 45.96
CA ASP D 121 -46.72 25.01 44.60
C ASP D 121 -46.18 24.02 43.56
N LEU D 122 -46.52 24.28 42.29
CA LEU D 122 -46.02 23.50 41.15
C LEU D 122 -45.05 24.34 40.29
N TYR D 123 -43.91 23.73 39.93
CA TYR D 123 -42.81 24.44 39.29
C TYR D 123 -42.39 23.80 37.97
N ALA D 124 -42.10 24.65 36.99
CA ALA D 124 -41.58 24.18 35.75
C ALA D 124 -40.13 24.55 35.74
N ASP D 125 -39.27 23.52 35.71
CA ASP D 125 -37.83 23.67 35.82
C ASP D 125 -37.22 23.44 34.45
N ASP D 126 -36.77 24.52 33.83
CA ASP D 126 -36.15 24.49 32.51
C ASP D 126 -34.69 24.91 32.55
N THR D 127 -34.02 24.61 33.68
CA THR D 127 -32.67 25.15 33.98
C THR D 127 -31.51 24.38 33.41
N TRP D 128 -31.82 23.22 32.86
CA TRP D 128 -30.84 22.40 32.09
C TRP D 128 -30.21 23.24 30.96
N PHE D 129 -31.02 24.14 30.37
CA PHE D 129 -30.57 25.18 29.43
C PHE D 129 -30.58 26.59 30.07
N ASP D 130 -29.92 27.54 29.42
CA ASP D 130 -30.08 28.93 29.86
C ASP D 130 -31.43 29.47 29.45
N SER D 131 -31.76 30.64 29.98
CA SER D 131 -33.04 31.21 29.75
C SER D 131 -32.88 32.30 28.69
N GLU D 132 -31.87 32.18 27.81
CA GLU D 132 -31.84 33.00 26.59
C GLU D 132 -32.73 32.33 25.56
N ARG D 133 -33.92 32.91 25.39
CA ARG D 133 -35.03 32.39 24.57
C ARG D 133 -34.82 32.54 23.07
N LEU D 134 -34.21 33.67 22.69
CA LEU D 134 -34.04 34.05 21.28
C LEU D 134 -32.61 34.51 20.97
N VAL D 135 -32.16 34.26 19.75
CA VAL D 135 -30.84 34.66 19.32
C VAL D 135 -30.79 36.19 19.14
N ASP D 136 -29.69 36.80 19.61
CA ASP D 136 -29.42 38.24 19.51
C ASP D 136 -29.98 38.89 18.25
N ASP D 137 -29.64 38.40 17.06
CA ASP D 137 -29.92 39.11 15.79
C ASP D 137 -31.12 38.64 14.96
N TRP D 138 -31.94 37.77 15.58
CA TRP D 138 -33.30 37.41 15.11
C TRP D 138 -34.15 38.72 15.08
N TRP D 139 -35.26 38.76 14.33
CA TRP D 139 -36.10 39.97 14.14
C TRP D 139 -37.42 39.93 14.95
N PRO D 140 -37.67 40.95 15.80
CA PRO D 140 -38.88 40.95 16.66
C PRO D 140 -40.23 40.73 15.96
N GLU D 141 -40.36 41.20 14.72
CA GLU D 141 -41.60 41.06 13.92
C GLU D 141 -41.94 39.59 13.55
N ASP D 142 -40.97 38.68 13.67
CA ASP D 142 -41.12 37.23 13.37
C ASP D 142 -41.55 36.35 14.56
N GLU D 143 -41.59 36.94 15.75
CA GLU D 143 -41.83 36.17 16.99
C GLU D 143 -43.21 35.50 17.14
N PRO D 144 -44.27 36.02 16.47
CA PRO D 144 -45.52 35.24 16.62
C PRO D 144 -45.57 33.91 15.87
N TYR D 145 -44.55 33.55 15.11
CA TYR D 145 -44.63 32.36 14.22
C TYR D 145 -43.85 31.17 14.76
N ALA D 146 -44.42 29.97 14.56
CA ALA D 146 -43.78 28.69 14.96
C ALA D 146 -42.26 28.62 14.67
N TYR D 147 -41.82 29.15 13.54
CA TYR D 147 -40.38 29.02 13.22
C TYR D 147 -39.43 29.87 14.12
N SER D 148 -40.00 30.85 14.83
CA SER D 148 -39.26 31.76 15.70
C SER D 148 -39.69 31.61 17.15
N ALA D 149 -40.26 30.44 17.49
CA ALA D 149 -40.56 30.04 18.87
C ALA D 149 -39.33 30.15 19.78
N GLN D 150 -39.58 30.48 21.05
CA GLN D 150 -38.59 30.68 22.09
C GLN D 150 -38.05 29.34 22.44
N ILE D 151 -36.78 29.32 22.88
CA ILE D 151 -36.02 28.11 23.16
C ILE D 151 -35.94 27.86 24.68
N SER D 152 -36.26 26.63 25.08
CA SER D 152 -36.26 26.21 26.47
C SER D 152 -36.10 24.69 26.57
N ALA D 153 -35.49 24.21 27.64
CA ALA D 153 -35.43 22.80 27.99
C ALA D 153 -36.79 22.13 28.33
N LEU D 154 -37.76 22.90 28.82
CA LEU D 154 -39.10 22.38 29.06
C LEU D 154 -40.09 23.04 28.12
N THR D 155 -40.50 22.28 27.11
CA THR D 155 -41.30 22.78 26.02
C THR D 155 -42.23 21.65 25.55
N VAL D 156 -43.48 22.03 25.30
CA VAL D 156 -44.49 21.10 24.83
C VAL D 156 -44.61 21.20 23.31
N ALA D 157 -44.48 20.03 22.66
CA ALA D 157 -44.60 19.91 21.22
C ALA D 157 -46.05 19.59 20.76
N HIS D 158 -46.50 20.32 19.72
CA HIS D 158 -47.84 20.16 19.09
C HIS D 158 -47.84 19.23 17.84
N GLY D 159 -48.89 18.42 17.72
CA GLY D 159 -49.14 17.54 16.57
C GLY D 159 -48.03 16.53 16.28
N GLU D 160 -48.21 15.79 15.19
CA GLU D 160 -47.29 14.71 14.80
C GLU D 160 -45.98 15.18 14.16
N ARG D 161 -45.94 16.49 13.82
CA ARG D 161 -44.73 17.14 13.30
C ARG D 161 -43.84 17.71 14.42
N PHE D 162 -44.40 17.77 15.63
CA PHE D 162 -43.72 18.19 16.90
C PHE D 162 -43.26 19.63 17.00
N ASP D 163 -44.14 20.57 16.65
CA ASP D 163 -43.80 21.97 16.67
C ASP D 163 -43.82 22.42 18.11
N THR D 164 -42.63 22.70 18.66
CA THR D 164 -42.44 23.17 20.06
C THR D 164 -42.85 24.65 20.29
N GLY D 165 -43.42 24.92 21.46
CA GLY D 165 -43.55 26.27 22.00
C GLY D 165 -44.76 27.06 21.54
N VAL D 166 -45.69 26.38 20.88
CA VAL D 166 -46.85 27.00 20.23
C VAL D 166 -48.20 26.52 20.81
N THR D 167 -49.25 27.24 20.47
CA THR D 167 -50.63 26.85 20.76
C THR D 167 -51.34 26.92 19.43
N GLU D 168 -52.29 26.03 19.18
CA GLU D 168 -53.17 26.17 18.01
C GLU D 168 -54.36 27.08 18.27
N VAL D 169 -54.46 28.15 17.51
CA VAL D 169 -55.59 29.07 17.54
C VAL D 169 -56.54 28.65 16.41
N SER D 170 -57.83 28.61 16.69
CA SER D 170 -58.83 28.38 15.64
C SER D 170 -59.94 29.41 15.70
N VAL D 171 -60.25 29.99 14.54
CA VAL D 171 -61.21 31.09 14.45
C VAL D 171 -62.45 30.59 13.68
N THR D 172 -63.60 30.60 14.36
CA THR D 172 -64.87 30.06 13.83
C THR D 172 -65.91 31.20 13.69
N PRO D 173 -66.42 31.45 12.46
CA PRO D 173 -67.33 32.56 12.24
C PRO D 173 -68.74 32.26 12.77
N ALA D 174 -69.47 33.28 13.19
CA ALA D 174 -70.91 33.14 13.44
C ALA D 174 -71.71 33.48 12.15
N ALA D 175 -72.61 34.46 12.20
CA ALA D 175 -73.32 34.87 11.00
C ALA D 175 -73.00 36.33 10.67
N GLU D 176 -73.38 36.78 9.48
CA GLU D 176 -73.06 38.13 9.05
C GLU D 176 -73.30 39.11 10.18
N GLY D 177 -72.33 39.98 10.46
CA GLY D 177 -72.48 41.09 11.42
C GLY D 177 -72.20 40.75 12.89
N GLU D 178 -72.10 39.47 13.20
CA GLU D 178 -71.79 39.05 14.57
C GLU D 178 -70.28 38.84 14.75
N PRO D 179 -69.77 39.01 16.00
CA PRO D 179 -68.36 38.72 16.33
C PRO D 179 -67.96 37.26 16.08
N ALA D 180 -66.67 36.98 15.91
CA ALA D 180 -66.21 35.59 15.72
C ALA D 180 -65.86 34.88 17.03
N ASP D 181 -65.71 33.56 16.96
CA ASP D 181 -65.28 32.77 18.10
C ASP D 181 -63.83 32.31 17.89
N VAL D 182 -63.00 32.53 18.92
CA VAL D 182 -61.61 32.13 18.91
C VAL D 182 -61.34 31.17 20.08
N ASP D 183 -60.84 29.97 19.78
CA ASP D 183 -60.29 29.05 20.79
C ASP D 183 -58.76 29.13 20.73
N LEU D 184 -58.07 29.10 21.87
CA LEU D 184 -56.59 29.20 21.87
C LEU D 184 -55.82 27.88 21.95
N GLY D 185 -56.52 26.75 22.07
CA GLY D 185 -55.90 25.43 22.08
C GLY D 185 -55.26 25.17 23.42
N ALA D 186 -54.01 24.73 23.40
CA ALA D 186 -53.28 24.45 24.61
C ALA D 186 -53.15 25.70 25.52
N ALA D 187 -52.97 26.88 24.93
CA ALA D 187 -52.82 28.12 25.72
C ALA D 187 -54.09 28.70 26.36
N GLU D 188 -55.24 28.06 26.21
CA GLU D 188 -56.45 28.56 26.89
C GLU D 188 -56.32 28.51 28.42
N GLY D 189 -56.38 29.69 29.05
CA GLY D 189 -56.20 29.80 30.49
C GLY D 189 -54.81 30.28 30.89
N TYR D 190 -53.86 30.17 29.95
CA TYR D 190 -52.50 30.67 30.12
C TYR D 190 -52.27 32.00 29.38
N ALA D 191 -52.52 32.01 28.06
CA ALA D 191 -52.38 33.22 27.24
C ALA D 191 -53.62 34.09 27.35
N GLU D 192 -53.47 35.39 27.10
CA GLU D 192 -54.63 36.30 27.10
C GLU D 192 -55.22 36.51 25.70
N LEU D 193 -56.51 36.80 25.63
CA LEU D 193 -57.20 36.86 24.34
C LEU D 193 -57.73 38.25 24.08
N ASP D 194 -57.33 38.87 22.98
CA ASP D 194 -57.88 40.13 22.55
C ASP D 194 -58.52 39.86 21.20
N ASN D 195 -59.75 39.39 21.23
CA ASN D 195 -60.49 39.08 20.02
C ASN D 195 -61.43 40.20 19.57
N ARG D 196 -61.04 40.88 18.49
CA ARG D 196 -61.79 41.98 17.86
C ARG D 196 -62.35 41.59 16.46
N ALA D 197 -62.30 40.29 16.14
CA ALA D 197 -62.68 39.79 14.84
C ALA D 197 -64.19 39.73 14.67
N VAL D 198 -64.66 40.08 13.47
CA VAL D 198 -66.07 40.01 13.13
C VAL D 198 -66.36 38.96 12.07
N THR D 199 -67.64 38.72 11.82
CA THR D 199 -68.07 37.93 10.70
C THR D 199 -68.58 38.92 9.64
N GLY D 200 -68.18 38.69 8.39
CA GLY D 200 -68.81 39.36 7.28
C GLY D 200 -69.77 38.42 6.59
N ALA D 201 -70.39 38.92 5.52
CA ALA D 201 -71.37 38.19 4.72
C ALA D 201 -70.73 37.08 3.95
N ALA D 202 -71.51 36.03 3.64
CA ALA D 202 -70.99 34.94 2.81
C ALA D 202 -70.29 35.57 1.62
N GLY D 203 -69.19 34.97 1.18
CA GLY D 203 -68.49 35.43 0.00
C GLY D 203 -67.73 36.77 0.10
N SER D 204 -67.81 37.45 1.23
CA SER D 204 -67.05 38.69 1.42
C SER D 204 -65.53 38.47 1.39
N ALA D 205 -64.77 39.57 1.45
CA ALA D 205 -63.34 39.50 1.58
C ALA D 205 -62.91 39.08 2.98
N ASN D 206 -61.95 38.14 3.02
CA ASN D 206 -61.28 37.69 4.24
C ASN D 206 -60.13 38.64 4.57
N THR D 207 -60.25 39.35 5.67
CA THR D 207 -59.22 40.24 6.09
C THR D 207 -58.70 39.80 7.47
N LEU D 208 -58.78 38.49 7.76
CA LEU D 208 -58.41 38.03 9.12
C LEU D 208 -56.91 38.08 9.39
N VAL D 209 -56.54 38.68 10.53
CA VAL D 209 -55.16 38.64 11.01
C VAL D 209 -55.08 38.09 12.45
N ILE D 210 -54.21 37.12 12.67
CA ILE D 210 -53.87 36.63 14.02
C ILE D 210 -52.41 36.98 14.44
N ASP D 211 -52.29 37.66 15.58
CA ASP D 211 -51.02 38.23 16.05
C ASP D 211 -50.70 37.86 17.51
N ARG D 212 -49.42 38.02 17.89
CA ARG D 212 -49.00 38.15 19.32
C ARG D 212 -48.10 39.37 19.47
N PRO D 213 -48.66 40.50 19.95
CA PRO D 213 -47.89 41.74 20.05
C PRO D 213 -46.61 41.58 20.86
N VAL D 214 -45.50 42.15 20.35
CA VAL D 214 -44.13 41.91 20.88
C VAL D 214 -44.04 42.11 22.37
N GLY D 215 -43.40 41.18 23.05
CA GLY D 215 -43.16 41.33 24.47
C GLY D 215 -44.39 41.18 25.33
N THR D 216 -45.49 40.71 24.73
CA THR D 216 -46.70 40.32 25.51
C THR D 216 -46.99 38.81 25.46
N ASN D 217 -48.01 38.40 26.20
CA ASN D 217 -48.52 37.05 26.09
C ASN D 217 -50.00 37.04 25.71
N THR D 218 -50.33 37.87 24.71
CA THR D 218 -51.73 38.10 24.30
C THR D 218 -51.87 37.67 22.87
N ILE D 219 -52.95 36.98 22.55
CA ILE D 219 -53.26 36.63 21.17
C ILE D 219 -54.28 37.65 20.68
N ALA D 220 -53.82 38.55 19.80
CA ALA D 220 -54.69 39.58 19.28
C ALA D 220 -55.17 39.28 17.86
N VAL D 221 -56.50 39.17 17.73
CA VAL D 221 -57.16 38.86 16.46
C VAL D 221 -57.96 40.08 15.97
N THR D 222 -57.71 40.48 14.71
CA THR D 222 -58.48 41.57 14.06
C THR D 222 -59.15 41.16 12.74
N GLY D 223 -59.85 42.10 12.11
CA GLY D 223 -60.37 41.91 10.74
C GLY D 223 -61.66 41.15 10.62
N SER D 224 -61.89 40.54 9.46
CA SER D 224 -63.19 39.99 9.10
C SER D 224 -63.14 38.61 8.43
N LEU D 225 -63.88 37.64 8.98
CA LEU D 225 -64.05 36.26 8.41
C LEU D 225 -65.45 36.04 7.81
N PRO D 226 -65.53 35.54 6.56
CA PRO D 226 -66.84 35.29 5.94
C PRO D 226 -67.66 34.24 6.66
N ALA D 227 -68.97 34.41 6.69
CA ALA D 227 -69.82 33.38 7.28
C ALA D 227 -69.70 32.02 6.56
N ASP D 228 -69.52 32.03 5.24
CA ASP D 228 -69.45 30.78 4.50
C ASP D 228 -68.07 30.10 4.54
N ALA D 229 -67.06 30.81 5.05
CA ALA D 229 -65.68 30.29 5.12
C ALA D 229 -65.49 29.16 6.14
N ALA D 230 -64.66 28.19 5.77
CA ALA D 230 -64.26 27.10 6.66
C ALA D 230 -63.38 27.63 7.81
N PRO D 231 -63.56 27.08 9.03
CA PRO D 231 -62.82 27.59 10.20
C PRO D 231 -61.34 27.71 9.93
N VAL D 232 -60.69 28.72 10.50
CA VAL D 232 -59.25 29.00 10.28
C VAL D 232 -58.42 28.50 11.48
N THR D 233 -57.47 27.60 11.24
CA THR D 233 -56.55 27.20 12.30
C THR D 233 -55.12 27.70 12.00
N ALA D 234 -54.40 28.10 13.06
CA ALA D 234 -53.07 28.73 12.94
C ALA D 234 -52.26 28.46 14.16
N LEU D 235 -50.99 28.09 13.96
CA LEU D 235 -50.02 27.94 15.06
C LEU D 235 -49.43 29.30 15.48
N ARG D 236 -49.50 29.60 16.78
CA ARG D 236 -48.93 30.82 17.33
C ARG D 236 -48.09 30.53 18.56
N THR D 237 -46.96 31.25 18.69
CA THR D 237 -46.06 31.10 19.81
C THR D 237 -46.64 31.75 21.05
N VAL D 238 -46.27 31.23 22.22
CA VAL D 238 -46.52 31.88 23.51
C VAL D 238 -45.20 32.30 24.14
N ASP D 239 -45.29 33.17 25.16
CA ASP D 239 -44.16 33.52 26.00
C ASP D 239 -43.92 32.39 27.01
N GLU D 240 -42.67 32.12 27.37
CA GLU D 240 -42.28 31.07 28.33
C GLU D 240 -42.83 29.67 28.05
N PRO D 241 -42.26 28.95 27.07
CA PRO D 241 -42.81 27.59 26.86
C PRO D 241 -42.90 26.69 28.14
N ALA D 242 -41.98 26.83 29.07
CA ALA D 242 -41.97 26.05 30.30
C ALA D 242 -43.14 26.38 31.23
N ALA D 243 -43.54 27.65 31.23
CA ALA D 243 -44.70 28.11 32.02
C ALA D 243 -45.98 27.47 31.49
N LEU D 244 -46.11 27.42 30.16
CA LEU D 244 -47.21 26.71 29.53
C LEU D 244 -47.14 25.22 29.89
N ALA D 245 -45.94 24.65 29.85
CA ALA D 245 -45.79 23.22 30.17
C ALA D 245 -46.31 22.91 31.57
N GLY D 246 -45.95 23.76 32.53
CA GLY D 246 -46.46 23.65 33.89
C GLY D 246 -47.98 23.75 33.94
N HIS D 247 -48.55 24.73 33.24
CA HIS D 247 -50.02 24.91 33.05
C HIS D 247 -50.75 23.65 32.55
N LEU D 248 -50.30 23.09 31.42
CA LEU D 248 -50.83 21.84 30.92
C LEU D 248 -50.65 20.70 31.93
N PHE D 249 -49.54 20.66 32.64
CA PHE D 249 -49.29 19.59 33.62
C PHE D 249 -50.24 19.64 34.85
N GLU D 250 -50.56 20.85 35.35
CA GLU D 250 -51.54 21.01 36.43
C GLU D 250 -52.89 20.43 36.02
N GLU D 251 -53.32 20.81 34.82
CA GLU D 251 -54.52 20.31 34.18
C GLU D 251 -54.53 18.80 34.02
N ALA D 252 -53.39 18.21 33.67
CA ALA D 252 -53.28 16.75 33.56
C ALA D 252 -53.40 16.11 34.94
N LEU D 253 -52.84 16.80 35.93
CA LEU D 253 -52.85 16.35 37.32
C LEU D 253 -54.28 16.33 37.91
N GLU D 254 -55.03 17.40 37.66
CA GLU D 254 -56.42 17.50 38.13
C GLU D 254 -57.31 16.40 37.50
N SER D 255 -56.93 15.94 36.31
CA SER D 255 -57.64 14.85 35.62
C SER D 255 -57.31 13.44 36.15
N ASN D 256 -56.32 13.32 37.03
CA ASN D 256 -55.93 12.01 37.55
C ASN D 256 -55.98 11.93 39.07
N GLY D 257 -56.89 12.68 39.69
CA GLY D 257 -57.09 12.65 41.13
C GLY D 257 -56.35 13.75 41.91
N VAL D 258 -55.11 14.01 41.49
CA VAL D 258 -54.21 15.00 42.10
C VAL D 258 -54.75 16.43 42.10
N THR D 259 -55.16 16.90 43.27
CA THR D 259 -55.51 18.30 43.47
C THR D 259 -54.19 19.03 43.66
N VAL D 260 -54.11 20.26 43.13
CA VAL D 260 -52.96 21.13 43.35
C VAL D 260 -53.43 22.40 44.06
N LYS D 261 -53.16 22.51 45.37
CA LYS D 261 -53.67 23.63 46.18
C LYS D 261 -52.89 24.94 46.01
N GLY D 262 -51.67 24.86 45.49
CA GLY D 262 -50.82 26.05 45.32
C GLY D 262 -50.79 26.71 43.95
N ASP D 263 -49.71 27.46 43.69
CA ASP D 263 -49.56 28.25 42.48
C ASP D 263 -48.67 27.59 41.43
N VAL D 264 -48.66 28.17 40.23
CA VAL D 264 -47.81 27.67 39.15
C VAL D 264 -46.91 28.77 38.57
N GLY D 265 -45.63 28.42 38.39
CA GLY D 265 -44.63 29.31 37.84
C GLY D 265 -43.31 28.58 37.63
N LEU D 266 -42.26 29.35 37.39
CA LEU D 266 -40.93 28.82 37.06
C LEU D 266 -40.04 28.72 38.29
N GLY D 267 -39.32 27.60 38.43
CA GLY D 267 -38.40 27.39 39.55
C GLY D 267 -37.51 26.17 39.40
N GLY D 268 -36.28 26.26 39.87
CA GLY D 268 -35.37 25.13 39.86
C GLY D 268 -35.36 24.32 41.15
N VAL D 269 -35.34 22.99 41.02
CA VAL D 269 -35.07 22.05 42.11
C VAL D 269 -33.99 22.61 43.02
N PRO D 270 -34.35 22.85 44.31
CA PRO D 270 -33.59 23.56 45.36
C PRO D 270 -32.07 23.37 45.49
N ALA D 271 -31.57 22.15 45.58
CA ALA D 271 -30.10 21.90 45.66
C ALA D 271 -29.67 21.35 47.00
N ASP D 272 -30.44 21.71 48.03
CA ASP D 272 -30.34 21.13 49.36
C ASP D 272 -31.20 19.88 49.44
N TRP D 273 -31.80 19.49 48.32
CA TRP D 273 -32.56 18.26 48.23
C TRP D 273 -31.61 17.07 48.04
N GLN D 274 -31.20 16.49 49.17
CA GLN D 274 -30.10 15.51 49.26
C GLN D 274 -30.28 14.20 48.45
N ASP D 275 -31.49 13.66 48.44
CA ASP D 275 -31.91 12.66 47.45
C ASP D 275 -33.43 12.79 47.26
N ALA D 276 -33.81 13.36 46.12
CA ALA D 276 -35.21 13.67 45.87
C ALA D 276 -35.95 12.45 45.32
N GLU D 277 -37.24 12.36 45.66
CA GLU D 277 -38.06 11.28 45.15
C GLU D 277 -38.54 11.65 43.76
N VAL D 278 -38.05 10.90 42.77
CA VAL D 278 -38.52 11.02 41.39
C VAL D 278 -39.81 10.20 41.31
N LEU D 279 -40.93 10.90 41.12
CA LEU D 279 -42.25 10.29 41.19
C LEU D 279 -42.77 9.79 39.83
N ALA D 280 -42.20 10.30 38.73
CA ALA D 280 -42.62 9.93 37.37
C ALA D 280 -41.54 10.28 36.37
N ASP D 281 -41.41 9.52 35.29
CA ASP D 281 -40.50 9.92 34.22
C ASP D 281 -40.97 9.62 32.77
N HIS D 282 -40.24 10.16 31.79
CA HIS D 282 -40.45 9.88 30.36
C HIS D 282 -39.13 9.95 29.61
N THR D 283 -38.97 9.08 28.62
CA THR D 283 -37.82 9.07 27.71
C THR D 283 -38.34 9.31 26.29
N SER D 284 -37.76 10.29 25.59
CA SER D 284 -38.18 10.55 24.21
C SER D 284 -37.87 9.32 23.37
N ALA D 285 -38.24 9.32 22.09
CA ALA D 285 -37.70 8.36 21.14
C ALA D 285 -36.22 8.73 20.94
N GLU D 286 -35.45 7.90 20.24
CA GLU D 286 -34.01 8.18 20.02
C GLU D 286 -33.75 9.14 18.86
N LEU D 287 -32.52 9.63 18.73
CA LEU D 287 -32.23 10.82 17.91
C LEU D 287 -32.27 10.61 16.38
N SER D 288 -32.34 9.35 15.98
CA SER D 288 -32.42 8.98 14.57
C SER D 288 -33.87 9.04 14.17
N GLU D 289 -34.74 8.83 15.14
CA GLU D 289 -36.19 8.92 14.98
C GLU D 289 -36.59 10.39 14.91
N ILE D 290 -36.05 11.17 15.85
CA ILE D 290 -36.36 12.59 16.03
C ILE D 290 -35.84 13.39 14.85
N LEU D 291 -34.84 12.87 14.15
CA LEU D 291 -34.22 13.60 13.05
C LEU D 291 -35.17 13.67 11.89
N VAL D 292 -36.19 12.83 11.90
CA VAL D 292 -37.12 12.78 10.78
C VAL D 292 -38.09 13.99 10.76
N PRO D 293 -39.01 14.11 11.76
CA PRO D 293 -39.78 15.35 11.70
C PRO D 293 -38.91 16.62 11.66
N PHE D 294 -37.66 16.54 12.13
CA PHE D 294 -36.80 17.69 12.26
C PHE D 294 -36.23 18.20 10.92
N MET D 295 -35.55 17.32 10.20
CA MET D 295 -34.96 17.68 8.92
C MET D 295 -35.98 17.63 7.78
N LYS D 296 -37.05 16.82 7.92
CA LYS D 296 -38.13 16.76 6.91
C LYS D 296 -38.88 18.06 6.75
N PHE D 297 -39.32 18.62 7.87
CA PHE D 297 -40.18 19.79 7.87
C PHE D 297 -39.42 21.08 8.19
N SER D 298 -38.09 20.95 8.31
CA SER D 298 -37.18 22.05 8.63
C SER D 298 -37.46 22.83 9.94
N ASN D 299 -37.57 22.08 11.05
CA ASN D 299 -37.94 22.61 12.37
C ASN D 299 -36.88 23.45 13.13
N ASN D 300 -37.03 24.78 13.14
CA ASN D 300 -36.06 25.68 13.81
C ASN D 300 -35.83 25.40 15.29
N GLY D 301 -36.90 25.12 16.01
CA GLY D 301 -36.81 24.76 17.45
C GLY D 301 -35.91 23.56 17.77
N HIS D 302 -36.14 22.43 17.11
CA HIS D 302 -35.29 21.26 17.28
C HIS D 302 -33.82 21.64 17.04
N ALA D 303 -33.55 22.40 15.97
CA ALA D 303 -32.21 22.79 15.63
C ALA D 303 -31.45 23.41 16.80
N GLU D 304 -32.02 24.48 17.37
CA GLU D 304 -31.48 25.19 18.54
C GLU D 304 -31.45 24.34 19.82
N MET D 305 -32.48 23.55 20.09
CA MET D 305 -32.44 22.67 21.29
C MET D 305 -31.34 21.60 21.09
N LEU D 306 -31.17 21.13 19.87
CA LEU D 306 -30.03 20.25 19.62
C LEU D 306 -28.70 20.95 19.80
N VAL D 307 -28.60 22.26 19.50
CA VAL D 307 -27.32 23.01 19.71
C VAL D 307 -27.00 23.13 21.21
N LYS D 308 -27.97 23.64 21.96
CA LYS D 308 -27.83 23.66 23.41
C LYS D 308 -27.62 22.28 24.09
N SER D 309 -28.17 21.19 23.56
CA SER D 309 -27.82 19.83 24.07
C SER D 309 -26.32 19.51 23.83
N ILE D 310 -25.82 19.82 22.64
CA ILE D 310 -24.36 19.74 22.36
C ILE D 310 -23.54 20.58 23.34
N GLY D 311 -24.08 21.73 23.73
CA GLY D 311 -23.49 22.58 24.76
C GLY D 311 -23.37 21.91 26.12
N GLN D 312 -24.41 21.20 26.55
CA GLN D 312 -24.31 20.44 27.81
C GLN D 312 -23.22 19.38 27.67
N GLU D 313 -23.44 18.46 26.75
CA GLU D 313 -22.53 17.35 26.51
C GLU D 313 -21.08 17.74 26.60
N THR D 314 -20.65 18.70 25.77
CA THR D 314 -19.23 19.01 25.64
C THR D 314 -18.63 20.05 26.60
N ALA D 315 -19.48 20.79 27.31
CA ALA D 315 -19.00 21.85 28.14
C ALA D 315 -19.82 22.12 29.41
N GLY D 316 -20.89 21.36 29.66
CA GLY D 316 -21.65 21.52 30.92
C GLY D 316 -22.62 22.70 30.99
N ALA D 317 -22.78 23.38 29.87
CA ALA D 317 -23.61 24.57 29.78
C ALA D 317 -24.58 24.42 28.62
N GLY D 318 -25.86 24.69 28.86
CA GLY D 318 -26.88 24.66 27.81
C GLY D 318 -27.03 26.02 27.19
N THR D 319 -25.97 26.49 26.52
CA THR D 319 -25.93 27.83 25.95
C THR D 319 -25.64 27.77 24.46
N TRP D 320 -25.85 28.88 23.76
CA TRP D 320 -25.54 29.00 22.34
C TRP D 320 -24.04 29.04 22.03
N ASP D 321 -23.20 29.58 22.93
CA ASP D 321 -21.75 29.71 22.72
C ASP D 321 -21.03 28.38 22.90
N ALA D 322 -21.38 27.68 23.98
CA ALA D 322 -20.95 26.32 24.19
C ALA D 322 -21.35 25.45 23.00
N GLY D 323 -22.65 25.40 22.71
CA GLY D 323 -23.18 24.58 21.61
C GLY D 323 -22.60 24.86 20.24
N LEU D 324 -22.54 26.14 19.86
CA LEU D 324 -21.90 26.55 18.61
C LEU D 324 -20.41 26.22 18.51
N VAL D 325 -19.63 26.38 19.59
CA VAL D 325 -18.24 25.83 19.67
C VAL D 325 -18.18 24.28 19.45
N GLY D 326 -19.15 23.55 19.99
CA GLY D 326 -19.25 22.09 19.81
C GLY D 326 -19.52 21.60 18.39
N VAL D 327 -20.52 22.18 17.74
CA VAL D 327 -20.73 22.02 16.29
C VAL D 327 -19.44 22.26 15.49
N GLU D 328 -18.78 23.39 15.71
CA GLU D 328 -17.57 23.69 14.94
C GLU D 328 -16.46 22.65 15.17
N GLU D 329 -16.30 22.20 16.41
CA GLU D 329 -15.30 21.19 16.75
C GLU D 329 -15.67 19.84 16.19
N ALA D 330 -16.96 19.46 16.30
CA ALA D 330 -17.53 18.24 15.67
C ALA D 330 -17.27 18.19 14.17
N LEU D 331 -17.58 19.30 13.51
CA LEU D 331 -17.37 19.40 12.10
C LEU D 331 -15.92 19.10 11.74
N SER D 332 -14.95 19.74 12.40
CA SER D 332 -13.53 19.42 12.16
C SER D 332 -13.13 17.93 12.37
N GLY D 333 -13.52 17.33 13.49
CA GLY D 333 -13.22 15.91 13.76
C GLY D 333 -13.69 15.00 12.64
N LEU D 334 -14.84 15.34 12.09
CA LEU D 334 -15.42 14.64 10.95
C LEU D 334 -14.64 14.89 9.64
N GLY D 335 -13.71 15.85 9.66
CA GLY D 335 -12.88 16.10 8.48
C GLY D 335 -13.35 17.23 7.59
N VAL D 336 -14.38 17.97 8.01
CA VAL D 336 -14.87 19.11 7.22
C VAL D 336 -13.95 20.30 7.50
N ASP D 337 -13.59 21.05 6.46
CA ASP D 337 -12.82 22.28 6.58
C ASP D 337 -13.79 23.42 6.88
N THR D 338 -13.62 23.99 8.06
CA THR D 338 -14.56 24.99 8.58
C THR D 338 -14.12 26.48 8.36
N ALA D 339 -13.10 26.71 7.53
CA ALA D 339 -12.57 28.07 7.30
C ALA D 339 -13.58 29.08 6.71
N GLY D 340 -14.53 28.60 5.90
CA GLY D 340 -15.59 29.47 5.35
C GLY D 340 -16.83 29.68 6.22
N LEU D 341 -17.01 28.87 7.25
CA LEU D 341 -18.20 28.94 8.13
C LEU D 341 -18.21 30.08 9.15
N VAL D 342 -19.39 30.69 9.34
CA VAL D 342 -19.67 31.53 10.50
C VAL D 342 -20.95 30.96 11.12
N LEU D 343 -20.93 30.74 12.43
CA LEU D 343 -21.98 29.99 13.13
C LEU D 343 -22.72 30.87 14.15
N ASN D 344 -23.97 31.21 13.83
CA ASN D 344 -24.65 32.10 14.74
C ASN D 344 -25.85 31.45 15.42
N ASP D 345 -26.38 30.40 14.81
CA ASP D 345 -27.42 29.58 15.42
C ASP D 345 -27.40 28.20 14.77
N GLY D 346 -28.24 27.30 15.28
CA GLY D 346 -28.40 26.00 14.66
C GLY D 346 -29.45 25.87 13.56
N SER D 347 -30.45 26.77 13.53
CA SER D 347 -31.55 26.64 12.57
C SER D 347 -31.30 27.25 11.19
N GLY D 348 -30.46 28.27 11.12
CA GLY D 348 -30.38 29.07 9.90
C GLY D 348 -31.27 30.30 9.89
N LEU D 349 -32.19 30.43 10.83
CA LEU D 349 -32.99 31.67 10.99
C LEU D 349 -32.11 32.94 11.01
N SER D 350 -30.99 32.92 11.73
CA SER D 350 -30.08 34.07 11.84
C SER D 350 -29.39 34.49 10.56
N ARG D 351 -29.44 35.78 10.28
CA ARG D 351 -28.71 36.37 9.15
C ARG D 351 -27.21 36.55 9.42
N GLY D 352 -26.75 36.14 10.59
CA GLY D 352 -25.34 36.25 10.92
C GLY D 352 -24.60 34.95 10.70
N ASN D 353 -25.24 34.01 10.02
CA ASN D 353 -24.67 32.74 9.56
C ASN D 353 -24.05 32.93 8.18
N LEU D 354 -23.00 32.18 7.87
CA LEU D 354 -22.38 32.18 6.54
C LEU D 354 -21.86 30.79 6.24
N VAL D 355 -21.99 30.37 4.99
CA VAL D 355 -21.31 29.15 4.49
C VAL D 355 -20.80 29.45 3.09
N THR D 356 -20.07 28.49 2.52
CA THR D 356 -19.77 28.41 1.08
C THR D 356 -20.36 27.10 0.53
N ALA D 357 -20.52 27.03 -0.79
CA ALA D 357 -21.02 25.81 -1.45
C ALA D 357 -20.00 24.68 -1.41
N ASP D 358 -18.70 24.98 -1.60
CA ASP D 358 -17.62 23.99 -1.40
C ASP D 358 -17.77 23.30 -0.02
N THR D 359 -18.05 24.11 1.02
CA THR D 359 -18.29 23.63 2.40
C THR D 359 -19.51 22.72 2.54
N VAL D 360 -20.64 23.09 1.95
CA VAL D 360 -21.83 22.24 2.06
C VAL D 360 -21.50 20.88 1.43
N VAL D 361 -20.89 20.93 0.24
CA VAL D 361 -20.54 19.74 -0.48
C VAL D 361 -19.55 18.89 0.35
N ASP D 362 -18.43 19.50 0.75
CA ASP D 362 -17.53 18.90 1.75
C ASP D 362 -18.31 18.12 2.84
N LEU D 363 -19.19 18.79 3.59
CA LEU D 363 -20.02 18.14 4.60
C LEU D 363 -20.83 16.96 4.05
N LEU D 364 -21.53 17.16 2.95
CA LEU D 364 -22.33 16.11 2.33
C LEU D 364 -21.56 14.81 2.02
N GLY D 365 -20.30 14.94 1.60
CA GLY D 365 -19.43 13.78 1.26
C GLY D 365 -18.87 13.02 2.48
N GLN D 366 -18.48 13.75 3.52
CA GLN D 366 -18.06 13.15 4.78
C GLN D 366 -19.20 12.49 5.58
N ALA D 367 -20.44 12.92 5.33
CA ALA D 367 -21.57 12.43 6.10
C ALA D 367 -22.05 11.16 5.45
N GLY D 368 -21.69 11.01 4.17
CA GLY D 368 -22.01 9.83 3.35
C GLY D 368 -21.19 8.64 3.76
N SER D 369 -19.95 8.89 4.18
CA SER D 369 -19.00 7.85 4.65
C SER D 369 -18.87 7.67 6.19
N ALA D 370 -19.86 8.15 6.95
CA ALA D 370 -19.86 8.07 8.41
C ALA D 370 -20.73 6.92 8.91
N PRO D 371 -20.42 6.34 10.09
CA PRO D 371 -21.26 5.25 10.59
C PRO D 371 -22.77 5.49 10.63
N TRP D 372 -23.20 6.75 10.75
CA TRP D 372 -24.64 7.14 10.83
C TRP D 372 -25.21 7.68 9.50
N ALA D 373 -24.53 7.41 8.38
CA ALA D 373 -24.87 7.90 7.02
C ALA D 373 -26.26 7.50 6.55
N GLN D 374 -26.76 6.40 7.09
CA GLN D 374 -28.04 5.86 6.73
C GLN D 374 -29.15 6.54 7.49
N THR D 375 -28.87 6.95 8.73
CA THR D 375 -29.89 7.61 9.56
C THR D 375 -29.95 9.09 9.14
N TRP D 376 -28.81 9.62 8.68
CA TRP D 376 -28.68 10.94 8.03
C TRP D 376 -29.61 11.08 6.82
N SER D 377 -29.47 10.22 5.80
CA SER D 377 -30.31 10.35 4.59
C SER D 377 -31.82 10.10 4.88
N ALA D 378 -32.09 9.20 5.82
CA ALA D 378 -33.44 8.83 6.17
C ALA D 378 -34.21 10.05 6.73
N SER D 379 -33.48 11.14 6.97
CA SER D 379 -34.04 12.41 7.45
C SER D 379 -34.31 13.43 6.35
N LEU D 380 -33.54 13.31 5.25
CA LEU D 380 -33.60 14.25 4.13
C LEU D 380 -34.88 14.16 3.25
N PRO D 381 -35.51 15.33 2.96
CA PRO D 381 -36.63 15.35 1.98
C PRO D 381 -36.36 14.61 0.66
N VAL D 382 -37.38 13.91 0.16
CA VAL D 382 -37.32 13.17 -1.14
C VAL D 382 -38.30 13.82 -2.13
N ALA D 383 -37.75 14.27 -3.26
CA ALA D 383 -38.42 15.12 -4.27
C ALA D 383 -39.65 14.51 -4.87
N GLY D 384 -40.78 15.21 -4.80
CA GLY D 384 -42.00 14.76 -5.46
C GLY D 384 -42.89 13.83 -4.64
N GLU D 385 -42.44 13.46 -3.45
CA GLU D 385 -43.16 12.48 -2.63
C GLU D 385 -44.31 13.08 -1.77
N SER D 386 -45.50 12.58 -2.09
CA SER D 386 -46.79 13.05 -1.65
C SER D 386 -46.98 13.03 -0.13
N ASP D 387 -46.59 11.91 0.50
CA ASP D 387 -46.66 11.72 1.94
C ASP D 387 -45.74 12.73 2.66
N PRO D 388 -46.32 13.60 3.53
CA PRO D 388 -45.61 14.58 4.36
C PRO D 388 -44.28 14.09 4.95
N PHE D 389 -44.27 12.89 5.50
CA PHE D 389 -43.10 12.38 6.20
C PHE D 389 -42.10 11.69 5.28
N VAL D 390 -42.42 11.57 4.00
CA VAL D 390 -41.40 11.12 3.03
C VAL D 390 -40.86 12.31 2.28
N GLY D 391 -41.75 13.06 1.64
CA GLY D 391 -41.35 14.18 0.79
C GLY D 391 -40.99 15.47 1.49
N GLY D 392 -41.57 15.70 2.67
CA GLY D 392 -41.22 16.86 3.51
C GLY D 392 -41.45 18.20 2.86
N THR D 393 -40.44 19.07 2.89
CA THR D 393 -40.57 20.38 2.24
C THR D 393 -40.49 20.30 0.71
N LEU D 394 -40.26 19.10 0.17
CA LEU D 394 -40.11 18.93 -1.28
C LEU D 394 -41.28 18.14 -1.88
N ALA D 395 -42.35 18.02 -1.11
CA ALA D 395 -43.49 17.17 -1.47
C ALA D 395 -44.28 17.67 -2.68
N ASN D 396 -44.25 18.98 -2.92
CA ASN D 396 -44.95 19.59 -4.05
C ASN D 396 -44.00 20.10 -5.09
N ARG D 397 -42.78 19.56 -5.14
CA ARG D 397 -41.73 20.11 -5.99
C ARG D 397 -41.17 19.05 -6.91
N MET D 398 -40.99 19.37 -8.19
CA MET D 398 -40.37 18.43 -9.13
C MET D 398 -41.26 17.21 -9.47
N ARG D 399 -42.56 17.29 -9.13
CA ARG D 399 -43.50 16.18 -9.34
C ARG D 399 -43.53 15.76 -10.82
N GLY D 400 -43.43 14.47 -11.08
CA GLY D 400 -43.53 13.95 -12.44
C GLY D 400 -42.38 14.31 -13.37
N THR D 401 -41.15 14.35 -12.86
CA THR D 401 -39.93 14.52 -13.66
C THR D 401 -38.91 13.44 -13.29
N ALA D 402 -37.73 13.51 -13.92
CA ALA D 402 -36.60 12.69 -13.57
C ALA D 402 -36.35 12.68 -12.05
N ALA D 403 -36.54 13.82 -11.37
CA ALA D 403 -36.21 13.88 -9.93
C ALA D 403 -37.25 13.33 -8.91
N GLU D 404 -38.51 13.13 -9.33
CA GLU D 404 -39.50 12.53 -8.43
C GLU D 404 -39.04 11.16 -7.83
N GLY D 405 -39.04 11.05 -6.51
CA GLY D 405 -38.64 9.79 -5.86
C GLY D 405 -37.15 9.48 -5.83
N VAL D 406 -36.33 10.36 -6.40
CA VAL D 406 -34.89 10.15 -6.51
C VAL D 406 -34.05 11.11 -5.65
N VAL D 407 -34.25 12.41 -5.90
CA VAL D 407 -33.45 13.48 -5.33
C VAL D 407 -33.75 13.69 -3.83
N GLU D 408 -32.68 13.78 -3.04
CA GLU D 408 -32.77 13.96 -1.59
C GLU D 408 -32.03 15.24 -1.22
N ALA D 409 -32.74 16.22 -0.69
CA ALA D 409 -32.11 17.51 -0.48
C ALA D 409 -32.75 18.26 0.64
N LYS D 410 -31.95 19.13 1.24
CA LYS D 410 -32.40 20.01 2.32
C LYS D 410 -32.66 21.40 1.75
N THR D 411 -33.82 21.95 2.11
CA THR D 411 -34.29 23.24 1.61
C THR D 411 -33.86 24.42 2.51
N GLY D 412 -34.41 25.60 2.25
CA GLY D 412 -34.23 26.73 3.15
C GLY D 412 -34.36 28.05 2.44
N THR D 413 -35.40 28.81 2.82
CA THR D 413 -35.58 30.16 2.29
C THR D 413 -36.12 31.19 3.28
N MET D 414 -35.81 32.46 2.97
CA MET D 414 -36.38 33.67 3.61
C MET D 414 -36.17 34.83 2.61
N SER D 415 -36.70 36.04 2.88
CA SER D 415 -36.47 37.25 2.04
C SER D 415 -35.05 37.39 1.49
N GLY D 416 -34.88 37.30 0.17
CA GLY D 416 -33.57 37.49 -0.49
C GLY D 416 -32.51 36.41 -0.30
N VAL D 417 -32.91 35.24 0.25
CA VAL D 417 -32.02 34.07 0.50
C VAL D 417 -32.75 32.76 0.17
N SER D 418 -32.07 31.83 -0.48
CA SER D 418 -32.66 30.51 -0.75
C SER D 418 -31.58 29.47 -1.16
N ALA D 419 -31.81 28.19 -0.80
CA ALA D 419 -30.82 27.12 -1.00
C ALA D 419 -31.44 25.75 -1.22
N LEU D 420 -30.74 24.95 -2.01
CA LEU D 420 -31.02 23.53 -2.08
C LEU D 420 -29.69 22.81 -2.29
N SER D 421 -29.44 21.84 -1.40
CA SER D 421 -28.25 21.01 -1.39
C SER D 421 -28.64 19.58 -1.00
N GLY D 422 -27.97 18.61 -1.60
CA GLY D 422 -28.21 17.18 -1.33
C GLY D 422 -27.56 16.16 -2.27
N TYR D 423 -28.29 15.08 -2.53
CA TYR D 423 -27.84 13.89 -3.26
C TYR D 423 -28.76 13.50 -4.44
N VAL D 424 -28.18 12.75 -5.38
CA VAL D 424 -28.83 12.23 -6.60
C VAL D 424 -28.25 10.82 -6.82
N PRO D 425 -29.04 9.76 -6.48
CA PRO D 425 -28.59 8.38 -6.68
C PRO D 425 -28.81 7.90 -8.12
N GLY D 426 -27.73 7.58 -8.81
CA GLY D 426 -27.86 6.97 -10.11
C GLY D 426 -27.64 5.47 -10.17
N PRO D 427 -28.48 4.75 -10.95
CA PRO D 427 -27.91 3.59 -11.68
C PRO D 427 -26.52 3.92 -12.28
N GLU D 428 -26.23 5.21 -12.53
CA GLU D 428 -24.88 5.66 -12.91
C GLU D 428 -23.97 5.83 -11.69
N GLY D 429 -24.38 6.67 -10.73
CA GLY D 429 -23.72 6.81 -9.38
C GLY D 429 -24.24 7.93 -8.47
N GLU D 430 -24.00 7.85 -7.14
CA GLU D 430 -24.40 8.97 -6.22
C GLU D 430 -23.68 10.30 -6.51
N LEU D 431 -24.45 11.39 -6.56
CA LEU D 431 -23.91 12.75 -6.72
C LEU D 431 -24.28 13.61 -5.53
N ALA D 432 -23.40 14.56 -5.22
CA ALA D 432 -23.63 15.53 -4.17
C ALA D 432 -23.64 16.91 -4.81
N PHE D 433 -24.65 17.71 -4.51
CA PHE D 433 -24.71 19.03 -5.13
C PHE D 433 -25.13 20.07 -4.10
N SER D 434 -24.80 21.34 -4.39
CA SER D 434 -25.20 22.46 -3.53
C SER D 434 -25.50 23.71 -4.35
N ILE D 435 -26.70 24.28 -4.14
CA ILE D 435 -27.12 25.56 -4.77
C ILE D 435 -27.51 26.58 -3.70
N VAL D 436 -26.77 27.70 -3.61
CA VAL D 436 -27.06 28.82 -2.68
C VAL D 436 -27.23 30.17 -3.40
N ASN D 437 -28.40 30.76 -3.27
CA ASN D 437 -28.76 32.00 -4.00
C ASN D 437 -28.99 33.11 -3.02
N ASN D 438 -28.26 34.21 -3.15
CA ASN D 438 -28.41 35.34 -2.23
C ASN D 438 -28.63 36.55 -3.09
N GLY D 439 -29.47 37.48 -2.65
CA GLY D 439 -29.55 38.81 -3.26
C GLY D 439 -30.54 39.05 -4.39
N HIS D 440 -31.32 38.05 -4.78
CA HIS D 440 -32.43 38.22 -5.75
C HIS D 440 -33.52 39.10 -5.15
N SER D 441 -34.38 39.68 -5.98
CA SER D 441 -35.47 40.51 -5.41
C SER D 441 -36.87 40.00 -5.73
N GLY D 442 -36.97 39.04 -6.63
CA GLY D 442 -38.27 38.43 -6.83
C GLY D 442 -38.62 37.43 -5.73
N PRO D 443 -39.45 36.47 -6.07
CA PRO D 443 -39.60 35.26 -5.31
C PRO D 443 -38.31 34.40 -5.38
N ALA D 444 -38.13 33.52 -4.41
CA ALA D 444 -37.01 32.59 -4.36
C ALA D 444 -36.93 31.82 -5.69
N PRO D 445 -35.72 31.70 -6.26
CA PRO D 445 -35.52 30.94 -7.49
C PRO D 445 -35.70 29.42 -7.39
N LEU D 446 -36.80 28.99 -6.77
CA LEU D 446 -37.14 27.57 -6.63
C LEU D 446 -37.24 26.85 -7.96
N ALA D 447 -37.73 27.54 -8.99
CA ALA D 447 -37.85 26.97 -10.33
C ALA D 447 -36.49 26.70 -11.00
N VAL D 448 -35.49 27.55 -10.72
CA VAL D 448 -34.11 27.33 -11.18
C VAL D 448 -33.51 26.14 -10.43
N GLN D 449 -33.72 26.09 -9.12
CA GLN D 449 -33.25 25.01 -8.28
C GLN D 449 -33.76 23.65 -8.74
N ASP D 450 -35.04 23.59 -9.09
CA ASP D 450 -35.65 22.37 -9.64
C ASP D 450 -34.97 21.91 -10.93
N ALA D 451 -34.78 22.84 -11.85
CA ALA D 451 -34.24 22.56 -13.15
C ALA D 451 -32.85 21.94 -13.09
N ILE D 452 -31.97 22.47 -12.22
CA ILE D 452 -30.63 21.87 -12.07
C ILE D 452 -30.74 20.51 -11.39
N ALA D 453 -31.57 20.40 -10.35
CA ALA D 453 -31.84 19.09 -9.75
C ALA D 453 -32.28 18.04 -10.80
N VAL D 454 -33.31 18.39 -11.59
CA VAL D 454 -33.89 17.49 -12.61
C VAL D 454 -32.83 17.06 -13.60
N ARG D 455 -32.09 18.04 -14.13
CA ARG D 455 -30.98 17.83 -15.05
C ARG D 455 -29.93 16.90 -14.47
N LEU D 456 -29.54 17.12 -13.21
CA LEU D 456 -28.60 16.21 -12.54
C LEU D 456 -29.14 14.80 -12.48
N ALA D 457 -30.44 14.64 -12.21
CA ALA D 457 -31.08 13.31 -12.13
C ALA D 457 -31.02 12.55 -13.46
N GLU D 458 -31.16 13.32 -14.55
CA GLU D 458 -30.99 12.87 -15.93
C GLU D 458 -29.54 12.41 -16.21
N TYR D 459 -28.58 13.18 -15.73
CA TYR D 459 -27.17 12.76 -15.77
C TYR D 459 -26.94 11.37 -15.12
N ALA D 460 -27.63 11.13 -14.01
CA ALA D 460 -27.60 9.86 -13.28
C ALA D 460 -28.51 8.78 -13.93
N GLY D 461 -28.95 9.07 -15.15
CA GLY D 461 -29.66 8.10 -15.99
C GLY D 461 -31.12 7.83 -15.70
N HIS D 462 -31.78 8.72 -14.94
CA HIS D 462 -33.23 8.64 -14.72
C HIS D 462 -33.99 9.31 -15.86
N GLN D 463 -35.32 9.20 -15.85
CA GLN D 463 -36.19 9.76 -16.87
C GLN D 463 -37.55 10.13 -16.25
N ALA D 464 -38.18 11.16 -16.81
CA ALA D 464 -39.49 11.61 -16.35
C ALA D 464 -40.56 10.50 -16.46
N PRO D 465 -41.31 10.24 -15.35
CA PRO D 465 -42.51 9.40 -15.42
C PRO D 465 -43.62 10.03 -16.27
N GLU D 466 -44.24 9.19 -17.10
CA GLU D 466 -45.27 9.57 -18.03
C GLU D 466 -46.50 8.75 -17.69
N GLY D 467 -47.55 8.90 -18.33
#